data_8J6W
# 
_entry.id   8J6W 
# 
_audit_conform.dict_name       mmcif_pdbx.dic 
_audit_conform.dict_version    5.391 
_audit_conform.dict_location   http://mmcif.pdb.org/dictionaries/ascii/mmcif_pdbx.dic 
# 
loop_
_database_2.database_id 
_database_2.database_code 
_database_2.pdbx_database_accession 
_database_2.pdbx_DOI 
PDB   8J6W         pdb_00008j6w 10.2210/pdb8j6w/pdb 
WWPDB D_1300036972 ?            ?                   
# 
_pdbx_audit_revision_history.ordinal             1 
_pdbx_audit_revision_history.data_content_type   'Structure model' 
_pdbx_audit_revision_history.major_revision      1 
_pdbx_audit_revision_history.minor_revision      0 
_pdbx_audit_revision_history.revision_date       2024-05-01 
# 
_pdbx_audit_revision_details.ordinal             1 
_pdbx_audit_revision_details.revision_ordinal    1 
_pdbx_audit_revision_details.data_content_type   'Structure model' 
_pdbx_audit_revision_details.provider            repository 
_pdbx_audit_revision_details.type                'Initial release' 
_pdbx_audit_revision_details.description         ? 
_pdbx_audit_revision_details.details             ? 
# 
_pdbx_database_status.status_code                     REL 
_pdbx_database_status.status_code_sf                  REL 
_pdbx_database_status.status_code_mr                  ? 
_pdbx_database_status.entry_id                        8J6W 
_pdbx_database_status.recvd_initial_deposition_date   2023-04-26 
_pdbx_database_status.SG_entry                        N 
_pdbx_database_status.deposit_site                    PDBJ 
_pdbx_database_status.process_site                    PDBC 
_pdbx_database_status.status_code_cs                  ? 
_pdbx_database_status.status_code_nmr_data            ? 
_pdbx_database_status.methods_development_category    ? 
_pdbx_database_status.pdb_format_compatible           Y 
# 
_pdbx_contact_author.id                 4 
_pdbx_contact_author.email              lcgu@sdu.edu.cn 
_pdbx_contact_author.name_first         Lichuan 
_pdbx_contact_author.name_last          Gu 
_pdbx_contact_author.name_mi            ? 
_pdbx_contact_author.role               'principal investigator/group leader' 
_pdbx_contact_author.identifier_ORCID   0000-0001-6597-3370 
# 
loop_
_audit_author.name 
_audit_author.pdbx_ordinal 
_audit_author.identifier_ORCID 
'Zhang, F.' 1 ? 
'Wang, X.'  2 ? 
'Gu, L.'    3 ? 
# 
_citation.abstract                  ? 
_citation.abstract_id_CAS           ? 
_citation.book_id_ISBN              ? 
_citation.book_publisher            ? 
_citation.book_publisher_city       ? 
_citation.book_title                ? 
_citation.coordinate_linkage        ? 
_citation.country                   ? 
_citation.database_id_Medline       ? 
_citation.details                   ? 
_citation.id                        primary 
_citation.journal_abbrev            'To Be Published' 
_citation.journal_id_ASTM           ? 
_citation.journal_id_CSD            0353 
_citation.journal_id_ISSN           ? 
_citation.journal_full              ? 
_citation.journal_issue             ? 
_citation.journal_volume            ? 
_citation.language                  ? 
_citation.page_first                ? 
_citation.page_last                 ? 
_citation.title                     'Full length crystal structure of Escherichia coli Fur' 
_citation.year                      ? 
_citation.database_id_CSD           ? 
_citation.pdbx_database_id_DOI      ? 
_citation.pdbx_database_id_PubMed   ? 
_citation.pdbx_database_id_patent   ? 
_citation.unpublished_flag          ? 
# 
loop_
_citation_author.citation_id 
_citation_author.name 
_citation_author.ordinal 
_citation_author.identifier_ORCID 
primary 'Zhang, F.' 1 ? 
primary 'Wang, X.'  2 ? 
# 
loop_
_entity.id 
_entity.type 
_entity.src_method 
_entity.pdbx_description 
_entity.formula_weight 
_entity.pdbx_number_of_molecules 
_entity.pdbx_ec 
_entity.pdbx_mutation 
_entity.pdbx_fragment 
_entity.details 
1 polymer     man 'Ferric uptake regulation protein' 16823.893 1 ? ? ? ? 
2 non-polymer syn 'ZINC ION'                         65.409    4 ? ? ? ? 
3 water       nat water                              18.015    4 ? ? ? ? 
# 
_entity_name_com.entity_id   1 
_entity_name_com.name        'Ferric uptake regulator' 
# 
_entity_poly.entity_id                      1 
_entity_poly.type                           'polypeptide(L)' 
_entity_poly.nstd_linkage                   no 
_entity_poly.nstd_monomer                   no 
_entity_poly.pdbx_seq_one_letter_code       
;MTDNNTALKKAGLKVTLPRLKILEVLQEPDNHHVSAEDLYKRLIDMGEEIGLATVYRVLNQFDDAGIVTRHNFEGGKSVF
ELTQQHHHDHLICLDCGKVIEFSDDSIEARQREIAAKHGIRLTNHSLYLYGHCAEGDCREDEHAHEGK
;
_entity_poly.pdbx_seq_one_letter_code_can   
;MTDNNTALKKAGLKVTLPRLKILEVLQEPDNHHVSAEDLYKRLIDMGEEIGLATVYRVLNQFDDAGIVTRHNFEGGKSVF
ELTQQHHHDHLICLDCGKVIEFSDDSIEARQREIAAKHGIRLTNHSLYLYGHCAEGDCREDEHAHEGK
;
_entity_poly.pdbx_strand_id                 A 
_entity_poly.pdbx_target_identifier         ? 
# 
loop_
_pdbx_entity_nonpoly.entity_id 
_pdbx_entity_nonpoly.name 
_pdbx_entity_nonpoly.comp_id 
2 'ZINC ION' ZN  
3 water      HOH 
# 
loop_
_entity_poly_seq.entity_id 
_entity_poly_seq.num 
_entity_poly_seq.mon_id 
_entity_poly_seq.hetero 
1 1   MET n 
1 2   THR n 
1 3   ASP n 
1 4   ASN n 
1 5   ASN n 
1 6   THR n 
1 7   ALA n 
1 8   LEU n 
1 9   LYS n 
1 10  LYS n 
1 11  ALA n 
1 12  GLY n 
1 13  LEU n 
1 14  LYS n 
1 15  VAL n 
1 16  THR n 
1 17  LEU n 
1 18  PRO n 
1 19  ARG n 
1 20  LEU n 
1 21  LYS n 
1 22  ILE n 
1 23  LEU n 
1 24  GLU n 
1 25  VAL n 
1 26  LEU n 
1 27  GLN n 
1 28  GLU n 
1 29  PRO n 
1 30  ASP n 
1 31  ASN n 
1 32  HIS n 
1 33  HIS n 
1 34  VAL n 
1 35  SER n 
1 36  ALA n 
1 37  GLU n 
1 38  ASP n 
1 39  LEU n 
1 40  TYR n 
1 41  LYS n 
1 42  ARG n 
1 43  LEU n 
1 44  ILE n 
1 45  ASP n 
1 46  MET n 
1 47  GLY n 
1 48  GLU n 
1 49  GLU n 
1 50  ILE n 
1 51  GLY n 
1 52  LEU n 
1 53  ALA n 
1 54  THR n 
1 55  VAL n 
1 56  TYR n 
1 57  ARG n 
1 58  VAL n 
1 59  LEU n 
1 60  ASN n 
1 61  GLN n 
1 62  PHE n 
1 63  ASP n 
1 64  ASP n 
1 65  ALA n 
1 66  GLY n 
1 67  ILE n 
1 68  VAL n 
1 69  THR n 
1 70  ARG n 
1 71  HIS n 
1 72  ASN n 
1 73  PHE n 
1 74  GLU n 
1 75  GLY n 
1 76  GLY n 
1 77  LYS n 
1 78  SER n 
1 79  VAL n 
1 80  PHE n 
1 81  GLU n 
1 82  LEU n 
1 83  THR n 
1 84  GLN n 
1 85  GLN n 
1 86  HIS n 
1 87  HIS n 
1 88  HIS n 
1 89  ASP n 
1 90  HIS n 
1 91  LEU n 
1 92  ILE n 
1 93  CYS n 
1 94  LEU n 
1 95  ASP n 
1 96  CYS n 
1 97  GLY n 
1 98  LYS n 
1 99  VAL n 
1 100 ILE n 
1 101 GLU n 
1 102 PHE n 
1 103 SER n 
1 104 ASP n 
1 105 ASP n 
1 106 SER n 
1 107 ILE n 
1 108 GLU n 
1 109 ALA n 
1 110 ARG n 
1 111 GLN n 
1 112 ARG n 
1 113 GLU n 
1 114 ILE n 
1 115 ALA n 
1 116 ALA n 
1 117 LYS n 
1 118 HIS n 
1 119 GLY n 
1 120 ILE n 
1 121 ARG n 
1 122 LEU n 
1 123 THR n 
1 124 ASN n 
1 125 HIS n 
1 126 SER n 
1 127 LEU n 
1 128 TYR n 
1 129 LEU n 
1 130 TYR n 
1 131 GLY n 
1 132 HIS n 
1 133 CYS n 
1 134 ALA n 
1 135 GLU n 
1 136 GLY n 
1 137 ASP n 
1 138 CYS n 
1 139 ARG n 
1 140 GLU n 
1 141 ASP n 
1 142 GLU n 
1 143 HIS n 
1 144 ALA n 
1 145 HIS n 
1 146 GLU n 
1 147 GLY n 
1 148 LYS n 
# 
_entity_src_gen.entity_id                          1 
_entity_src_gen.pdbx_src_id                        1 
_entity_src_gen.pdbx_alt_source_flag               sample 
_entity_src_gen.pdbx_seq_type                      'Biological sequence' 
_entity_src_gen.pdbx_beg_seq_num                   1 
_entity_src_gen.pdbx_end_seq_num                   148 
_entity_src_gen.gene_src_common_name               ? 
_entity_src_gen.gene_src_genus                     ? 
_entity_src_gen.pdbx_gene_src_gene                 'fur, b0683, JW0669' 
_entity_src_gen.gene_src_species                   ? 
_entity_src_gen.gene_src_strain                    ? 
_entity_src_gen.gene_src_tissue                    ? 
_entity_src_gen.gene_src_tissue_fraction           ? 
_entity_src_gen.gene_src_details                   ? 
_entity_src_gen.pdbx_gene_src_fragment             ? 
_entity_src_gen.pdbx_gene_src_scientific_name      'Escherichia coli (strain K12)' 
_entity_src_gen.pdbx_gene_src_ncbi_taxonomy_id     83333 
_entity_src_gen.pdbx_gene_src_variant              ? 
_entity_src_gen.pdbx_gene_src_cell_line            ? 
_entity_src_gen.pdbx_gene_src_atcc                 ? 
_entity_src_gen.pdbx_gene_src_organ                ? 
_entity_src_gen.pdbx_gene_src_organelle            ? 
_entity_src_gen.pdbx_gene_src_cell                 ? 
_entity_src_gen.pdbx_gene_src_cellular_location    ? 
_entity_src_gen.host_org_common_name               ? 
_entity_src_gen.pdbx_host_org_scientific_name      'Escherichia coli' 
_entity_src_gen.pdbx_host_org_ncbi_taxonomy_id     562 
_entity_src_gen.host_org_genus                     ? 
_entity_src_gen.pdbx_host_org_gene                 ? 
_entity_src_gen.pdbx_host_org_organ                ? 
_entity_src_gen.host_org_species                   ? 
_entity_src_gen.pdbx_host_org_tissue               ? 
_entity_src_gen.pdbx_host_org_tissue_fraction      ? 
_entity_src_gen.pdbx_host_org_strain               ? 
_entity_src_gen.pdbx_host_org_variant              ? 
_entity_src_gen.pdbx_host_org_cell_line            ? 
_entity_src_gen.pdbx_host_org_atcc                 ? 
_entity_src_gen.pdbx_host_org_culture_collection   ? 
_entity_src_gen.pdbx_host_org_cell                 ? 
_entity_src_gen.pdbx_host_org_organelle            ? 
_entity_src_gen.pdbx_host_org_cellular_location    ? 
_entity_src_gen.pdbx_host_org_vector_type          ? 
_entity_src_gen.pdbx_host_org_vector               ? 
_entity_src_gen.host_org_details                   ? 
_entity_src_gen.expression_system_id               ? 
_entity_src_gen.plasmid_name                       ? 
_entity_src_gen.plasmid_details                    ? 
_entity_src_gen.pdbx_description                   ? 
# 
loop_
_chem_comp.id 
_chem_comp.type 
_chem_comp.mon_nstd_flag 
_chem_comp.name 
_chem_comp.pdbx_synonyms 
_chem_comp.formula 
_chem_comp.formula_weight 
ALA 'L-peptide linking' y ALANINE         ? 'C3 H7 N O2'     89.093  
ARG 'L-peptide linking' y ARGININE        ? 'C6 H15 N4 O2 1' 175.209 
ASN 'L-peptide linking' y ASPARAGINE      ? 'C4 H8 N2 O3'    132.118 
ASP 'L-peptide linking' y 'ASPARTIC ACID' ? 'C4 H7 N O4'     133.103 
CYS 'L-peptide linking' y CYSTEINE        ? 'C3 H7 N O2 S'   121.158 
GLN 'L-peptide linking' y GLUTAMINE       ? 'C5 H10 N2 O3'   146.144 
GLU 'L-peptide linking' y 'GLUTAMIC ACID' ? 'C5 H9 N O4'     147.129 
GLY 'peptide linking'   y GLYCINE         ? 'C2 H5 N O2'     75.067  
HIS 'L-peptide linking' y HISTIDINE       ? 'C6 H10 N3 O2 1' 156.162 
HOH non-polymer         . WATER           ? 'H2 O'           18.015  
ILE 'L-peptide linking' y ISOLEUCINE      ? 'C6 H13 N O2'    131.173 
LEU 'L-peptide linking' y LEUCINE         ? 'C6 H13 N O2'    131.173 
LYS 'L-peptide linking' y LYSINE          ? 'C6 H15 N2 O2 1' 147.195 
MET 'L-peptide linking' y METHIONINE      ? 'C5 H11 N O2 S'  149.211 
PHE 'L-peptide linking' y PHENYLALANINE   ? 'C9 H11 N O2'    165.189 
PRO 'L-peptide linking' y PROLINE         ? 'C5 H9 N O2'     115.130 
SER 'L-peptide linking' y SERINE          ? 'C3 H7 N O3'     105.093 
THR 'L-peptide linking' y THREONINE       ? 'C4 H9 N O3'     119.119 
TYR 'L-peptide linking' y TYROSINE        ? 'C9 H11 N O3'    181.189 
VAL 'L-peptide linking' y VALINE          ? 'C5 H11 N O2'    117.146 
ZN  non-polymer         . 'ZINC ION'      ? 'Zn 2'           65.409  
# 
loop_
_pdbx_poly_seq_scheme.asym_id 
_pdbx_poly_seq_scheme.entity_id 
_pdbx_poly_seq_scheme.seq_id 
_pdbx_poly_seq_scheme.mon_id 
_pdbx_poly_seq_scheme.ndb_seq_num 
_pdbx_poly_seq_scheme.pdb_seq_num 
_pdbx_poly_seq_scheme.auth_seq_num 
_pdbx_poly_seq_scheme.pdb_mon_id 
_pdbx_poly_seq_scheme.auth_mon_id 
_pdbx_poly_seq_scheme.pdb_strand_id 
_pdbx_poly_seq_scheme.pdb_ins_code 
_pdbx_poly_seq_scheme.hetero 
A 1 1   MET 1   1   ?   ?   ?   A . n 
A 1 2   THR 2   2   ?   ?   ?   A . n 
A 1 3   ASP 3   3   3   ASP ASP A . n 
A 1 4   ASN 4   4   4   ASN ASN A . n 
A 1 5   ASN 5   5   5   ASN ASN A . n 
A 1 6   THR 6   6   6   THR THR A . n 
A 1 7   ALA 7   7   7   ALA ALA A . n 
A 1 8   LEU 8   8   8   LEU LEU A . n 
A 1 9   LYS 9   9   9   LYS LYS A . n 
A 1 10  LYS 10  10  10  LYS LYS A . n 
A 1 11  ALA 11  11  11  ALA ALA A . n 
A 1 12  GLY 12  12  12  GLY GLY A . n 
A 1 13  LEU 13  13  13  LEU LEU A . n 
A 1 14  LYS 14  14  14  LYS LYS A . n 
A 1 15  VAL 15  15  15  VAL VAL A . n 
A 1 16  THR 16  16  16  THR THR A . n 
A 1 17  LEU 17  17  17  LEU LEU A . n 
A 1 18  PRO 18  18  18  PRO PRO A . n 
A 1 19  ARG 19  19  19  ARG ARG A . n 
A 1 20  LEU 20  20  20  LEU LEU A . n 
A 1 21  LYS 21  21  21  LYS LYS A . n 
A 1 22  ILE 22  22  22  ILE ILE A . n 
A 1 23  LEU 23  23  23  LEU LEU A . n 
A 1 24  GLU 24  24  24  GLU GLU A . n 
A 1 25  VAL 25  25  25  VAL VAL A . n 
A 1 26  LEU 26  26  26  LEU LEU A . n 
A 1 27  GLN 27  27  27  GLN GLN A . n 
A 1 28  GLU 28  28  28  GLU GLU A . n 
A 1 29  PRO 29  29  29  PRO PRO A . n 
A 1 30  ASP 30  30  30  ASP ASP A . n 
A 1 31  ASN 31  31  31  ASN ASN A . n 
A 1 32  HIS 32  32  32  HIS HIS A . n 
A 1 33  HIS 33  33  33  HIS HIS A . n 
A 1 34  VAL 34  34  34  VAL VAL A . n 
A 1 35  SER 35  35  35  SER SER A . n 
A 1 36  ALA 36  36  36  ALA ALA A . n 
A 1 37  GLU 37  37  37  GLU GLU A . n 
A 1 38  ASP 38  38  38  ASP ASP A . n 
A 1 39  LEU 39  39  39  LEU LEU A . n 
A 1 40  TYR 40  40  40  TYR TYR A . n 
A 1 41  LYS 41  41  41  LYS LYS A . n 
A 1 42  ARG 42  42  42  ARG ARG A . n 
A 1 43  LEU 43  43  43  LEU LEU A . n 
A 1 44  ILE 44  44  44  ILE ILE A . n 
A 1 45  ASP 45  45  45  ASP ASP A . n 
A 1 46  MET 46  46  46  MET MET A . n 
A 1 47  GLY 47  47  47  GLY GLY A . n 
A 1 48  GLU 48  48  48  GLU GLU A . n 
A 1 49  GLU 49  49  49  GLU GLU A . n 
A 1 50  ILE 50  50  50  ILE ILE A . n 
A 1 51  GLY 51  51  51  GLY GLY A . n 
A 1 52  LEU 52  52  52  LEU LEU A . n 
A 1 53  ALA 53  53  53  ALA ALA A . n 
A 1 54  THR 54  54  54  THR THR A . n 
A 1 55  VAL 55  55  55  VAL VAL A . n 
A 1 56  TYR 56  56  56  TYR TYR A . n 
A 1 57  ARG 57  57  57  ARG ARG A . n 
A 1 58  VAL 58  58  58  VAL VAL A . n 
A 1 59  LEU 59  59  59  LEU LEU A . n 
A 1 60  ASN 60  60  60  ASN ASN A . n 
A 1 61  GLN 61  61  61  GLN GLN A . n 
A 1 62  PHE 62  62  62  PHE PHE A . n 
A 1 63  ASP 63  63  63  ASP ASP A . n 
A 1 64  ASP 64  64  64  ASP ASP A . n 
A 1 65  ALA 65  65  65  ALA ALA A . n 
A 1 66  GLY 66  66  66  GLY GLY A . n 
A 1 67  ILE 67  67  67  ILE ILE A . n 
A 1 68  VAL 68  68  68  VAL VAL A . n 
A 1 69  THR 69  69  69  THR THR A . n 
A 1 70  ARG 70  70  70  ARG ARG A . n 
A 1 71  HIS 71  71  71  HIS HIS A . n 
A 1 72  ASN 72  72  72  ASN ASN A . n 
A 1 73  PHE 73  73  73  PHE PHE A . n 
A 1 74  GLU 74  74  74  GLU GLU A . n 
A 1 75  GLY 75  75  75  GLY GLY A . n 
A 1 76  GLY 76  76  76  GLY GLY A . n 
A 1 77  LYS 77  77  77  LYS LYS A . n 
A 1 78  SER 78  78  78  SER SER A . n 
A 1 79  VAL 79  79  79  VAL VAL A . n 
A 1 80  PHE 80  80  80  PHE PHE A . n 
A 1 81  GLU 81  81  81  GLU GLU A . n 
A 1 82  LEU 82  82  82  LEU LEU A . n 
A 1 83  THR 83  83  83  THR THR A . n 
A 1 84  GLN 84  84  84  GLN GLN A . n 
A 1 85  GLN 85  85  85  GLN GLN A . n 
A 1 86  HIS 86  86  86  HIS HIS A . n 
A 1 87  HIS 87  87  87  HIS HIS A . n 
A 1 88  HIS 88  88  88  HIS HIS A . n 
A 1 89  ASP 89  89  89  ASP ASP A . n 
A 1 90  HIS 90  90  90  HIS HIS A . n 
A 1 91  LEU 91  91  91  LEU LEU A . n 
A 1 92  ILE 92  92  92  ILE ILE A . n 
A 1 93  CYS 93  93  93  CYS CYS A . n 
A 1 94  LEU 94  94  94  LEU LEU A . n 
A 1 95  ASP 95  95  95  ASP ASP A . n 
A 1 96  CYS 96  96  96  CYS CYS A . n 
A 1 97  GLY 97  97  97  GLY GLY A . n 
A 1 98  LYS 98  98  98  LYS LYS A . n 
A 1 99  VAL 99  99  99  VAL VAL A . n 
A 1 100 ILE 100 100 100 ILE ILE A . n 
A 1 101 GLU 101 101 101 GLU GLU A . n 
A 1 102 PHE 102 102 102 PHE PHE A . n 
A 1 103 SER 103 103 103 SER SER A . n 
A 1 104 ASP 104 104 104 ASP ASP A . n 
A 1 105 ASP 105 105 105 ASP ASP A . n 
A 1 106 SER 106 106 106 SER SER A . n 
A 1 107 ILE 107 107 107 ILE ILE A . n 
A 1 108 GLU 108 108 108 GLU GLU A . n 
A 1 109 ALA 109 109 109 ALA ALA A . n 
A 1 110 ARG 110 110 110 ARG ARG A . n 
A 1 111 GLN 111 111 111 GLN GLN A . n 
A 1 112 ARG 112 112 112 ARG ARG A . n 
A 1 113 GLU 113 113 113 GLU GLU A . n 
A 1 114 ILE 114 114 114 ILE ILE A . n 
A 1 115 ALA 115 115 115 ALA ALA A . n 
A 1 116 ALA 116 116 116 ALA ALA A . n 
A 1 117 LYS 117 117 117 LYS LYS A . n 
A 1 118 HIS 118 118 118 HIS HIS A . n 
A 1 119 GLY 119 119 119 GLY GLY A . n 
A 1 120 ILE 120 120 120 ILE ILE A . n 
A 1 121 ARG 121 121 121 ARG ARG A . n 
A 1 122 LEU 122 122 122 LEU LEU A . n 
A 1 123 THR 123 123 123 THR THR A . n 
A 1 124 ASN 124 124 124 ASN ASN A . n 
A 1 125 HIS 125 125 125 HIS HIS A . n 
A 1 126 SER 126 126 126 SER SER A . n 
A 1 127 LEU 127 127 127 LEU LEU A . n 
A 1 128 TYR 128 128 128 TYR TYR A . n 
A 1 129 LEU 129 129 129 LEU LEU A . n 
A 1 130 TYR 130 130 130 TYR TYR A . n 
A 1 131 GLY 131 131 131 GLY GLY A . n 
A 1 132 HIS 132 132 132 HIS HIS A . n 
A 1 133 CYS 133 133 133 CYS CYS A . n 
A 1 134 ALA 134 134 134 ALA ALA A . n 
A 1 135 GLU 135 135 135 GLU GLU A . n 
A 1 136 GLY 136 136 136 GLY GLY A . n 
A 1 137 ASP 137 137 137 ASP ASP A . n 
A 1 138 CYS 138 138 138 CYS CYS A . n 
A 1 139 ARG 139 139 139 ARG ARG A . n 
A 1 140 GLU 140 140 140 GLU GLU A . n 
A 1 141 ASP 141 141 141 ASP ASP A . n 
A 1 142 GLU 142 142 142 GLU GLU A . n 
A 1 143 HIS 143 143 143 HIS HIS A . n 
A 1 144 ALA 144 144 144 ALA ALA A . n 
A 1 145 HIS 145 145 145 HIS HIS A . n 
A 1 146 GLU 146 146 146 GLU GLU A . n 
A 1 147 GLY 147 147 147 GLY GLY A . n 
A 1 148 LYS 148 148 ?   ?   ?   A . n 
# 
loop_
_pdbx_nonpoly_scheme.asym_id 
_pdbx_nonpoly_scheme.entity_id 
_pdbx_nonpoly_scheme.mon_id 
_pdbx_nonpoly_scheme.ndb_seq_num 
_pdbx_nonpoly_scheme.pdb_seq_num 
_pdbx_nonpoly_scheme.auth_seq_num 
_pdbx_nonpoly_scheme.pdb_mon_id 
_pdbx_nonpoly_scheme.auth_mon_id 
_pdbx_nonpoly_scheme.pdb_strand_id 
_pdbx_nonpoly_scheme.pdb_ins_code 
B 2 ZN  1 200 200 ZN  ZN  A . 
C 2 ZN  1 201 201 ZN  ZN  A . 
D 2 ZN  1 202 202 ZN  ZN  A . 
E 2 ZN  1 203 203 ZN  ZN  A . 
F 3 HOH 1 301 1   HOH HOH A . 
F 3 HOH 2 302 3   HOH HOH A . 
F 3 HOH 3 303 4   HOH HOH A . 
F 3 HOH 4 304 5   HOH HOH A . 
# 
loop_
_software.citation_id 
_software.classification 
_software.compiler_name 
_software.compiler_version 
_software.contact_author 
_software.contact_author_email 
_software.date 
_software.description 
_software.dependencies 
_software.hardware 
_software.language 
_software.location 
_software.mods 
_software.name 
_software.os 
_software.os_version 
_software.type 
_software.version 
_software.pdbx_ordinal 
? refinement       ? ? ? ? ? ? ? ? ? ? ? PHENIX   ? ? ? 1.20.1_4487 1 
? phasing          ? ? ? ? ? ? ? ? ? ? ? PHENIX   ? ? ? .           2 
? 'data reduction' ? ? ? ? ? ? ? ? ? ? ? HKL-3000 ? ? ? .           3 
# 
_cell.angle_alpha                  90.000 
_cell.angle_alpha_esd              ? 
_cell.angle_beta                   90.000 
_cell.angle_beta_esd               ? 
_cell.angle_gamma                  90.000 
_cell.angle_gamma_esd              ? 
_cell.entry_id                     8J6W 
_cell.details                      ? 
_cell.formula_units_Z              ? 
_cell.length_a                     69.222 
_cell.length_a_esd                 ? 
_cell.length_b                     69.222 
_cell.length_b_esd                 ? 
_cell.length_c                     73.273 
_cell.length_c_esd                 ? 
_cell.volume                       351101.156 
_cell.volume_esd                   ? 
_cell.Z_PDB                        8 
_cell.reciprocal_angle_alpha       ? 
_cell.reciprocal_angle_beta        ? 
_cell.reciprocal_angle_gamma       ? 
_cell.reciprocal_angle_alpha_esd   ? 
_cell.reciprocal_angle_beta_esd    ? 
_cell.reciprocal_angle_gamma_esd   ? 
_cell.reciprocal_length_a          ? 
_cell.reciprocal_length_b          ? 
_cell.reciprocal_length_c          ? 
_cell.reciprocal_length_a_esd      ? 
_cell.reciprocal_length_b_esd      ? 
_cell.reciprocal_length_c_esd      ? 
_cell.pdbx_unique_axis             ? 
_cell.pdbx_esd_method              ? 
# 
_symmetry.entry_id                         8J6W 
_symmetry.cell_setting                     ? 
_symmetry.Int_Tables_number                96 
_symmetry.space_group_name_Hall            'P 4nw 2abw' 
_symmetry.space_group_name_H-M             'P 43 21 2' 
_symmetry.pdbx_full_space_group_name_H-M   ? 
# 
_exptl.absorpt_coefficient_mu     ? 
_exptl.absorpt_correction_T_max   ? 
_exptl.absorpt_correction_T_min   ? 
_exptl.absorpt_correction_type    ? 
_exptl.absorpt_process_details    ? 
_exptl.entry_id                   8J6W 
_exptl.crystals_number            1 
_exptl.details                    ? 
_exptl.method                     'X-RAY DIFFRACTION' 
_exptl.method_details             ? 
# 
_exptl_crystal.colour                       ? 
_exptl_crystal.density_diffrn               ? 
_exptl_crystal.density_Matthews             2.61 
_exptl_crystal.density_method               ? 
_exptl_crystal.density_percent_sol          52.85 
_exptl_crystal.description                  ? 
_exptl_crystal.F_000                        ? 
_exptl_crystal.id                           1 
_exptl_crystal.preparation                  ? 
_exptl_crystal.size_max                     ? 
_exptl_crystal.size_mid                     ? 
_exptl_crystal.size_min                     ? 
_exptl_crystal.size_rad                     ? 
_exptl_crystal.colour_lustre                ? 
_exptl_crystal.colour_modifier              ? 
_exptl_crystal.colour_primary               ? 
_exptl_crystal.density_meas                 ? 
_exptl_crystal.density_meas_esd             ? 
_exptl_crystal.density_meas_gt              ? 
_exptl_crystal.density_meas_lt              ? 
_exptl_crystal.density_meas_temp            ? 
_exptl_crystal.density_meas_temp_esd        ? 
_exptl_crystal.density_meas_temp_gt         ? 
_exptl_crystal.density_meas_temp_lt         ? 
_exptl_crystal.pdbx_crystal_image_url       ? 
_exptl_crystal.pdbx_crystal_image_format    ? 
_exptl_crystal.pdbx_mosaicity               ? 
_exptl_crystal.pdbx_mosaicity_esd           ? 
_exptl_crystal.pdbx_mosaic_method           ? 
_exptl_crystal.pdbx_mosaic_block_size       ? 
_exptl_crystal.pdbx_mosaic_block_size_esd   ? 
# 
_exptl_crystal_grow.apparatus       ? 
_exptl_crystal_grow.atmosphere      ? 
_exptl_crystal_grow.crystal_id      1 
_exptl_crystal_grow.details         ? 
_exptl_crystal_grow.method          'VAPOR DIFFUSION, HANGING DROP' 
_exptl_crystal_grow.method_ref      ? 
_exptl_crystal_grow.pH              ? 
_exptl_crystal_grow.pressure        ? 
_exptl_crystal_grow.pressure_esd    ? 
_exptl_crystal_grow.seeding         ? 
_exptl_crystal_grow.seeding_ref     ? 
_exptl_crystal_grow.temp_details    ? 
_exptl_crystal_grow.temp_esd        ? 
_exptl_crystal_grow.time            ? 
_exptl_crystal_grow.pdbx_details    
'0.2M Potassium chloride,0.01M Magnesium chloride hexahydrate,0.05M MSA monohydrate,5%w/vPolyethylene glycol,pH=5.6' 
_exptl_crystal_grow.pdbx_pH_range   ? 
_exptl_crystal_grow.temp            289.15 
# 
_diffrn.ambient_environment              ? 
_diffrn.ambient_temp                     100 
_diffrn.ambient_temp_details             ? 
_diffrn.ambient_temp_esd                 ? 
_diffrn.crystal_id                       1 
_diffrn.crystal_support                  ? 
_diffrn.crystal_treatment                ? 
_diffrn.details                          ? 
_diffrn.id                               1 
_diffrn.ambient_pressure                 ? 
_diffrn.ambient_pressure_esd             ? 
_diffrn.ambient_pressure_gt              ? 
_diffrn.ambient_pressure_lt              ? 
_diffrn.ambient_temp_gt                  ? 
_diffrn.ambient_temp_lt                  ? 
_diffrn.pdbx_serial_crystal_experiment   N 
# 
_diffrn_detector.details                      ? 
_diffrn_detector.detector                     PIXEL 
_diffrn_detector.diffrn_id                    1 
_diffrn_detector.type                         'DECTRIS PILATUS3 6M' 
_diffrn_detector.area_resol_mean              ? 
_diffrn_detector.dtime                        ? 
_diffrn_detector.pdbx_frames_total            ? 
_diffrn_detector.pdbx_collection_time_total   ? 
_diffrn_detector.pdbx_collection_date         2018-11-28 
_diffrn_detector.pdbx_frequency               ? 
_diffrn_detector.id                           ? 
_diffrn_detector.number_of_axes               ? 
# 
_diffrn_radiation.collimation                      ? 
_diffrn_radiation.diffrn_id                        1 
_diffrn_radiation.filter_edge                      ? 
_diffrn_radiation.inhomogeneity                    ? 
_diffrn_radiation.monochromator                    ? 
_diffrn_radiation.polarisn_norm                    ? 
_diffrn_radiation.polarisn_ratio                   ? 
_diffrn_radiation.probe                            ? 
_diffrn_radiation.type                             ? 
_diffrn_radiation.xray_symbol                      ? 
_diffrn_radiation.wavelength_id                    1 
_diffrn_radiation.pdbx_monochromatic_or_laue_m_l   M 
_diffrn_radiation.pdbx_wavelength_list             ? 
_diffrn_radiation.pdbx_wavelength                  ? 
_diffrn_radiation.pdbx_diffrn_protocol             'SINGLE WAVELENGTH' 
_diffrn_radiation.pdbx_analyzer                    ? 
_diffrn_radiation.pdbx_scattering_type             x-ray 
# 
_diffrn_radiation_wavelength.id           1 
_diffrn_radiation_wavelength.wavelength   0.9870 
_diffrn_radiation_wavelength.wt           1.0 
# 
_diffrn_source.current                     ? 
_diffrn_source.details                     ? 
_diffrn_source.diffrn_id                   1 
_diffrn_source.power                       ? 
_diffrn_source.size                        ? 
_diffrn_source.source                      SYNCHROTRON 
_diffrn_source.target                      ? 
_diffrn_source.type                        'SSRF BEAMLINE BL19U1' 
_diffrn_source.voltage                     ? 
_diffrn_source.take-off_angle              ? 
_diffrn_source.pdbx_wavelength_list        0.9870 
_diffrn_source.pdbx_wavelength             ? 
_diffrn_source.pdbx_synchrotron_beamline   BL19U1 
_diffrn_source.pdbx_synchrotron_site       SSRF 
# 
_reflns.B_iso_Wilson_estimate                          64.79 
_reflns.entry_id                                       8J6W 
_reflns.data_reduction_details                         ? 
_reflns.data_reduction_method                          ? 
_reflns.d_resolution_high                              2.66 
_reflns.d_resolution_low                               32.38 
_reflns.details                                        ? 
_reflns.limit_h_max                                    ? 
_reflns.limit_h_min                                    ? 
_reflns.limit_k_max                                    ? 
_reflns.limit_k_min                                    ? 
_reflns.limit_l_max                                    ? 
_reflns.limit_l_min                                    ? 
_reflns.number_all                                     ? 
_reflns.number_obs                                     5436 
_reflns.observed_criterion                             ? 
_reflns.observed_criterion_F_max                       ? 
_reflns.observed_criterion_F_min                       ? 
_reflns.observed_criterion_I_max                       ? 
_reflns.observed_criterion_I_min                       ? 
_reflns.observed_criterion_sigma_F                     ? 
_reflns.observed_criterion_sigma_I                     ? 
_reflns.percent_possible_obs                           99.6 
_reflns.R_free_details                                 ? 
_reflns.Rmerge_F_all                                   ? 
_reflns.Rmerge_F_obs                                   ? 
_reflns.Friedel_coverage                               ? 
_reflns.number_gt                                      ? 
_reflns.threshold_expression                           ? 
_reflns.pdbx_redundancy                                1.0 
_reflns.pdbx_netI_over_av_sigmaI                       ? 
_reflns.pdbx_netI_over_sigmaI                          32.6 
_reflns.pdbx_res_netI_over_av_sigmaI_2                 ? 
_reflns.pdbx_res_netI_over_sigmaI_2                    ? 
_reflns.pdbx_chi_squared                               ? 
_reflns.pdbx_scaling_rejects                           ? 
_reflns.pdbx_d_res_high_opt                            ? 
_reflns.pdbx_d_res_low_opt                             ? 
_reflns.pdbx_d_res_opt_method                          ? 
_reflns.phase_calculation_details                      ? 
_reflns.pdbx_Rrim_I_all                                ? 
_reflns.pdbx_Rpim_I_all                                ? 
_reflns.pdbx_d_opt                                     ? 
_reflns.pdbx_number_measured_all                       ? 
_reflns.pdbx_diffrn_id                                 1 
_reflns.pdbx_ordinal                                   1 
_reflns.pdbx_CC_half                                   0.995 
_reflns.pdbx_CC_star                                   ? 
_reflns.pdbx_R_split                                   ? 
_reflns.pdbx_Rmerge_I_obs                              ? 
_reflns.pdbx_Rmerge_I_all                              ? 
_reflns.pdbx_Rsym_value                                ? 
_reflns.pdbx_CC_split_method                           ? 
_reflns.pdbx_aniso_diffraction_limit_axis_1_ortho[1]   ? 
_reflns.pdbx_aniso_diffraction_limit_axis_1_ortho[2]   ? 
_reflns.pdbx_aniso_diffraction_limit_axis_1_ortho[3]   ? 
_reflns.pdbx_aniso_diffraction_limit_axis_2_ortho[1]   ? 
_reflns.pdbx_aniso_diffraction_limit_axis_2_ortho[2]   ? 
_reflns.pdbx_aniso_diffraction_limit_axis_2_ortho[3]   ? 
_reflns.pdbx_aniso_diffraction_limit_axis_3_ortho[1]   ? 
_reflns.pdbx_aniso_diffraction_limit_axis_3_ortho[2]   ? 
_reflns.pdbx_aniso_diffraction_limit_axis_3_ortho[3]   ? 
_reflns.pdbx_aniso_diffraction_limit_1                 ? 
_reflns.pdbx_aniso_diffraction_limit_2                 ? 
_reflns.pdbx_aniso_diffraction_limit_3                 ? 
_reflns.pdbx_aniso_B_tensor_eigenvector_1_ortho[1]     ? 
_reflns.pdbx_aniso_B_tensor_eigenvector_1_ortho[2]     ? 
_reflns.pdbx_aniso_B_tensor_eigenvector_1_ortho[3]     ? 
_reflns.pdbx_aniso_B_tensor_eigenvector_2_ortho[1]     ? 
_reflns.pdbx_aniso_B_tensor_eigenvector_2_ortho[2]     ? 
_reflns.pdbx_aniso_B_tensor_eigenvector_2_ortho[3]     ? 
_reflns.pdbx_aniso_B_tensor_eigenvector_3_ortho[1]     ? 
_reflns.pdbx_aniso_B_tensor_eigenvector_3_ortho[2]     ? 
_reflns.pdbx_aniso_B_tensor_eigenvector_3_ortho[3]     ? 
_reflns.pdbx_aniso_B_tensor_eigenvalue_1               ? 
_reflns.pdbx_aniso_B_tensor_eigenvalue_2               ? 
_reflns.pdbx_aniso_B_tensor_eigenvalue_3               ? 
_reflns.pdbx_orthogonalization_convention              ? 
_reflns.pdbx_percent_possible_ellipsoidal              ? 
_reflns.pdbx_percent_possible_spherical                ? 
_reflns.pdbx_percent_possible_ellipsoidal_anomalous    ? 
_reflns.pdbx_percent_possible_spherical_anomalous      ? 
_reflns.pdbx_redundancy_anomalous                      ? 
_reflns.pdbx_CC_half_anomalous                         ? 
_reflns.pdbx_absDiff_over_sigma_anomalous              ? 
_reflns.pdbx_percent_possible_anomalous                ? 
_reflns.pdbx_observed_signal_threshold                 ? 
_reflns.pdbx_signal_type                               ? 
_reflns.pdbx_signal_details                            ? 
_reflns.pdbx_signal_software_id                        ? 
# 
_reflns_shell.d_res_high                                    2.66 
_reflns_shell.d_res_low                                     2.79 
_reflns_shell.meanI_over_sigI_all                           ? 
_reflns_shell.meanI_over_sigI_obs                           6.7 
_reflns_shell.number_measured_all                           ? 
_reflns_shell.number_measured_obs                           ? 
_reflns_shell.number_possible                               ? 
_reflns_shell.number_unique_all                             ? 
_reflns_shell.number_unique_obs                             690 
_reflns_shell.percent_possible_obs                          ? 
_reflns_shell.Rmerge_F_all                                  ? 
_reflns_shell.Rmerge_F_obs                                  ? 
_reflns_shell.meanI_over_sigI_gt                            ? 
_reflns_shell.meanI_over_uI_all                             ? 
_reflns_shell.meanI_over_uI_gt                              ? 
_reflns_shell.number_measured_gt                            ? 
_reflns_shell.number_unique_gt                              ? 
_reflns_shell.percent_possible_gt                           ? 
_reflns_shell.Rmerge_F_gt                                   ? 
_reflns_shell.Rmerge_I_gt                                   ? 
_reflns_shell.pdbx_redundancy                               ? 
_reflns_shell.pdbx_chi_squared                              ? 
_reflns_shell.pdbx_netI_over_sigmaI_all                     ? 
_reflns_shell.pdbx_netI_over_sigmaI_obs                     ? 
_reflns_shell.pdbx_Rrim_I_all                               ? 
_reflns_shell.pdbx_Rpim_I_all                               ? 
_reflns_shell.pdbx_rejects                                  ? 
_reflns_shell.pdbx_ordinal                                  1 
_reflns_shell.pdbx_diffrn_id                                1 
_reflns_shell.pdbx_CC_half                                  0.995 
_reflns_shell.pdbx_CC_star                                  ? 
_reflns_shell.pdbx_R_split                                  ? 
_reflns_shell.percent_possible_all                          ? 
_reflns_shell.Rmerge_I_all                                  ? 
_reflns_shell.Rmerge_I_obs                                  ? 
_reflns_shell.pdbx_Rsym_value                               ? 
_reflns_shell.pdbx_percent_possible_ellipsoidal             ? 
_reflns_shell.pdbx_percent_possible_spherical               ? 
_reflns_shell.pdbx_percent_possible_ellipsoidal_anomalous   ? 
_reflns_shell.pdbx_percent_possible_spherical_anomalous     ? 
_reflns_shell.pdbx_redundancy_anomalous                     ? 
_reflns_shell.pdbx_CC_half_anomalous                        ? 
_reflns_shell.pdbx_absDiff_over_sigma_anomalous             ? 
_reflns_shell.pdbx_percent_possible_anomalous               ? 
# 
_refine.aniso_B[1][1]                            ? 
_refine.aniso_B[1][2]                            ? 
_refine.aniso_B[1][3]                            ? 
_refine.aniso_B[2][2]                            ? 
_refine.aniso_B[2][3]                            ? 
_refine.aniso_B[3][3]                            ? 
_refine.B_iso_max                                ? 
_refine.B_iso_mean                               ? 
_refine.B_iso_min                                ? 
_refine.correlation_coeff_Fo_to_Fc               ? 
_refine.correlation_coeff_Fo_to_Fc_free          ? 
_refine.details                                  ? 
_refine.diff_density_max                         ? 
_refine.diff_density_max_esd                     ? 
_refine.diff_density_min                         ? 
_refine.diff_density_min_esd                     ? 
_refine.diff_density_rms                         ? 
_refine.diff_density_rms_esd                     ? 
_refine.entry_id                                 8J6W 
_refine.pdbx_refine_id                           'X-RAY DIFFRACTION' 
_refine.ls_abs_structure_details                 ? 
_refine.ls_abs_structure_Flack                   ? 
_refine.ls_abs_structure_Flack_esd               ? 
_refine.ls_abs_structure_Rogers                  ? 
_refine.ls_abs_structure_Rogers_esd              ? 
_refine.ls_d_res_high                            2.66 
_refine.ls_d_res_low                             32.38 
_refine.ls_extinction_coef                       ? 
_refine.ls_extinction_coef_esd                   ? 
_refine.ls_extinction_expression                 ? 
_refine.ls_extinction_method                     ? 
_refine.ls_goodness_of_fit_all                   ? 
_refine.ls_goodness_of_fit_all_esd               ? 
_refine.ls_goodness_of_fit_obs                   ? 
_refine.ls_goodness_of_fit_obs_esd               ? 
_refine.ls_hydrogen_treatment                    ? 
_refine.ls_matrix_type                           ? 
_refine.ls_number_constraints                    ? 
_refine.ls_number_parameters                     ? 
_refine.ls_number_reflns_all                     ? 
_refine.ls_number_reflns_obs                     5358 
_refine.ls_number_reflns_R_free                  390 
_refine.ls_number_reflns_R_work                  4968 
_refine.ls_number_restraints                     ? 
_refine.ls_percent_reflns_obs                    98.19 
_refine.ls_percent_reflns_R_free                 7.28 
_refine.ls_R_factor_all                          ? 
_refine.ls_R_factor_obs                          0.2444 
_refine.ls_R_factor_R_free                       0.289 
_refine.ls_R_factor_R_free_error                 ? 
_refine.ls_R_factor_R_free_error_details         ? 
_refine.ls_R_factor_R_work                       0.241 
_refine.ls_R_Fsqd_factor_obs                     ? 
_refine.ls_R_I_factor_obs                        ? 
_refine.ls_redundancy_reflns_all                 ? 
_refine.ls_redundancy_reflns_obs                 ? 
_refine.ls_restrained_S_all                      ? 
_refine.ls_restrained_S_obs                      ? 
_refine.ls_shift_over_esd_max                    ? 
_refine.ls_shift_over_esd_mean                   ? 
_refine.ls_structure_factor_coef                 ? 
_refine.ls_weighting_details                     ? 
_refine.ls_weighting_scheme                      ? 
_refine.ls_wR_factor_all                         ? 
_refine.ls_wR_factor_obs                         ? 
_refine.ls_wR_factor_R_free                      ? 
_refine.ls_wR_factor_R_work                      ? 
_refine.occupancy_max                            ? 
_refine.occupancy_min                            ? 
_refine.solvent_model_details                    'FLAT BULK SOLVENT MODEL' 
_refine.solvent_model_param_bsol                 ? 
_refine.solvent_model_param_ksol                 ? 
_refine.pdbx_R_complete                          ? 
_refine.ls_R_factor_gt                           ? 
_refine.ls_goodness_of_fit_gt                    ? 
_refine.ls_goodness_of_fit_ref                   ? 
_refine.ls_shift_over_su_max                     ? 
_refine.ls_shift_over_su_max_lt                  ? 
_refine.ls_shift_over_su_mean                    ? 
_refine.ls_shift_over_su_mean_lt                 ? 
_refine.pdbx_ls_sigma_I                          ? 
_refine.pdbx_ls_sigma_F                          1.38 
_refine.pdbx_ls_sigma_Fsqd                       ? 
_refine.pdbx_data_cutoff_high_absF               ? 
_refine.pdbx_data_cutoff_high_rms_absF           ? 
_refine.pdbx_data_cutoff_low_absF                ? 
_refine.pdbx_isotropic_thermal_model             ? 
_refine.pdbx_ls_cross_valid_method               'FREE R-VALUE' 
_refine.pdbx_method_to_determine_struct          'MOLECULAR REPLACEMENT' 
_refine.pdbx_starting_model                      ? 
_refine.pdbx_stereochemistry_target_values       'GeoStd + Monomer Library + CDL v1.2' 
_refine.pdbx_R_Free_selection_details            ? 
_refine.pdbx_stereochem_target_val_spec_case     ? 
_refine.pdbx_overall_ESU_R                       ? 
_refine.pdbx_overall_ESU_R_Free                  ? 
_refine.pdbx_solvent_vdw_probe_radii             1.1000 
_refine.pdbx_solvent_ion_probe_radii             ? 
_refine.pdbx_solvent_shrinkage_radii             0.9000 
_refine.pdbx_real_space_R                        ? 
_refine.pdbx_density_correlation                 ? 
_refine.pdbx_pd_number_of_powder_patterns        ? 
_refine.pdbx_pd_number_of_points                 ? 
_refine.pdbx_pd_meas_number_of_points            ? 
_refine.pdbx_pd_proc_ls_prof_R_factor            ? 
_refine.pdbx_pd_proc_ls_prof_wR_factor           ? 
_refine.pdbx_pd_Marquardt_correlation_coeff      ? 
_refine.pdbx_pd_Fsqrd_R_factor                   ? 
_refine.pdbx_pd_ls_matrix_band_width             ? 
_refine.pdbx_overall_phase_error                 34.2284 
_refine.pdbx_overall_SU_R_free_Cruickshank_DPI   ? 
_refine.pdbx_overall_SU_R_free_Blow_DPI          ? 
_refine.pdbx_overall_SU_R_Blow_DPI               ? 
_refine.pdbx_TLS_residual_ADP_flag               ? 
_refine.pdbx_diffrn_id                           1 
_refine.overall_SU_B                             ? 
_refine.overall_SU_ML                            0.3862 
_refine.overall_SU_R_Cruickshank_DPI             ? 
_refine.overall_SU_R_free                        ? 
_refine.overall_FOM_free_R_set                   ? 
_refine.overall_FOM_work_R_set                   ? 
_refine.pdbx_average_fsc_overall                 ? 
_refine.pdbx_average_fsc_work                    ? 
_refine.pdbx_average_fsc_free                    ? 
# 
_refine_hist.pdbx_refine_id                   'X-RAY DIFFRACTION' 
_refine_hist.cycle_id                         LAST 
_refine_hist.details                          ? 
_refine_hist.d_res_high                       2.66 
_refine_hist.d_res_low                        32.38 
_refine_hist.number_atoms_solvent             4 
_refine_hist.number_atoms_total               1163 
_refine_hist.number_reflns_all                ? 
_refine_hist.number_reflns_obs                ? 
_refine_hist.number_reflns_R_free             ? 
_refine_hist.number_reflns_R_work             ? 
_refine_hist.R_factor_all                     ? 
_refine_hist.R_factor_obs                     ? 
_refine_hist.R_factor_R_free                  ? 
_refine_hist.R_factor_R_work                  ? 
_refine_hist.pdbx_number_residues_total       ? 
_refine_hist.pdbx_B_iso_mean_ligand           ? 
_refine_hist.pdbx_B_iso_mean_solvent          ? 
_refine_hist.pdbx_number_atoms_protein        1155 
_refine_hist.pdbx_number_atoms_nucleic_acid   0 
_refine_hist.pdbx_number_atoms_ligand         4 
_refine_hist.pdbx_number_atoms_lipid          ? 
_refine_hist.pdbx_number_atoms_carb           ? 
_refine_hist.pdbx_pseudo_atom_details         ? 
# 
loop_
_refine_ls_restr.pdbx_refine_id 
_refine_ls_restr.criterion 
_refine_ls_restr.dev_ideal 
_refine_ls_restr.dev_ideal_target 
_refine_ls_restr.number 
_refine_ls_restr.rejects 
_refine_ls_restr.type 
_refine_ls_restr.weight 
_refine_ls_restr.pdbx_restraint_function 
'X-RAY DIFFRACTION' ? 0.0094  ? 1176 ? f_bond_d           ? ? 
'X-RAY DIFFRACTION' ? 1.1664  ? 1585 ? f_angle_d          ? ? 
'X-RAY DIFFRACTION' ? 0.0721  ? 173  ? f_chiral_restr     ? ? 
'X-RAY DIFFRACTION' ? 0.0066  ? 211  ? f_plane_restr      ? ? 
'X-RAY DIFFRACTION' ? 18.2615 ? 435  ? f_dihedral_angle_d ? ? 
# 
loop_
_refine_ls_shell.pdbx_refine_id 
_refine_ls_shell.d_res_high 
_refine_ls_shell.d_res_low 
_refine_ls_shell.number_reflns_all 
_refine_ls_shell.number_reflns_obs 
_refine_ls_shell.number_reflns_R_free 
_refine_ls_shell.number_reflns_R_work 
_refine_ls_shell.percent_reflns_obs 
_refine_ls_shell.percent_reflns_R_free 
_refine_ls_shell.R_factor_all 
_refine_ls_shell.R_factor_obs 
_refine_ls_shell.R_factor_R_free_error 
_refine_ls_shell.R_factor_R_work 
_refine_ls_shell.redundancy_reflns_all 
_refine_ls_shell.redundancy_reflns_obs 
_refine_ls_shell.wR_factor_all 
_refine_ls_shell.wR_factor_obs 
_refine_ls_shell.wR_factor_R_free 
_refine_ls_shell.wR_factor_R_work 
_refine_ls_shell.pdbx_R_complete 
_refine_ls_shell.pdbx_total_number_of_bins_used 
_refine_ls_shell.pdbx_phase_error 
_refine_ls_shell.pdbx_fsc_work 
_refine_ls_shell.pdbx_fsc_free 
_refine_ls_shell.R_factor_R_free 
'X-RAY DIFFRACTION' 2.66 3.05  . . 114 1580 96.09 . . . . 0.2990 . . . . . . . . . . . 0.3689 
'X-RAY DIFFRACTION' 3.05 3.84  . . 143 1636 99.11 . . . . 0.2828 . . . . . . . . . . . 0.3634 
'X-RAY DIFFRACTION' 3.84 32.38 . . 133 1752 99.26 . . . . 0.2122 . . . . . . . . . . . 0.2350 
# 
_struct.entry_id                     8J6W 
_struct.title                        'Full length crystal structure of Escherichia coli Fur' 
_struct.pdbx_model_details           ? 
_struct.pdbx_formula_weight          ? 
_struct.pdbx_formula_weight_method   ? 
_struct.pdbx_model_type_details      ? 
_struct.pdbx_CASP_flag               N 
# 
_struct_keywords.entry_id        8J6W 
_struct_keywords.text            'ferric uptake regulator, DNA BINDING PROTEIN' 
_struct_keywords.pdbx_keywords   'DNA BINDING PROTEIN' 
# 
loop_
_struct_asym.id 
_struct_asym.pdbx_blank_PDB_chainid_flag 
_struct_asym.pdbx_modified 
_struct_asym.entity_id 
_struct_asym.details 
A N N 1 ? 
B N N 2 ? 
C N N 2 ? 
D N N 2 ? 
E N N 2 ? 
F N N 3 ? 
# 
_struct_ref.id                         1 
_struct_ref.db_name                    UNP 
_struct_ref.db_code                    FUR_ECOLI 
_struct_ref.pdbx_db_accession          P0A9A9 
_struct_ref.pdbx_db_isoform            ? 
_struct_ref.entity_id                  1 
_struct_ref.pdbx_seq_one_letter_code   
;MTDNNTALKKAGLKVTLPRLKILEVLQEPDNHHVSAEDLYKRLIDMGEEIGLATVYRVLNQFDDAGIVTRHNFEGGKSVF
ELTQQHHHDHLICLDCGKVIEFSDDSIEARQREIAAKHGIRLTNHSLYLYGHCAEGDCREDEHAHEGK
;
_struct_ref.pdbx_align_begin           1 
# 
_struct_ref_seq.align_id                      1 
_struct_ref_seq.ref_id                        1 
_struct_ref_seq.pdbx_PDB_id_code              8J6W 
_struct_ref_seq.pdbx_strand_id                A 
_struct_ref_seq.seq_align_beg                 1 
_struct_ref_seq.pdbx_seq_align_beg_ins_code   ? 
_struct_ref_seq.seq_align_end                 148 
_struct_ref_seq.pdbx_seq_align_end_ins_code   ? 
_struct_ref_seq.pdbx_db_accession             P0A9A9 
_struct_ref_seq.db_align_beg                  1 
_struct_ref_seq.pdbx_db_align_beg_ins_code    ? 
_struct_ref_seq.db_align_end                  148 
_struct_ref_seq.pdbx_db_align_end_ins_code    ? 
_struct_ref_seq.pdbx_auth_seq_align_beg       1 
_struct_ref_seq.pdbx_auth_seq_align_end       148 
# 
_pdbx_struct_assembly.id                   1 
_pdbx_struct_assembly.details              author_and_software_defined_assembly 
_pdbx_struct_assembly.method_details       PISA 
_pdbx_struct_assembly.oligomeric_details   dimeric 
_pdbx_struct_assembly.oligomeric_count     2 
# 
loop_
_pdbx_struct_assembly_prop.biol_id 
_pdbx_struct_assembly_prop.type 
_pdbx_struct_assembly_prop.value 
_pdbx_struct_assembly_prop.details 
1 'ABSA (A^2)' 3140  ? 
1 MORE         -139  ? 
1 'SSA (A^2)'  16070 ? 
# 
_pdbx_struct_assembly_gen.assembly_id       1 
_pdbx_struct_assembly_gen.oper_expression   1,2 
_pdbx_struct_assembly_gen.asym_id_list      A,B,C,D,E,F 
# 
_pdbx_struct_assembly_auth_evidence.id                     1 
_pdbx_struct_assembly_auth_evidence.assembly_id            1 
_pdbx_struct_assembly_auth_evidence.experimental_support   none 
_pdbx_struct_assembly_auth_evidence.details                ? 
# 
loop_
_pdbx_struct_oper_list.id 
_pdbx_struct_oper_list.type 
_pdbx_struct_oper_list.name 
_pdbx_struct_oper_list.symmetry_operation 
_pdbx_struct_oper_list.matrix[1][1] 
_pdbx_struct_oper_list.matrix[1][2] 
_pdbx_struct_oper_list.matrix[1][3] 
_pdbx_struct_oper_list.vector[1] 
_pdbx_struct_oper_list.matrix[2][1] 
_pdbx_struct_oper_list.matrix[2][2] 
_pdbx_struct_oper_list.matrix[2][3] 
_pdbx_struct_oper_list.vector[2] 
_pdbx_struct_oper_list.matrix[3][1] 
_pdbx_struct_oper_list.matrix[3][2] 
_pdbx_struct_oper_list.matrix[3][3] 
_pdbx_struct_oper_list.vector[3] 
1 'identity operation'         1_555 x,y,z  1.0000000000  0.0000000000 0.0000000000  0.0000000000 0.0000000000 1.0000000000  0.0000000000  0.0000000000  0.0000000000  0.0000000000  1.0000000000 0.0000000000 
2 'crystal symmetry operation' 7_555 y,x,-z -0.5000145706 0.0927695213 -0.8610338234 5.8563839064 0.0927695213 -0.9827871302 -0.1597600469 29.3631872898 -0.8610338234 -0.1597600469 0.4828017008 6.5643361484 
# 
loop_
_struct_conf.conf_type_id 
_struct_conf.id 
_struct_conf.pdbx_PDB_helix_id 
_struct_conf.beg_label_comp_id 
_struct_conf.beg_label_asym_id 
_struct_conf.beg_label_seq_id 
_struct_conf.pdbx_beg_PDB_ins_code 
_struct_conf.end_label_comp_id 
_struct_conf.end_label_asym_id 
_struct_conf.end_label_seq_id 
_struct_conf.pdbx_end_PDB_ins_code 
_struct_conf.beg_auth_comp_id 
_struct_conf.beg_auth_asym_id 
_struct_conf.beg_auth_seq_id 
_struct_conf.end_auth_comp_id 
_struct_conf.end_auth_asym_id 
_struct_conf.end_auth_seq_id 
_struct_conf.pdbx_PDB_helix_class 
_struct_conf.details 
_struct_conf.pdbx_PDB_helix_length 
HELX_P HELX_P1 AA1 ASP A 3   ? GLY A 12  ? ASP A 3   GLY A 12  1 ? 10 
HELX_P HELX_P2 AA2 THR A 16  ? LEU A 26  ? THR A 16  LEU A 26  1 ? 11 
HELX_P HELX_P3 AA3 GLU A 28  ? HIS A 32  ? GLU A 28  HIS A 32  5 ? 5  
HELX_P HELX_P4 AA4 ALA A 36  ? MET A 46  ? ALA A 36  MET A 46  1 ? 11 
HELX_P HELX_P5 AA5 GLY A 51  ? ALA A 65  ? GLY A 51  ALA A 65  1 ? 15 
HELX_P HELX_P6 AA6 ASP A 104 ? HIS A 118 ? ASP A 104 HIS A 118 1 ? 15 
# 
_struct_conf_type.id          HELX_P 
_struct_conf_type.criteria    ? 
_struct_conf_type.reference   ? 
# 
loop_
_struct_conn.id 
_struct_conn.conn_type_id 
_struct_conn.pdbx_leaving_atom_flag 
_struct_conn.pdbx_PDB_id 
_struct_conn.ptnr1_label_asym_id 
_struct_conn.ptnr1_label_comp_id 
_struct_conn.ptnr1_label_seq_id 
_struct_conn.ptnr1_label_atom_id 
_struct_conn.pdbx_ptnr1_label_alt_id 
_struct_conn.pdbx_ptnr1_PDB_ins_code 
_struct_conn.pdbx_ptnr1_standard_comp_id 
_struct_conn.ptnr1_symmetry 
_struct_conn.ptnr2_label_asym_id 
_struct_conn.ptnr2_label_comp_id 
_struct_conn.ptnr2_label_seq_id 
_struct_conn.ptnr2_label_atom_id 
_struct_conn.pdbx_ptnr2_label_alt_id 
_struct_conn.pdbx_ptnr2_PDB_ins_code 
_struct_conn.ptnr1_auth_asym_id 
_struct_conn.ptnr1_auth_comp_id 
_struct_conn.ptnr1_auth_seq_id 
_struct_conn.ptnr2_auth_asym_id 
_struct_conn.ptnr2_auth_comp_id 
_struct_conn.ptnr2_auth_seq_id 
_struct_conn.ptnr2_symmetry 
_struct_conn.pdbx_ptnr3_label_atom_id 
_struct_conn.pdbx_ptnr3_label_seq_id 
_struct_conn.pdbx_ptnr3_label_comp_id 
_struct_conn.pdbx_ptnr3_label_asym_id 
_struct_conn.pdbx_ptnr3_label_alt_id 
_struct_conn.pdbx_ptnr3_PDB_ins_code 
_struct_conn.details 
_struct_conn.pdbx_dist_value 
_struct_conn.pdbx_value_order 
_struct_conn.pdbx_role 
metalc1  metalc ? ? A HIS 33  NE2 ? ? ? 1_555 C ZN . ZN ? ? A HIS 33  A ZN 201 1_555 ? ? ? ? ? ? ? 2.124 ? ? 
metalc2  metalc ? ? A GLU 81  OE1 ? ? ? 1_555 C ZN . ZN ? ? A GLU 81  A ZN 201 1_555 ? ? ? ? ? ? ? 1.736 ? ? 
metalc3  metalc ? ? A GLU 81  OE2 ? ? ? 1_555 C ZN . ZN ? ? A GLU 81  A ZN 201 1_555 ? ? ? ? ? ? ? 2.669 ? ? 
metalc4  metalc ? ? A HIS 87  NE2 ? ? ? 1_555 B ZN . ZN ? ? A HIS 87  A ZN 200 1_555 ? ? ? ? ? ? ? 2.276 ? ? 
metalc5  metalc ? ? A HIS 88  NE2 ? ? ? 1_555 C ZN . ZN ? ? A HIS 88  A ZN 201 1_555 ? ? ? ? ? ? ? 2.256 ? ? 
metalc6  metalc ? ? A ASP 89  OD2 ? ? ? 1_555 B ZN . ZN ? ? A ASP 89  A ZN 200 1_555 ? ? ? ? ? ? ? 1.943 ? ? 
metalc7  metalc ? ? A HIS 90  NE2 ? ? ? 1_555 C ZN . ZN ? ? A HIS 90  A ZN 201 1_555 ? ? ? ? ? ? ? 2.228 ? ? 
metalc8  metalc ? ? A CYS 93  SG  ? ? ? 1_555 E ZN . ZN ? ? A CYS 93  A ZN 203 1_555 ? ? ? ? ? ? ? 2.270 ? ? 
metalc9  metalc ? ? A ASP 95  OD1 ? ? ? 1_555 D ZN . ZN ? ? A ASP 95  A ZN 202 1_555 ? ? ? ? ? ? ? 2.021 ? ? 
metalc10 metalc ? ? A CYS 96  SG  ? ? ? 1_555 E ZN . ZN ? ? A CYS 96  A ZN 203 1_555 ? ? ? ? ? ? ? 2.325 ? ? 
metalc11 metalc ? ? A GLU 108 OE2 ? ? ? 1_555 B ZN . ZN ? ? A GLU 108 A ZN 200 1_555 ? ? ? ? ? ? ? 2.057 ? ? 
metalc12 metalc ? ? A HIS 125 NE2 ? ? ? 1_555 B ZN . ZN ? ? A HIS 125 A ZN 200 1_555 ? ? ? ? ? ? ? 2.231 ? ? 
metalc13 metalc ? ? A HIS 132 ND1 ? ? ? 1_555 D ZN . ZN ? ? A HIS 132 A ZN 202 1_555 ? ? ? ? ? ? ? 2.237 ? ? 
metalc14 metalc ? ? A CYS 138 SG  ? ? ? 1_555 E ZN . ZN ? ? A CYS 138 A ZN 203 1_555 ? ? ? ? ? ? ? 2.294 ? ? 
metalc15 metalc ? ? A HIS 145 NE2 ? ? ? 1_555 E ZN . ZN ? ? A HIS 145 A ZN 203 1_555 ? ? ? ? ? ? ? 2.117 ? ? 
metalc16 metalc ? ? A GLU 146 OE1 ? ? ? 1_555 D ZN . ZN ? ? A GLU 146 A ZN 202 4_445 ? ? ? ? ? ? ? 2.175 ? ? 
# 
_struct_conn_type.id          metalc 
_struct_conn_type.criteria    ? 
_struct_conn_type.reference   ? 
# 
loop_
_pdbx_struct_conn_angle.id 
_pdbx_struct_conn_angle.ptnr1_label_atom_id 
_pdbx_struct_conn_angle.ptnr1_label_alt_id 
_pdbx_struct_conn_angle.ptnr1_label_asym_id 
_pdbx_struct_conn_angle.ptnr1_label_comp_id 
_pdbx_struct_conn_angle.ptnr1_label_seq_id 
_pdbx_struct_conn_angle.ptnr1_auth_atom_id 
_pdbx_struct_conn_angle.ptnr1_auth_asym_id 
_pdbx_struct_conn_angle.ptnr1_auth_comp_id 
_pdbx_struct_conn_angle.ptnr1_auth_seq_id 
_pdbx_struct_conn_angle.ptnr1_PDB_ins_code 
_pdbx_struct_conn_angle.ptnr1_symmetry 
_pdbx_struct_conn_angle.ptnr2_label_atom_id 
_pdbx_struct_conn_angle.ptnr2_label_alt_id 
_pdbx_struct_conn_angle.ptnr2_label_asym_id 
_pdbx_struct_conn_angle.ptnr2_label_comp_id 
_pdbx_struct_conn_angle.ptnr2_label_seq_id 
_pdbx_struct_conn_angle.ptnr2_auth_atom_id 
_pdbx_struct_conn_angle.ptnr2_auth_asym_id 
_pdbx_struct_conn_angle.ptnr2_auth_comp_id 
_pdbx_struct_conn_angle.ptnr2_auth_seq_id 
_pdbx_struct_conn_angle.ptnr2_PDB_ins_code 
_pdbx_struct_conn_angle.ptnr2_symmetry 
_pdbx_struct_conn_angle.ptnr3_label_atom_id 
_pdbx_struct_conn_angle.ptnr3_label_alt_id 
_pdbx_struct_conn_angle.ptnr3_label_asym_id 
_pdbx_struct_conn_angle.ptnr3_label_comp_id 
_pdbx_struct_conn_angle.ptnr3_label_seq_id 
_pdbx_struct_conn_angle.ptnr3_auth_atom_id 
_pdbx_struct_conn_angle.ptnr3_auth_asym_id 
_pdbx_struct_conn_angle.ptnr3_auth_comp_id 
_pdbx_struct_conn_angle.ptnr3_auth_seq_id 
_pdbx_struct_conn_angle.ptnr3_PDB_ins_code 
_pdbx_struct_conn_angle.ptnr3_symmetry 
_pdbx_struct_conn_angle.value 
_pdbx_struct_conn_angle.value_esd 
1  NE2 ? A HIS 33  ? A HIS 33  ? 1_555 ZN ? C ZN . ? A ZN 201 ? 1_555 OE1 ? A GLU 81  ? A GLU 81  ? 1_555 95.4  ? 
2  NE2 ? A HIS 33  ? A HIS 33  ? 1_555 ZN ? C ZN . ? A ZN 201 ? 1_555 OE2 ? A GLU 81  ? A GLU 81  ? 1_555 101.8 ? 
3  OE1 ? A GLU 81  ? A GLU 81  ? 1_555 ZN ? C ZN . ? A ZN 201 ? 1_555 OE2 ? A GLU 81  ? A GLU 81  ? 1_555 55.3  ? 
4  NE2 ? A HIS 33  ? A HIS 33  ? 1_555 ZN ? C ZN . ? A ZN 201 ? 1_555 NE2 ? A HIS 88  ? A HIS 88  ? 1_555 92.1  ? 
5  OE1 ? A GLU 81  ? A GLU 81  ? 1_555 ZN ? C ZN . ? A ZN 201 ? 1_555 NE2 ? A HIS 88  ? A HIS 88  ? 1_555 110.9 ? 
6  OE2 ? A GLU 81  ? A GLU 81  ? 1_555 ZN ? C ZN . ? A ZN 201 ? 1_555 NE2 ? A HIS 88  ? A HIS 88  ? 1_555 160.9 ? 
7  NE2 ? A HIS 33  ? A HIS 33  ? 1_555 ZN ? C ZN . ? A ZN 201 ? 1_555 NE2 ? A HIS 90  ? A HIS 90  ? 1_555 95.5  ? 
8  OE1 ? A GLU 81  ? A GLU 81  ? 1_555 ZN ? C ZN . ? A ZN 201 ? 1_555 NE2 ? A HIS 90  ? A HIS 90  ? 1_555 143.1 ? 
9  OE2 ? A GLU 81  ? A GLU 81  ? 1_555 ZN ? C ZN . ? A ZN 201 ? 1_555 NE2 ? A HIS 90  ? A HIS 90  ? 1_555 87.9  ? 
10 NE2 ? A HIS 88  ? A HIS 88  ? 1_555 ZN ? C ZN . ? A ZN 201 ? 1_555 NE2 ? A HIS 90  ? A HIS 90  ? 1_555 103.8 ? 
11 NE2 ? A HIS 87  ? A HIS 87  ? 1_555 ZN ? B ZN . ? A ZN 200 ? 1_555 OD2 ? A ASP 89  ? A ASP 89  ? 1_555 120.0 ? 
12 NE2 ? A HIS 87  ? A HIS 87  ? 1_555 ZN ? B ZN . ? A ZN 200 ? 1_555 OE2 ? A GLU 108 ? A GLU 108 ? 1_555 110.1 ? 
13 OD2 ? A ASP 89  ? A ASP 89  ? 1_555 ZN ? B ZN . ? A ZN 200 ? 1_555 OE2 ? A GLU 108 ? A GLU 108 ? 1_555 90.9  ? 
14 NE2 ? A HIS 87  ? A HIS 87  ? 1_555 ZN ? B ZN . ? A ZN 200 ? 1_555 NE2 ? A HIS 125 ? A HIS 125 ? 1_555 78.8  ? 
15 OD2 ? A ASP 89  ? A ASP 89  ? 1_555 ZN ? B ZN . ? A ZN 200 ? 1_555 NE2 ? A HIS 125 ? A HIS 125 ? 1_555 141.3 ? 
16 OE2 ? A GLU 108 ? A GLU 108 ? 1_555 ZN ? B ZN . ? A ZN 200 ? 1_555 NE2 ? A HIS 125 ? A HIS 125 ? 1_555 115.4 ? 
17 SG  ? A CYS 93  ? A CYS 93  ? 1_555 ZN ? E ZN . ? A ZN 203 ? 1_555 SG  ? A CYS 96  ? A CYS 96  ? 1_555 109.4 ? 
18 SG  ? A CYS 93  ? A CYS 93  ? 1_555 ZN ? E ZN . ? A ZN 203 ? 1_555 SG  ? A CYS 138 ? A CYS 138 ? 1_555 111.9 ? 
19 SG  ? A CYS 96  ? A CYS 96  ? 1_555 ZN ? E ZN . ? A ZN 203 ? 1_555 SG  ? A CYS 138 ? A CYS 138 ? 1_555 115.9 ? 
20 SG  ? A CYS 93  ? A CYS 93  ? 1_555 ZN ? E ZN . ? A ZN 203 ? 1_555 NE2 ? A HIS 145 ? A HIS 145 ? 1_555 95.9  ? 
21 SG  ? A CYS 96  ? A CYS 96  ? 1_555 ZN ? E ZN . ? A ZN 203 ? 1_555 NE2 ? A HIS 145 ? A HIS 145 ? 1_555 105.1 ? 
22 SG  ? A CYS 138 ? A CYS 138 ? 1_555 ZN ? E ZN . ? A ZN 203 ? 1_555 NE2 ? A HIS 145 ? A HIS 145 ? 1_555 116.7 ? 
23 OD1 ? A ASP 95  ? A ASP 95  ? 1_555 ZN ? D ZN . ? A ZN 202 ? 1_555 ND1 ? A HIS 132 ? A HIS 132 ? 1_555 114.8 ? 
24 OD1 ? A ASP 95  ? A ASP 95  ? 1_555 ZN ? D ZN . ? A ZN 202 ? 1_555 OE1 ? A GLU 146 ? A GLU 146 ? 1_555 56.0  ? 
25 ND1 ? A HIS 132 ? A HIS 132 ? 1_555 ZN ? D ZN . ? A ZN 202 ? 1_555 OE1 ? A GLU 146 ? A GLU 146 ? 1_555 96.9  ? 
# 
loop_
_struct_sheet.id 
_struct_sheet.type 
_struct_sheet.number_strands 
_struct_sheet.details 
AA1 ? 3 ? 
AA2 ? 3 ? 
# 
loop_
_struct_sheet_order.sheet_id 
_struct_sheet_order.range_id_1 
_struct_sheet_order.range_id_2 
_struct_sheet_order.offset 
_struct_sheet_order.sense 
AA1 1 2 ? anti-parallel 
AA1 2 3 ? anti-parallel 
AA2 1 2 ? anti-parallel 
AA2 2 3 ? parallel      
# 
loop_
_struct_sheet_range.sheet_id 
_struct_sheet_range.id 
_struct_sheet_range.beg_label_comp_id 
_struct_sheet_range.beg_label_asym_id 
_struct_sheet_range.beg_label_seq_id 
_struct_sheet_range.pdbx_beg_PDB_ins_code 
_struct_sheet_range.end_label_comp_id 
_struct_sheet_range.end_label_asym_id 
_struct_sheet_range.end_label_seq_id 
_struct_sheet_range.pdbx_end_PDB_ins_code 
_struct_sheet_range.beg_auth_comp_id 
_struct_sheet_range.beg_auth_asym_id 
_struct_sheet_range.beg_auth_seq_id 
_struct_sheet_range.end_auth_comp_id 
_struct_sheet_range.end_auth_asym_id 
_struct_sheet_range.end_auth_seq_id 
AA1 1 VAL A 34  ? SER A 35  ? VAL A 34  SER A 35  
AA1 2 VAL A 79  ? LEU A 82  ? VAL A 79  LEU A 82  
AA1 3 VAL A 68  ? HIS A 71  ? VAL A 68  HIS A 71  
AA2 1 VAL A 99  ? PHE A 102 ? VAL A 99  PHE A 102 
AA2 2 ASP A 89  ? CYS A 93  ? ASP A 89  CYS A 93  
AA2 3 TYR A 128 ? GLY A 131 ? TYR A 128 GLY A 131 
# 
loop_
_pdbx_struct_sheet_hbond.sheet_id 
_pdbx_struct_sheet_hbond.range_id_1 
_pdbx_struct_sheet_hbond.range_id_2 
_pdbx_struct_sheet_hbond.range_1_label_atom_id 
_pdbx_struct_sheet_hbond.range_1_label_comp_id 
_pdbx_struct_sheet_hbond.range_1_label_asym_id 
_pdbx_struct_sheet_hbond.range_1_label_seq_id 
_pdbx_struct_sheet_hbond.range_1_PDB_ins_code 
_pdbx_struct_sheet_hbond.range_1_auth_atom_id 
_pdbx_struct_sheet_hbond.range_1_auth_comp_id 
_pdbx_struct_sheet_hbond.range_1_auth_asym_id 
_pdbx_struct_sheet_hbond.range_1_auth_seq_id 
_pdbx_struct_sheet_hbond.range_2_label_atom_id 
_pdbx_struct_sheet_hbond.range_2_label_comp_id 
_pdbx_struct_sheet_hbond.range_2_label_asym_id 
_pdbx_struct_sheet_hbond.range_2_label_seq_id 
_pdbx_struct_sheet_hbond.range_2_PDB_ins_code 
_pdbx_struct_sheet_hbond.range_2_auth_atom_id 
_pdbx_struct_sheet_hbond.range_2_auth_comp_id 
_pdbx_struct_sheet_hbond.range_2_auth_asym_id 
_pdbx_struct_sheet_hbond.range_2_auth_seq_id 
AA1 1 2 N VAL A 34  ? N VAL A 34  O PHE A 80  ? O PHE A 80  
AA1 2 3 O VAL A 79  ? O VAL A 79  N HIS A 71  ? N HIS A 71  
AA2 1 2 O ILE A 100 ? O ILE A 100 N LEU A 91  ? N LEU A 91  
AA2 2 3 N ILE A 92  ? N ILE A 92  O LEU A 129 ? O LEU A 129 
# 
_pdbx_validate_torsion.id              1 
_pdbx_validate_torsion.PDB_model_num   1 
_pdbx_validate_torsion.auth_comp_id    ASN 
_pdbx_validate_torsion.auth_asym_id    A 
_pdbx_validate_torsion.auth_seq_id     31 
_pdbx_validate_torsion.PDB_ins_code    ? 
_pdbx_validate_torsion.label_alt_id    ? 
_pdbx_validate_torsion.phi             -108.59 
_pdbx_validate_torsion.psi             46.86 
# 
_pdbx_entry_details.entry_id                   8J6W 
_pdbx_entry_details.nonpolymer_details         ? 
_pdbx_entry_details.sequence_details           ? 
_pdbx_entry_details.compound_details           ? 
_pdbx_entry_details.source_details             ? 
_pdbx_entry_details.has_ligand_of_interest     Y 
_pdbx_entry_details.has_protein_modification   ? 
# 
loop_
_pdbx_unobs_or_zero_occ_residues.id 
_pdbx_unobs_or_zero_occ_residues.PDB_model_num 
_pdbx_unobs_or_zero_occ_residues.polymer_flag 
_pdbx_unobs_or_zero_occ_residues.occupancy_flag 
_pdbx_unobs_or_zero_occ_residues.auth_asym_id 
_pdbx_unobs_or_zero_occ_residues.auth_comp_id 
_pdbx_unobs_or_zero_occ_residues.auth_seq_id 
_pdbx_unobs_or_zero_occ_residues.PDB_ins_code 
_pdbx_unobs_or_zero_occ_residues.label_asym_id 
_pdbx_unobs_or_zero_occ_residues.label_comp_id 
_pdbx_unobs_or_zero_occ_residues.label_seq_id 
1 1 Y 1 A MET 1   ? A MET 1   
2 1 Y 1 A THR 2   ? A THR 2   
3 1 Y 1 A LYS 148 ? A LYS 148 
# 
loop_
_chem_comp_atom.comp_id 
_chem_comp_atom.atom_id 
_chem_comp_atom.type_symbol 
_chem_comp_atom.pdbx_aromatic_flag 
_chem_comp_atom.pdbx_stereo_config 
_chem_comp_atom.pdbx_ordinal 
ALA N    N  N N 1   
ALA CA   C  N S 2   
ALA C    C  N N 3   
ALA O    O  N N 4   
ALA CB   C  N N 5   
ALA OXT  O  N N 6   
ALA H    H  N N 7   
ALA H2   H  N N 8   
ALA HA   H  N N 9   
ALA HB1  H  N N 10  
ALA HB2  H  N N 11  
ALA HB3  H  N N 12  
ALA HXT  H  N N 13  
ARG N    N  N N 14  
ARG CA   C  N S 15  
ARG C    C  N N 16  
ARG O    O  N N 17  
ARG CB   C  N N 18  
ARG CG   C  N N 19  
ARG CD   C  N N 20  
ARG NE   N  N N 21  
ARG CZ   C  N N 22  
ARG NH1  N  N N 23  
ARG NH2  N  N N 24  
ARG OXT  O  N N 25  
ARG H    H  N N 26  
ARG H2   H  N N 27  
ARG HA   H  N N 28  
ARG HB2  H  N N 29  
ARG HB3  H  N N 30  
ARG HG2  H  N N 31  
ARG HG3  H  N N 32  
ARG HD2  H  N N 33  
ARG HD3  H  N N 34  
ARG HE   H  N N 35  
ARG HH11 H  N N 36  
ARG HH12 H  N N 37  
ARG HH21 H  N N 38  
ARG HH22 H  N N 39  
ARG HXT  H  N N 40  
ASN N    N  N N 41  
ASN CA   C  N S 42  
ASN C    C  N N 43  
ASN O    O  N N 44  
ASN CB   C  N N 45  
ASN CG   C  N N 46  
ASN OD1  O  N N 47  
ASN ND2  N  N N 48  
ASN OXT  O  N N 49  
ASN H    H  N N 50  
ASN H2   H  N N 51  
ASN HA   H  N N 52  
ASN HB2  H  N N 53  
ASN HB3  H  N N 54  
ASN HD21 H  N N 55  
ASN HD22 H  N N 56  
ASN HXT  H  N N 57  
ASP N    N  N N 58  
ASP CA   C  N S 59  
ASP C    C  N N 60  
ASP O    O  N N 61  
ASP CB   C  N N 62  
ASP CG   C  N N 63  
ASP OD1  O  N N 64  
ASP OD2  O  N N 65  
ASP OXT  O  N N 66  
ASP H    H  N N 67  
ASP H2   H  N N 68  
ASP HA   H  N N 69  
ASP HB2  H  N N 70  
ASP HB3  H  N N 71  
ASP HD2  H  N N 72  
ASP HXT  H  N N 73  
CYS N    N  N N 74  
CYS CA   C  N R 75  
CYS C    C  N N 76  
CYS O    O  N N 77  
CYS CB   C  N N 78  
CYS SG   S  N N 79  
CYS OXT  O  N N 80  
CYS H    H  N N 81  
CYS H2   H  N N 82  
CYS HA   H  N N 83  
CYS HB2  H  N N 84  
CYS HB3  H  N N 85  
CYS HG   H  N N 86  
CYS HXT  H  N N 87  
GLN N    N  N N 88  
GLN CA   C  N S 89  
GLN C    C  N N 90  
GLN O    O  N N 91  
GLN CB   C  N N 92  
GLN CG   C  N N 93  
GLN CD   C  N N 94  
GLN OE1  O  N N 95  
GLN NE2  N  N N 96  
GLN OXT  O  N N 97  
GLN H    H  N N 98  
GLN H2   H  N N 99  
GLN HA   H  N N 100 
GLN HB2  H  N N 101 
GLN HB3  H  N N 102 
GLN HG2  H  N N 103 
GLN HG3  H  N N 104 
GLN HE21 H  N N 105 
GLN HE22 H  N N 106 
GLN HXT  H  N N 107 
GLU N    N  N N 108 
GLU CA   C  N S 109 
GLU C    C  N N 110 
GLU O    O  N N 111 
GLU CB   C  N N 112 
GLU CG   C  N N 113 
GLU CD   C  N N 114 
GLU OE1  O  N N 115 
GLU OE2  O  N N 116 
GLU OXT  O  N N 117 
GLU H    H  N N 118 
GLU H2   H  N N 119 
GLU HA   H  N N 120 
GLU HB2  H  N N 121 
GLU HB3  H  N N 122 
GLU HG2  H  N N 123 
GLU HG3  H  N N 124 
GLU HE2  H  N N 125 
GLU HXT  H  N N 126 
GLY N    N  N N 127 
GLY CA   C  N N 128 
GLY C    C  N N 129 
GLY O    O  N N 130 
GLY OXT  O  N N 131 
GLY H    H  N N 132 
GLY H2   H  N N 133 
GLY HA2  H  N N 134 
GLY HA3  H  N N 135 
GLY HXT  H  N N 136 
HIS N    N  N N 137 
HIS CA   C  N S 138 
HIS C    C  N N 139 
HIS O    O  N N 140 
HIS CB   C  N N 141 
HIS CG   C  Y N 142 
HIS ND1  N  Y N 143 
HIS CD2  C  Y N 144 
HIS CE1  C  Y N 145 
HIS NE2  N  Y N 146 
HIS OXT  O  N N 147 
HIS H    H  N N 148 
HIS H2   H  N N 149 
HIS HA   H  N N 150 
HIS HB2  H  N N 151 
HIS HB3  H  N N 152 
HIS HD1  H  N N 153 
HIS HD2  H  N N 154 
HIS HE1  H  N N 155 
HIS HE2  H  N N 156 
HIS HXT  H  N N 157 
HOH O    O  N N 158 
HOH H1   H  N N 159 
HOH H2   H  N N 160 
ILE N    N  N N 161 
ILE CA   C  N S 162 
ILE C    C  N N 163 
ILE O    O  N N 164 
ILE CB   C  N S 165 
ILE CG1  C  N N 166 
ILE CG2  C  N N 167 
ILE CD1  C  N N 168 
ILE OXT  O  N N 169 
ILE H    H  N N 170 
ILE H2   H  N N 171 
ILE HA   H  N N 172 
ILE HB   H  N N 173 
ILE HG12 H  N N 174 
ILE HG13 H  N N 175 
ILE HG21 H  N N 176 
ILE HG22 H  N N 177 
ILE HG23 H  N N 178 
ILE HD11 H  N N 179 
ILE HD12 H  N N 180 
ILE HD13 H  N N 181 
ILE HXT  H  N N 182 
LEU N    N  N N 183 
LEU CA   C  N S 184 
LEU C    C  N N 185 
LEU O    O  N N 186 
LEU CB   C  N N 187 
LEU CG   C  N N 188 
LEU CD1  C  N N 189 
LEU CD2  C  N N 190 
LEU OXT  O  N N 191 
LEU H    H  N N 192 
LEU H2   H  N N 193 
LEU HA   H  N N 194 
LEU HB2  H  N N 195 
LEU HB3  H  N N 196 
LEU HG   H  N N 197 
LEU HD11 H  N N 198 
LEU HD12 H  N N 199 
LEU HD13 H  N N 200 
LEU HD21 H  N N 201 
LEU HD22 H  N N 202 
LEU HD23 H  N N 203 
LEU HXT  H  N N 204 
LYS N    N  N N 205 
LYS CA   C  N S 206 
LYS C    C  N N 207 
LYS O    O  N N 208 
LYS CB   C  N N 209 
LYS CG   C  N N 210 
LYS CD   C  N N 211 
LYS CE   C  N N 212 
LYS NZ   N  N N 213 
LYS OXT  O  N N 214 
LYS H    H  N N 215 
LYS H2   H  N N 216 
LYS HA   H  N N 217 
LYS HB2  H  N N 218 
LYS HB3  H  N N 219 
LYS HG2  H  N N 220 
LYS HG3  H  N N 221 
LYS HD2  H  N N 222 
LYS HD3  H  N N 223 
LYS HE2  H  N N 224 
LYS HE3  H  N N 225 
LYS HZ1  H  N N 226 
LYS HZ2  H  N N 227 
LYS HZ3  H  N N 228 
LYS HXT  H  N N 229 
MET N    N  N N 230 
MET CA   C  N S 231 
MET C    C  N N 232 
MET O    O  N N 233 
MET CB   C  N N 234 
MET CG   C  N N 235 
MET SD   S  N N 236 
MET CE   C  N N 237 
MET OXT  O  N N 238 
MET H    H  N N 239 
MET H2   H  N N 240 
MET HA   H  N N 241 
MET HB2  H  N N 242 
MET HB3  H  N N 243 
MET HG2  H  N N 244 
MET HG3  H  N N 245 
MET HE1  H  N N 246 
MET HE2  H  N N 247 
MET HE3  H  N N 248 
MET HXT  H  N N 249 
PHE N    N  N N 250 
PHE CA   C  N S 251 
PHE C    C  N N 252 
PHE O    O  N N 253 
PHE CB   C  N N 254 
PHE CG   C  Y N 255 
PHE CD1  C  Y N 256 
PHE CD2  C  Y N 257 
PHE CE1  C  Y N 258 
PHE CE2  C  Y N 259 
PHE CZ   C  Y N 260 
PHE OXT  O  N N 261 
PHE H    H  N N 262 
PHE H2   H  N N 263 
PHE HA   H  N N 264 
PHE HB2  H  N N 265 
PHE HB3  H  N N 266 
PHE HD1  H  N N 267 
PHE HD2  H  N N 268 
PHE HE1  H  N N 269 
PHE HE2  H  N N 270 
PHE HZ   H  N N 271 
PHE HXT  H  N N 272 
PRO N    N  N N 273 
PRO CA   C  N S 274 
PRO C    C  N N 275 
PRO O    O  N N 276 
PRO CB   C  N N 277 
PRO CG   C  N N 278 
PRO CD   C  N N 279 
PRO OXT  O  N N 280 
PRO H    H  N N 281 
PRO HA   H  N N 282 
PRO HB2  H  N N 283 
PRO HB3  H  N N 284 
PRO HG2  H  N N 285 
PRO HG3  H  N N 286 
PRO HD2  H  N N 287 
PRO HD3  H  N N 288 
PRO HXT  H  N N 289 
SER N    N  N N 290 
SER CA   C  N S 291 
SER C    C  N N 292 
SER O    O  N N 293 
SER CB   C  N N 294 
SER OG   O  N N 295 
SER OXT  O  N N 296 
SER H    H  N N 297 
SER H2   H  N N 298 
SER HA   H  N N 299 
SER HB2  H  N N 300 
SER HB3  H  N N 301 
SER HG   H  N N 302 
SER HXT  H  N N 303 
THR N    N  N N 304 
THR CA   C  N S 305 
THR C    C  N N 306 
THR O    O  N N 307 
THR CB   C  N R 308 
THR OG1  O  N N 309 
THR CG2  C  N N 310 
THR OXT  O  N N 311 
THR H    H  N N 312 
THR H2   H  N N 313 
THR HA   H  N N 314 
THR HB   H  N N 315 
THR HG1  H  N N 316 
THR HG21 H  N N 317 
THR HG22 H  N N 318 
THR HG23 H  N N 319 
THR HXT  H  N N 320 
TYR N    N  N N 321 
TYR CA   C  N S 322 
TYR C    C  N N 323 
TYR O    O  N N 324 
TYR CB   C  N N 325 
TYR CG   C  Y N 326 
TYR CD1  C  Y N 327 
TYR CD2  C  Y N 328 
TYR CE1  C  Y N 329 
TYR CE2  C  Y N 330 
TYR CZ   C  Y N 331 
TYR OH   O  N N 332 
TYR OXT  O  N N 333 
TYR H    H  N N 334 
TYR H2   H  N N 335 
TYR HA   H  N N 336 
TYR HB2  H  N N 337 
TYR HB3  H  N N 338 
TYR HD1  H  N N 339 
TYR HD2  H  N N 340 
TYR HE1  H  N N 341 
TYR HE2  H  N N 342 
TYR HH   H  N N 343 
TYR HXT  H  N N 344 
VAL N    N  N N 345 
VAL CA   C  N S 346 
VAL C    C  N N 347 
VAL O    O  N N 348 
VAL CB   C  N N 349 
VAL CG1  C  N N 350 
VAL CG2  C  N N 351 
VAL OXT  O  N N 352 
VAL H    H  N N 353 
VAL H2   H  N N 354 
VAL HA   H  N N 355 
VAL HB   H  N N 356 
VAL HG11 H  N N 357 
VAL HG12 H  N N 358 
VAL HG13 H  N N 359 
VAL HG21 H  N N 360 
VAL HG22 H  N N 361 
VAL HG23 H  N N 362 
VAL HXT  H  N N 363 
ZN  ZN   ZN N N 364 
# 
loop_
_chem_comp_bond.comp_id 
_chem_comp_bond.atom_id_1 
_chem_comp_bond.atom_id_2 
_chem_comp_bond.value_order 
_chem_comp_bond.pdbx_aromatic_flag 
_chem_comp_bond.pdbx_stereo_config 
_chem_comp_bond.pdbx_ordinal 
ALA N   CA   sing N N 1   
ALA N   H    sing N N 2   
ALA N   H2   sing N N 3   
ALA CA  C    sing N N 4   
ALA CA  CB   sing N N 5   
ALA CA  HA   sing N N 6   
ALA C   O    doub N N 7   
ALA C   OXT  sing N N 8   
ALA CB  HB1  sing N N 9   
ALA CB  HB2  sing N N 10  
ALA CB  HB3  sing N N 11  
ALA OXT HXT  sing N N 12  
ARG N   CA   sing N N 13  
ARG N   H    sing N N 14  
ARG N   H2   sing N N 15  
ARG CA  C    sing N N 16  
ARG CA  CB   sing N N 17  
ARG CA  HA   sing N N 18  
ARG C   O    doub N N 19  
ARG C   OXT  sing N N 20  
ARG CB  CG   sing N N 21  
ARG CB  HB2  sing N N 22  
ARG CB  HB3  sing N N 23  
ARG CG  CD   sing N N 24  
ARG CG  HG2  sing N N 25  
ARG CG  HG3  sing N N 26  
ARG CD  NE   sing N N 27  
ARG CD  HD2  sing N N 28  
ARG CD  HD3  sing N N 29  
ARG NE  CZ   sing N N 30  
ARG NE  HE   sing N N 31  
ARG CZ  NH1  sing N N 32  
ARG CZ  NH2  doub N N 33  
ARG NH1 HH11 sing N N 34  
ARG NH1 HH12 sing N N 35  
ARG NH2 HH21 sing N N 36  
ARG NH2 HH22 sing N N 37  
ARG OXT HXT  sing N N 38  
ASN N   CA   sing N N 39  
ASN N   H    sing N N 40  
ASN N   H2   sing N N 41  
ASN CA  C    sing N N 42  
ASN CA  CB   sing N N 43  
ASN CA  HA   sing N N 44  
ASN C   O    doub N N 45  
ASN C   OXT  sing N N 46  
ASN CB  CG   sing N N 47  
ASN CB  HB2  sing N N 48  
ASN CB  HB3  sing N N 49  
ASN CG  OD1  doub N N 50  
ASN CG  ND2  sing N N 51  
ASN ND2 HD21 sing N N 52  
ASN ND2 HD22 sing N N 53  
ASN OXT HXT  sing N N 54  
ASP N   CA   sing N N 55  
ASP N   H    sing N N 56  
ASP N   H2   sing N N 57  
ASP CA  C    sing N N 58  
ASP CA  CB   sing N N 59  
ASP CA  HA   sing N N 60  
ASP C   O    doub N N 61  
ASP C   OXT  sing N N 62  
ASP CB  CG   sing N N 63  
ASP CB  HB2  sing N N 64  
ASP CB  HB3  sing N N 65  
ASP CG  OD1  doub N N 66  
ASP CG  OD2  sing N N 67  
ASP OD2 HD2  sing N N 68  
ASP OXT HXT  sing N N 69  
CYS N   CA   sing N N 70  
CYS N   H    sing N N 71  
CYS N   H2   sing N N 72  
CYS CA  C    sing N N 73  
CYS CA  CB   sing N N 74  
CYS CA  HA   sing N N 75  
CYS C   O    doub N N 76  
CYS C   OXT  sing N N 77  
CYS CB  SG   sing N N 78  
CYS CB  HB2  sing N N 79  
CYS CB  HB3  sing N N 80  
CYS SG  HG   sing N N 81  
CYS OXT HXT  sing N N 82  
GLN N   CA   sing N N 83  
GLN N   H    sing N N 84  
GLN N   H2   sing N N 85  
GLN CA  C    sing N N 86  
GLN CA  CB   sing N N 87  
GLN CA  HA   sing N N 88  
GLN C   O    doub N N 89  
GLN C   OXT  sing N N 90  
GLN CB  CG   sing N N 91  
GLN CB  HB2  sing N N 92  
GLN CB  HB3  sing N N 93  
GLN CG  CD   sing N N 94  
GLN CG  HG2  sing N N 95  
GLN CG  HG3  sing N N 96  
GLN CD  OE1  doub N N 97  
GLN CD  NE2  sing N N 98  
GLN NE2 HE21 sing N N 99  
GLN NE2 HE22 sing N N 100 
GLN OXT HXT  sing N N 101 
GLU N   CA   sing N N 102 
GLU N   H    sing N N 103 
GLU N   H2   sing N N 104 
GLU CA  C    sing N N 105 
GLU CA  CB   sing N N 106 
GLU CA  HA   sing N N 107 
GLU C   O    doub N N 108 
GLU C   OXT  sing N N 109 
GLU CB  CG   sing N N 110 
GLU CB  HB2  sing N N 111 
GLU CB  HB3  sing N N 112 
GLU CG  CD   sing N N 113 
GLU CG  HG2  sing N N 114 
GLU CG  HG3  sing N N 115 
GLU CD  OE1  doub N N 116 
GLU CD  OE2  sing N N 117 
GLU OE2 HE2  sing N N 118 
GLU OXT HXT  sing N N 119 
GLY N   CA   sing N N 120 
GLY N   H    sing N N 121 
GLY N   H2   sing N N 122 
GLY CA  C    sing N N 123 
GLY CA  HA2  sing N N 124 
GLY CA  HA3  sing N N 125 
GLY C   O    doub N N 126 
GLY C   OXT  sing N N 127 
GLY OXT HXT  sing N N 128 
HIS N   CA   sing N N 129 
HIS N   H    sing N N 130 
HIS N   H2   sing N N 131 
HIS CA  C    sing N N 132 
HIS CA  CB   sing N N 133 
HIS CA  HA   sing N N 134 
HIS C   O    doub N N 135 
HIS C   OXT  sing N N 136 
HIS CB  CG   sing N N 137 
HIS CB  HB2  sing N N 138 
HIS CB  HB3  sing N N 139 
HIS CG  ND1  sing Y N 140 
HIS CG  CD2  doub Y N 141 
HIS ND1 CE1  doub Y N 142 
HIS ND1 HD1  sing N N 143 
HIS CD2 NE2  sing Y N 144 
HIS CD2 HD2  sing N N 145 
HIS CE1 NE2  sing Y N 146 
HIS CE1 HE1  sing N N 147 
HIS NE2 HE2  sing N N 148 
HIS OXT HXT  sing N N 149 
HOH O   H1   sing N N 150 
HOH O   H2   sing N N 151 
ILE N   CA   sing N N 152 
ILE N   H    sing N N 153 
ILE N   H2   sing N N 154 
ILE CA  C    sing N N 155 
ILE CA  CB   sing N N 156 
ILE CA  HA   sing N N 157 
ILE C   O    doub N N 158 
ILE C   OXT  sing N N 159 
ILE CB  CG1  sing N N 160 
ILE CB  CG2  sing N N 161 
ILE CB  HB   sing N N 162 
ILE CG1 CD1  sing N N 163 
ILE CG1 HG12 sing N N 164 
ILE CG1 HG13 sing N N 165 
ILE CG2 HG21 sing N N 166 
ILE CG2 HG22 sing N N 167 
ILE CG2 HG23 sing N N 168 
ILE CD1 HD11 sing N N 169 
ILE CD1 HD12 sing N N 170 
ILE CD1 HD13 sing N N 171 
ILE OXT HXT  sing N N 172 
LEU N   CA   sing N N 173 
LEU N   H    sing N N 174 
LEU N   H2   sing N N 175 
LEU CA  C    sing N N 176 
LEU CA  CB   sing N N 177 
LEU CA  HA   sing N N 178 
LEU C   O    doub N N 179 
LEU C   OXT  sing N N 180 
LEU CB  CG   sing N N 181 
LEU CB  HB2  sing N N 182 
LEU CB  HB3  sing N N 183 
LEU CG  CD1  sing N N 184 
LEU CG  CD2  sing N N 185 
LEU CG  HG   sing N N 186 
LEU CD1 HD11 sing N N 187 
LEU CD1 HD12 sing N N 188 
LEU CD1 HD13 sing N N 189 
LEU CD2 HD21 sing N N 190 
LEU CD2 HD22 sing N N 191 
LEU CD2 HD23 sing N N 192 
LEU OXT HXT  sing N N 193 
LYS N   CA   sing N N 194 
LYS N   H    sing N N 195 
LYS N   H2   sing N N 196 
LYS CA  C    sing N N 197 
LYS CA  CB   sing N N 198 
LYS CA  HA   sing N N 199 
LYS C   O    doub N N 200 
LYS C   OXT  sing N N 201 
LYS CB  CG   sing N N 202 
LYS CB  HB2  sing N N 203 
LYS CB  HB3  sing N N 204 
LYS CG  CD   sing N N 205 
LYS CG  HG2  sing N N 206 
LYS CG  HG3  sing N N 207 
LYS CD  CE   sing N N 208 
LYS CD  HD2  sing N N 209 
LYS CD  HD3  sing N N 210 
LYS CE  NZ   sing N N 211 
LYS CE  HE2  sing N N 212 
LYS CE  HE3  sing N N 213 
LYS NZ  HZ1  sing N N 214 
LYS NZ  HZ2  sing N N 215 
LYS NZ  HZ3  sing N N 216 
LYS OXT HXT  sing N N 217 
MET N   CA   sing N N 218 
MET N   H    sing N N 219 
MET N   H2   sing N N 220 
MET CA  C    sing N N 221 
MET CA  CB   sing N N 222 
MET CA  HA   sing N N 223 
MET C   O    doub N N 224 
MET C   OXT  sing N N 225 
MET CB  CG   sing N N 226 
MET CB  HB2  sing N N 227 
MET CB  HB3  sing N N 228 
MET CG  SD   sing N N 229 
MET CG  HG2  sing N N 230 
MET CG  HG3  sing N N 231 
MET SD  CE   sing N N 232 
MET CE  HE1  sing N N 233 
MET CE  HE2  sing N N 234 
MET CE  HE3  sing N N 235 
MET OXT HXT  sing N N 236 
PHE N   CA   sing N N 237 
PHE N   H    sing N N 238 
PHE N   H2   sing N N 239 
PHE CA  C    sing N N 240 
PHE CA  CB   sing N N 241 
PHE CA  HA   sing N N 242 
PHE C   O    doub N N 243 
PHE C   OXT  sing N N 244 
PHE CB  CG   sing N N 245 
PHE CB  HB2  sing N N 246 
PHE CB  HB3  sing N N 247 
PHE CG  CD1  doub Y N 248 
PHE CG  CD2  sing Y N 249 
PHE CD1 CE1  sing Y N 250 
PHE CD1 HD1  sing N N 251 
PHE CD2 CE2  doub Y N 252 
PHE CD2 HD2  sing N N 253 
PHE CE1 CZ   doub Y N 254 
PHE CE1 HE1  sing N N 255 
PHE CE2 CZ   sing Y N 256 
PHE CE2 HE2  sing N N 257 
PHE CZ  HZ   sing N N 258 
PHE OXT HXT  sing N N 259 
PRO N   CA   sing N N 260 
PRO N   CD   sing N N 261 
PRO N   H    sing N N 262 
PRO CA  C    sing N N 263 
PRO CA  CB   sing N N 264 
PRO CA  HA   sing N N 265 
PRO C   O    doub N N 266 
PRO C   OXT  sing N N 267 
PRO CB  CG   sing N N 268 
PRO CB  HB2  sing N N 269 
PRO CB  HB3  sing N N 270 
PRO CG  CD   sing N N 271 
PRO CG  HG2  sing N N 272 
PRO CG  HG3  sing N N 273 
PRO CD  HD2  sing N N 274 
PRO CD  HD3  sing N N 275 
PRO OXT HXT  sing N N 276 
SER N   CA   sing N N 277 
SER N   H    sing N N 278 
SER N   H2   sing N N 279 
SER CA  C    sing N N 280 
SER CA  CB   sing N N 281 
SER CA  HA   sing N N 282 
SER C   O    doub N N 283 
SER C   OXT  sing N N 284 
SER CB  OG   sing N N 285 
SER CB  HB2  sing N N 286 
SER CB  HB3  sing N N 287 
SER OG  HG   sing N N 288 
SER OXT HXT  sing N N 289 
THR N   CA   sing N N 290 
THR N   H    sing N N 291 
THR N   H2   sing N N 292 
THR CA  C    sing N N 293 
THR CA  CB   sing N N 294 
THR CA  HA   sing N N 295 
THR C   O    doub N N 296 
THR C   OXT  sing N N 297 
THR CB  OG1  sing N N 298 
THR CB  CG2  sing N N 299 
THR CB  HB   sing N N 300 
THR OG1 HG1  sing N N 301 
THR CG2 HG21 sing N N 302 
THR CG2 HG22 sing N N 303 
THR CG2 HG23 sing N N 304 
THR OXT HXT  sing N N 305 
TYR N   CA   sing N N 306 
TYR N   H    sing N N 307 
TYR N   H2   sing N N 308 
TYR CA  C    sing N N 309 
TYR CA  CB   sing N N 310 
TYR CA  HA   sing N N 311 
TYR C   O    doub N N 312 
TYR C   OXT  sing N N 313 
TYR CB  CG   sing N N 314 
TYR CB  HB2  sing N N 315 
TYR CB  HB3  sing N N 316 
TYR CG  CD1  doub Y N 317 
TYR CG  CD2  sing Y N 318 
TYR CD1 CE1  sing Y N 319 
TYR CD1 HD1  sing N N 320 
TYR CD2 CE2  doub Y N 321 
TYR CD2 HD2  sing N N 322 
TYR CE1 CZ   doub Y N 323 
TYR CE1 HE1  sing N N 324 
TYR CE2 CZ   sing Y N 325 
TYR CE2 HE2  sing N N 326 
TYR CZ  OH   sing N N 327 
TYR OH  HH   sing N N 328 
TYR OXT HXT  sing N N 329 
VAL N   CA   sing N N 330 
VAL N   H    sing N N 331 
VAL N   H2   sing N N 332 
VAL CA  C    sing N N 333 
VAL CA  CB   sing N N 334 
VAL CA  HA   sing N N 335 
VAL C   O    doub N N 336 
VAL C   OXT  sing N N 337 
VAL CB  CG1  sing N N 338 
VAL CB  CG2  sing N N 339 
VAL CB  HB   sing N N 340 
VAL CG1 HG11 sing N N 341 
VAL CG1 HG12 sing N N 342 
VAL CG1 HG13 sing N N 343 
VAL CG2 HG21 sing N N 344 
VAL CG2 HG22 sing N N 345 
VAL CG2 HG23 sing N N 346 
VAL OXT HXT  sing N N 347 
# 
_pdbx_audit_support.funding_organization   'Not funded' 
_pdbx_audit_support.country                ? 
_pdbx_audit_support.grant_number           ? 
_pdbx_audit_support.ordinal                1 
# 
_pdbx_entity_instance_feature.ordinal        1 
_pdbx_entity_instance_feature.comp_id        ZN 
_pdbx_entity_instance_feature.asym_id        ? 
_pdbx_entity_instance_feature.seq_num        ? 
_pdbx_entity_instance_feature.auth_comp_id   ZN 
_pdbx_entity_instance_feature.auth_asym_id   ? 
_pdbx_entity_instance_feature.auth_seq_num   ? 
_pdbx_entity_instance_feature.feature_type   'SUBJECT OF INVESTIGATION' 
_pdbx_entity_instance_feature.details        ? 
# 
_pdbx_initial_refinement_model.id               1 
_pdbx_initial_refinement_model.entity_id_list   ? 
_pdbx_initial_refinement_model.type             'experimental model' 
_pdbx_initial_refinement_model.source_name      PDB 
_pdbx_initial_refinement_model.accession_code   2W57 
_pdbx_initial_refinement_model.details          ? 
# 
_atom_sites.entry_id                    8J6W 
_atom_sites.Cartn_transf_matrix[1][1]   ? 
_atom_sites.Cartn_transf_matrix[1][2]   ? 
_atom_sites.Cartn_transf_matrix[1][3]   ? 
_atom_sites.Cartn_transf_matrix[2][1]   ? 
_atom_sites.Cartn_transf_matrix[2][2]   ? 
_atom_sites.Cartn_transf_matrix[2][3]   ? 
_atom_sites.Cartn_transf_matrix[3][1]   ? 
_atom_sites.Cartn_transf_matrix[3][2]   ? 
_atom_sites.Cartn_transf_matrix[3][3]   ? 
_atom_sites.Cartn_transf_vector[1]      ? 
_atom_sites.Cartn_transf_vector[2]      ? 
_atom_sites.Cartn_transf_vector[3]      ? 
_atom_sites.Cartn_transform_axes        ? 
_atom_sites.fract_transf_matrix[1][1]   -0.00276989 
_atom_sites.fract_transf_matrix[1][2]   0.00605666 
_atom_sites.fract_transf_matrix[1][3]   -0.01281918 
_atom_sites.fract_transf_matrix[2][1]   0.01298461 
_atom_sites.fract_transf_matrix[2][2]   -0.00416138 
_atom_sites.fract_transf_matrix[2][3]   -0.00477176 
_atom_sites.fract_transf_matrix[3][1]   -0.00537887 
_atom_sites.fract_transf_matrix[3][2]   -0.01175027 
_atom_sites.fract_transf_matrix[3][3]   -0.00438940 
_atom_sites.fract_transf_vector[1]      -0.214093 
_atom_sites.fract_transf_vector[2]      -0.136621 
_atom_sites.fract_transf_vector[3]      0.202670 
_atom_sites.solution_primary            ? 
_atom_sites.solution_secondary          ? 
_atom_sites.solution_hydrogens          ? 
_atom_sites.special_details             ? 
# 
loop_
_atom_type.symbol 
C  
N  
O  
S  
ZN 
# 
loop_
_atom_site.group_PDB 
_atom_site.id 
_atom_site.type_symbol 
_atom_site.label_atom_id 
_atom_site.label_alt_id 
_atom_site.label_comp_id 
_atom_site.label_asym_id 
_atom_site.label_entity_id 
_atom_site.label_seq_id 
_atom_site.pdbx_PDB_ins_code 
_atom_site.Cartn_x 
_atom_site.Cartn_y 
_atom_site.Cartn_z 
_atom_site.occupancy 
_atom_site.B_iso_or_equiv 
_atom_site.pdbx_formal_charge 
_atom_site.auth_seq_id 
_atom_site.auth_comp_id 
_atom_site.auth_asym_id 
_atom_site.auth_atom_id 
_atom_site.pdbx_PDB_model_num 
ATOM   1    N  N   . ASP A 1 3   ? -15.91835 -10.75885 -9.35194  1.000 76.41000  ? 3   ASP A N   1 
ATOM   2    C  CA  . ASP A 1 3   ? -15.80500 -9.56366  -8.51762  1.000 93.35000  ? 3   ASP A CA  1 
ATOM   3    C  C   . ASP A 1 3   ? -14.52360 -8.80132  -8.80169  1.000 91.91000  ? 3   ASP A C   1 
ATOM   4    O  O   . ASP A 1 3   ? -14.55640 -7.61711  -9.14564  1.000 93.94000  ? 3   ASP A O   1 
ATOM   5    C  CB  . ASP A 1 3   ? -15.86141 -9.91650  -7.03136  1.000 98.74000  ? 3   ASP A CB  1 
ATOM   6    C  CG  . ASP A 1 3   ? -16.07782 -8.68675  -6.14665  1.000 98.86000  ? 3   ASP A CG  1 
ATOM   7    O  OD1 . ASP A 1 3   ? -16.76422 -7.73433  -6.58961  1.000 96.24000  ? 3   ASP A OD1 1 
ATOM   8    O  OD2 . ASP A 1 3   ? -15.56498 -8.67997  -5.00227  1.000 96.96000  ? 3   ASP A OD2 1 
ATOM   9    N  N   . ASN A 1 4   ? -13.38518 -9.47205  -8.60954  1.000 94.80000  ? 4   ASN A N   1 
ATOM   10   C  CA  . ASN A 1 4   ? -12.13451 -8.95499  -9.15386  1.000 85.82000  ? 4   ASN A CA  1 
ATOM   11   C  C   . ASN A 1 4   ? -12.24742 -8.79118  -10.66355 1.000 87.46000  ? 4   ASN A C   1 
ATOM   12   O  O   . ASN A 1 4   ? -11.69671 -7.84163  -11.23430 1.000 81.24000  ? 4   ASN A O   1 
ATOM   13   C  CB  . ASN A 1 4   ? -10.97778 -9.89516  -8.81012  1.000 84.19000  ? 4   ASN A CB  1 
ATOM   14   C  CG  . ASN A 1 4   ? -10.14710 -9.41651  -7.63318  1.000 82.82000  ? 4   ASN A CG  1 
ATOM   15   O  OD1 . ASN A 1 4   ? -10.34246 -8.31830  -7.10929  1.000 79.92000  ? 4   ASN A OD1 1 
ATOM   16   N  ND2 . ASN A 1 4   ? -9.20357  -10.25649 -7.20618  1.000 82.29000  ? 4   ASN A ND2 1 
ATOM   17   N  N   . ASN A 1 5   ? -12.95867 -9.71658  -11.32572 1.000 86.91000  ? 5   ASN A N   1 
ATOM   18   C  CA  . ASN A 1 5   ? -13.19267 -9.60130  -12.76230 1.000 83.09000  ? 5   ASN A CA  1 
ATOM   19   C  C   . ASN A 1 5   ? -13.87743 -8.28257  -13.09340 1.000 84.08000  ? 5   ASN A C   1 
ATOM   20   O  O   . ASN A 1 5   ? -13.46702 -7.56980  -14.01504 1.000 85.71000  ? 5   ASN A O   1 
ATOM   21   C  CB  . ASN A 1 5   ? -14.03882 -10.77669 -13.26778 1.000 85.54000  ? 5   ASN A CB  1 
ATOM   22   C  CG  . ASN A 1 5   ? -13.66702 -12.10704 -12.62776 1.000 87.24000  ? 5   ASN A CG  1 
ATOM   23   O  OD1 . ASN A 1 5   ? -12.53388 -12.56972 -12.73736 1.000 85.63000  ? 5   ASN A OD1 1 
ATOM   24   N  ND2 . ASN A 1 5   ? -14.62688 -12.72142 -11.93984 1.000 90.79000  ? 5   ASN A ND2 1 
ATOM   25   N  N   . THR A 1 6   ? -14.92133 -7.94681  -12.33056 1.000 84.63000  ? 6   THR A N   1 
ATOM   26   C  CA  . THR A 1 6   ? -15.69546 -6.70672  -12.61527 1.000 86.71000  ? 6   THR A CA  1 
ATOM   27   C  C   . THR A 1 6   ? -14.79509 -5.47567  -12.45582 1.000 85.48000  ? 6   THR A C   1 
ATOM   28   O  O   . THR A 1 6   ? -14.68835 -4.71724  -13.43226 1.000 81.53000  ? 6   THR A O   1 
ATOM   29   C  CB  . THR A 1 6   ? -16.98901 -6.65491  -11.79066 1.000 85.94000  ? 6   THR A CB  1 
ATOM   30   O  OG1 . THR A 1 6   ? -16.69614 -6.21351  -10.46439 1.000 88.92000  ? 6   THR A OG1 1 
ATOM   31   C  CG2 . THR A 1 6   ? -17.69601 -7.99096  -11.73498 1.000 87.89000  ? 6   THR A CG2 1 
ATOM   32   N  N   . ALA A 1 7   ? -14.16223 -5.29783  -11.29148 1.000 81.29000  ? 7   ALA A N   1 
ATOM   33   C  CA  . ALA A 1 7   ? -13.34720 -4.11904  -11.04925 1.000 80.91000  ? 7   ALA A CA  1 
ATOM   34   C  C   . ALA A 1 7   ? -12.25181 -3.94359  -12.10569 1.000 82.48000  ? 7   ALA A C   1 
ATOM   35   O  O   . ALA A 1 7   ? -11.91702 -2.81266  -12.47762 1.000 81.81000  ? 7   ALA A O   1 
ATOM   36   C  CB  . ALA A 1 7   ? -12.75142 -4.20654  -9.64842  1.000 88.43000  ? 7   ALA A CB  1 
ATOM   37   N  N   . LEU A 1 8   ? -11.68455 -5.04474  -12.61104 1.000 85.07000  ? 8   LEU A N   1 
ATOM   38   C  CA  . LEU A 1 8   ? -10.64756 -4.92205  -13.63810 1.000 82.68000  ? 8   LEU A CA  1 
ATOM   39   C  C   . LEU A 1 8   ? -11.20182 -4.27501  -14.89623 1.000 82.34000  ? 8   LEU A C   1 
ATOM   40   O  O   . LEU A 1 8   ? -10.55693 -3.41117  -15.50529 1.000 81.12000  ? 8   LEU A O   1 
ATOM   41   C  CB  . LEU A 1 8   ? -10.04739 -6.28718  -13.99017 1.000 79.21000  ? 8   LEU A CB  1 
ATOM   42   C  CG  . LEU A 1 8   ? -8.74957  -6.69549  -13.29040 1.000 81.52000  ? 8   LEU A CG  1 
ATOM   43   C  CD1 . LEU A 1 8   ? -8.25662  -8.04299  -13.81945 1.000 73.10000  ? 8   LEU A CD1 1 
ATOM   44   C  CD2 . LEU A 1 8   ? -7.67584  -5.60680  -13.40696 1.000 75.86000  ? 8   LEU A CD2 1 
ATOM   45   N  N   . LYS A 1 9   ? -12.39154 -4.70692  -15.31990 1.000 80.33000  ? 9   LYS A N   1 
ATOM   46   C  CA  . LYS A 1 9   ? -12.99511 -4.10797  -16.49769 1.000 79.83000  ? 9   LYS A CA  1 
ATOM   47   C  C   . LYS A 1 9   ? -13.32940 -2.63932  -16.25107 1.000 78.23000  ? 9   LYS A C   1 
ATOM   48   O  O   . LYS A 1 9   ? -13.09927 -1.79998  -17.12580 1.000 75.25000  ? 9   LYS A O   1 
ATOM   49   C  CB  . LYS A 1 9   ? -14.23620 -4.90066  -16.93423 1.000 81.88000  ? 9   LYS A CB  1 
ATOM   50   C  CG  . LYS A 1 9   ? -13.93080 -6.31089  -17.51325 1.000 93.36000  ? 9   LYS A CG  1 
ATOM   51   C  CD  . LYS A 1 9   ? -15.18986 -7.07628  -18.01640 1.000 94.05000  ? 9   LYS A CD  1 
ATOM   52   C  CE  . LYS A 1 9   ? -15.60140 -8.24416  -17.11570 1.000 84.06000  ? 9   LYS A CE  1 
ATOM   53   N  NZ  . LYS A 1 9   ? -16.91389 -8.84777  -17.55116 1.000 94.50000  ? 9   LYS A NZ  1 
ATOM   54   N  N   . LYS A 1 10  ? -13.84747 -2.32125  -15.05916 1.000 76.09000  ? 10  LYS A N   1 
ATOM   55   C  CA  . LYS A 1 10  ? -14.25909 -0.92143  -14.74496 1.000 75.54000  ? 10  LYS A CA  1 
ATOM   56   C  C   . LYS A 1 10  ? -13.09172 0.03567   -15.01266 1.000 73.51000  ? 10  LYS A C   1 
ATOM   57   O  O   . LYS A 1 10  ? -13.36017 1.20732   -15.34205 1.000 73.86000  ? 10  LYS A O   1 
ATOM   58   C  CB  . LYS A 1 10  ? -14.71665 -0.80572  -13.28759 1.000 72.92000  ? 10  LYS A CB  1 
ATOM   59   C  CG  . LYS A 1 10  ? -15.91113 -1.66485  -12.89450 1.000 86.79000  ? 10  LYS A CG  1 
ATOM   60   C  CD  . LYS A 1 10  ? -17.03683 -1.65670  -13.90616 1.000 82.45000  ? 10  LYS A CD  1 
ATOM   61   C  CE  . LYS A 1 10  ? -17.74844 -2.98990  -14.00478 1.000 84.82000  ? 10  LYS A CE  1 
ATOM   62   N  NZ  . LYS A 1 10  ? -17.06711 -3.90654  -14.94795 1.000 86.52000  ? 10  LYS A NZ  1 
ATOM   63   N  N   . ALA A 1 11  ? -11.85249 -0.44456  -14.88189 1.000 74.58000  ? 11  ALA A N   1 
ATOM   64   C  CA  . ALA A 1 11  ? -10.64765 0.39045   -15.09254 1.000 74.16000  ? 11  ALA A CA  1 
ATOM   65   C  C   . ALA A 1 11  ? -10.27293 0.42637   -16.57757 1.000 74.70000  ? 11  ALA A C   1 
ATOM   66   O  O   . ALA A 1 11  ? -9.66002  1.42812   -16.99736 1.000 68.29000  ? 11  ALA A O   1 
ATOM   67   C  CB  . ALA A 1 11  ? -9.52575  -0.17583  -14.27050 1.000 77.22000  ? 11  ALA A CB  1 
ATOM   68   N  N   . GLY A 1 12  ? -10.61438 -0.61948  -17.33937 1.000 78.75000  ? 12  GLY A N   1 
ATOM   69   C  CA  . GLY A 1 12  ? -10.23204 -0.67624  -18.73798 1.000 77.85000  ? 12  GLY A CA  1 
ATOM   70   C  C   . GLY A 1 12  ? -9.21469  -1.72668  -19.12843 1.000 80.39000  ? 12  GLY A C   1 
ATOM   71   O  O   . GLY A 1 12  ? -8.57183  -1.57008  -20.17375 1.000 72.57000  ? 12  GLY A O   1 
ATOM   72   N  N   . LEU A 1 13  ? -9.06048  -2.80298  -18.34841 1.000 82.51000  ? 13  LEU A N   1 
ATOM   73   C  CA  . LEU A 1 13  ? -8.04872  -3.82306  -18.60498 1.000 81.28000  ? 13  LEU A CA  1 
ATOM   74   C  C   . LEU A 1 13  ? -8.70205  -5.17159  -18.86768 1.000 80.58000  ? 13  LEU A C   1 
ATOM   75   O  O   . LEU A 1 13  ? -9.65031  -5.55546  -18.17364 1.000 79.38000  ? 13  LEU A O   1 
ATOM   76   C  CB  . LEU A 1 13  ? -7.08297  -3.96337  -17.42286 1.000 78.70000  ? 13  LEU A CB  1 
ATOM   77   C  CG  . LEU A 1 13  ? -6.44518  -2.68574  -16.89843 1.000 83.56000  ? 13  LEU A CG  1 
ATOM   78   C  CD1 . LEU A 1 13  ? -5.98544  -2.93556  -15.48404 1.000 86.26000  ? 13  LEU A CD1 1 
ATOM   79   C  CD2 . LEU A 1 13  ? -5.27114  -2.26096  -17.77968 1.000 84.00000  ? 13  LEU A CD2 1 
ATOM   80   N  N   . LYS A 1 14  ? -8.18114  -5.89278  -19.86076 1.000 78.93000  ? 14  LYS A N   1 
ATOM   81   C  CA  . LYS A 1 14  ? -8.62162  -7.26015  -20.07581 1.000 79.85000  ? 14  LYS A CA  1 
ATOM   82   C  C   . LYS A 1 14  ? -8.23126  -8.11072  -18.87730 1.000 81.72000  ? 14  LYS A C   1 
ATOM   83   O  O   . LYS A 1 14  ? -7.22087  -7.85170  -18.21258 1.000 75.56000  ? 14  LYS A O   1 
ATOM   84   C  CB  . LYS A 1 14  ? -8.01811  -7.84212  -21.35002 1.000 86.04000  ? 14  LYS A CB  1 
ATOM   85   C  CG  . LYS A 1 14  ? -8.47799  -7.17274  -22.62813 1.000 89.47000  ? 14  LYS A CG  1 
ATOM   86   C  CD  . LYS A 1 14  ? -7.79882  -7.80217  -23.83067 1.000 99.18000  ? 14  LYS A CD  1 
ATOM   87   C  CE  . LYS A 1 14  ? -8.20954  -7.10432  -25.12398 1.000 105.74000 ? 14  LYS A CE  1 
ATOM   88   N  NZ  . LYS A 1 14  ? -7.51450  -7.68393  -26.31768 1.000 99.84000  ? 14  LYS A NZ  1 
ATOM   89   N  N   . VAL A 1 15  ? -9.04572  -9.13638  -18.60668 1.000 69.14000  ? 15  VAL A N   1 
ATOM   90   C  CA  . VAL A 1 15  ? -9.02792  -9.77815  -17.30227 1.000 65.16000  ? 15  VAL A CA  1 
ATOM   91   C  C   . VAL A 1 15  ? -8.05196  -10.94223 -17.30360 1.000 66.49000  ? 15  VAL A C   1 
ATOM   92   O  O   . VAL A 1 15  ? -8.44311  -12.08584 -17.06185 1.000 82.96000  ? 15  VAL A O   1 
ATOM   93   C  CB  . VAL A 1 15  ? -10.45020 -10.20158 -16.90089 1.000 67.84000  ? 15  VAL A CB  1 
ATOM   94   C  CG1 . VAL A 1 15  ? -10.53373 -10.53695 -15.42193 1.000 72.55000  ? 15  VAL A CG1 1 
ATOM   95   C  CG2 . VAL A 1 15  ? -11.40784 -9.06982  -17.22417 1.000 67.67000  ? 15  VAL A CG2 1 
ATOM   96   N  N   . THR A 1 16  ? -6.77192  -10.66319 -17.54527 1.000 66.74000  ? 16  THR A N   1 
ATOM   97   C  CA  . THR A 1 16  ? -5.79266  -11.73504 -17.65136 1.000 70.01000  ? 16  THR A CA  1 
ATOM   98   C  C   . THR A 1 16  ? -5.58585  -12.41170 -16.30173 1.000 69.98000  ? 16  THR A C   1 
ATOM   99   O  O   . THR A 1 16  ? -6.06666  -11.96183 -15.25956 1.000 67.36000  ? 16  THR A O   1 
ATOM   100  C  CB  . THR A 1 16  ? -4.44692  -11.22076 -18.15556 1.000 67.15000  ? 16  THR A CB  1 
ATOM   101  O  OG1 . THR A 1 16  ? -3.65851  -10.79951 -17.04055 1.000 71.89000  ? 16  THR A OG1 1 
ATOM   102  C  CG2 . THR A 1 16  ? -4.64758  -10.03862 -19.09979 1.000 67.47000  ? 16  THR A CG2 1 
ATOM   103  N  N   . LEU A 1 17  ? -4.87053  -13.53776 -16.32795 1.000 77.02000  ? 17  LEU A N   1 
ATOM   104  C  CA  . LEU A 1 17  ? -4.55765  -14.20209 -15.06979 1.000 78.17000  ? 17  LEU A CA  1 
ATOM   105  C  C   . LEU A 1 17  ? -3.49527  -13.44423 -14.28992 1.000 75.60000  ? 17  LEU A C   1 
ATOM   106  O  O   . LEU A 1 17  ? -3.69436  -13.21219 -13.08136 1.000 76.32000  ? 17  LEU A O   1 
ATOM   107  C  CB  . LEU A 1 17  ? -4.16343  -15.66973 -15.30859 1.000 77.63000  ? 17  LEU A CB  1 
ATOM   108  C  CG  . LEU A 1 17  ? -4.16376  -16.55225 -14.04640 1.000 77.19000  ? 17  LEU A CG  1 
ATOM   109  C  CD1 . LEU A 1 17  ? -5.59062  -16.88559 -13.56653 1.000 80.34000  ? 17  LEU A CD1 1 
ATOM   110  C  CD2 . LEU A 1 17  ? -3.33054  -17.81608 -14.24320 1.000 79.08000  ? 17  LEU A CD2 1 
ATOM   111  N  N   . PRO A 1 18  ? -2.35733  -13.02776 -14.87769 1.000 76.88000  ? 18  PRO A N   1 
ATOM   112  C  CA  . PRO A 1 18  ? -1.35887  -12.31363 -14.06411 1.000 76.51000  ? 18  PRO A CA  1 
ATOM   113  C  C   . PRO A 1 18  ? -1.90686  -11.04127 -13.44372 1.000 71.72000  ? 18  PRO A C   1 
ATOM   114  O  O   . PRO A 1 18  ? -1.44852  -10.64027 -12.37064 1.000 72.65000  ? 18  PRO A O   1 
ATOM   115  C  CB  . PRO A 1 18  ? -0.21940  -12.02546 -15.05654 1.000 71.79000  ? 18  PRO A CB  1 
ATOM   116  C  CG  . PRO A 1 18  ? -0.79035  -12.20439 -16.40267 1.000 69.25000  ? 18  PRO A CG  1 
ATOM   117  C  CD  . PRO A 1 18  ? -1.85692  -13.25281 -16.24723 1.000 76.38000  ? 18  PRO A CD  1 
ATOM   118  N  N   . ARG A 1 19  ? -2.90371  -10.41380 -14.06666 1.000 72.07000  ? 19  ARG A N   1 
ATOM   119  C  CA  . ARG A 1 19  ? -3.54931  -9.26162  -13.45266 1.000 69.94000  ? 19  ARG A CA  1 
ATOM   120  C  C   . ARG A 1 19  ? -4.36547  -9.68085  -12.23817 1.000 72.20000  ? 19  ARG A C   1 
ATOM   121  O  O   . ARG A 1 19  ? -4.23195  -9.09298  -11.15536 1.000 72.46000  ? 19  ARG A O   1 
ATOM   122  C  CB  . ARG A 1 19  ? -4.41730  -8.55589  -14.48343 1.000 68.21000  ? 19  ARG A CB  1 
ATOM   123  C  CG  . ARG A 1 19  ? -3.57187  -7.75696  -15.42568 1.000 66.78000  ? 19  ARG A CG  1 
ATOM   124  C  CD  . ARG A 1 19  ? -4.38187  -6.89582  -16.34032 1.000 70.57000  ? 19  ARG A CD  1 
ATOM   125  N  NE  . ARG A 1 19  ? -3.50528  -6.26550  -17.31714 1.000 73.12000  ? 19  ARG A NE  1 
ATOM   126  C  CZ  . ARG A 1 19  ? -3.87301  -5.88865  -18.53137 1.000 71.85000  ? 19  ARG A CZ  1 
ATOM   127  N  NH1 . ARG A 1 19  ? -5.11391  -6.04448  -18.95667 1.000 79.50000  ? 19  ARG A NH1 1 
ATOM   128  N  NH2 . ARG A 1 19  ? -2.97751  -5.31748  -19.32948 1.000 68.32000  ? 19  ARG A NH2 1 
ATOM   129  N  N   . LEU A 1 20  ? -5.20549  -10.71296 -12.39780 1.000 72.76000  ? 20  LEU A N   1 
ATOM   130  C  CA  . LEU A 1 20  ? -6.01965  -11.22921 -11.29607 1.000 72.09000  ? 20  LEU A CA  1 
ATOM   131  C  C   . LEU A 1 20  ? -5.16684  -11.78223 -10.16734 1.000 73.22000  ? 20  LEU A C   1 
ATOM   132  O  O   . LEU A 1 20  ? -5.58156  -11.72575 -9.00190  1.000 74.32000  ? 20  LEU A O   1 
ATOM   133  C  CB  . LEU A 1 20  ? -6.97600  -12.31469 -11.79836 1.000 64.89000  ? 20  LEU A CB  1 
ATOM   134  C  CG  . LEU A 1 20  ? -8.18856  -11.86819 -12.60219 1.000 66.74000  ? 20  LEU A CG  1 
ATOM   135  C  CD1 . LEU A 1 20  ? -8.94485  -13.05752 -13.08408 1.000 80.02000  ? 20  LEU A CD1 1 
ATOM   136  C  CD2 . LEU A 1 20  ? -9.08717  -11.03446 -11.70872 1.000 79.12000  ? 20  LEU A CD2 1 
ATOM   137  N  N   . LYS A 1 21  ? -3.98554  -12.32190 -10.49050 1.000 72.65000  ? 21  LYS A N   1 
ATOM   138  C  CA  . LYS A 1 21  ? -3.10839  -12.87375 -9.46001  1.000 76.99000  ? 21  LYS A CA  1 
ATOM   139  C  C   . LYS A 1 21  ? -2.42249  -11.76508 -8.65730  1.000 75.22000  ? 21  LYS A C   1 
ATOM   140  O  O   . LYS A 1 21  ? -2.25254  -11.88924 -7.43872  1.000 72.39000  ? 21  LYS A O   1 
ATOM   141  C  CB  . LYS A 1 21  ? -2.07816  -13.80344 -10.09933 1.000 74.84000  ? 21  LYS A CB  1 
ATOM   142  C  CG  . LYS A 1 21  ? -2.68308  -15.07849 -10.62739 1.000 85.48000  ? 21  LYS A CG  1 
ATOM   143  C  CD  . LYS A 1 21  ? -2.19795  -16.31225 -9.88733  1.000 95.72000  ? 21  LYS A CD  1 
ATOM   144  C  CE  . LYS A 1 21  ? -2.94920  -16.54145 -8.58018  1.000 99.28000  ? 21  LYS A CE  1 
ATOM   145  N  NZ  . LYS A 1 21  ? -2.15448  -17.38321 -7.62715  1.000 98.29000  ? 21  LYS A NZ  1 
ATOM   146  N  N   . ILE A 1 22  ? -2.03080  -10.67088 -9.31468  1.000 70.61000  ? 22  ILE A N   1 
ATOM   147  C  CA  . ILE A 1 22  ? -1.42782  -9.55952  -8.58857  1.000 70.85000  ? 22  ILE A CA  1 
ATOM   148  C  C   . ILE A 1 22  ? -2.48021  -8.85243  -7.73974  1.000 69.82000  ? 22  ILE A C   1 
ATOM   149  O  O   . ILE A 1 22  ? -2.23315  -8.50562  -6.57674  1.000 69.23000  ? 22  ILE A O   1 
ATOM   150  C  CB  . ILE A 1 22  ? -0.71690  -8.61307  -9.57743  1.000 69.30000  ? 22  ILE A CB  1 
ATOM   151  C  CG1 . ILE A 1 22  ? 0.70806   -9.10992  -9.83497  1.000 64.70000  ? 22  ILE A CG1 1 
ATOM   152  C  CG2 . ILE A 1 22  ? -0.71595  -7.16929  -9.07806  1.000 59.35000  ? 22  ILE A CG2 1 
ATOM   153  C  CD1 . ILE A 1 22  ? 1.20040   -8.85436  -11.21572 1.000 64.74000  ? 22  ILE A CD1 1 
ATOM   154  N  N   . LEU A 1 23  ? -3.68047  -8.66545  -8.28681  1.000 62.69000  ? 23  LEU A N   1 
ATOM   155  C  CA  . LEU A 1 23  ? -4.78473  -8.14581  -7.48829  1.000 66.68000  ? 23  LEU A CA  1 
ATOM   156  C  C   . LEU A 1 23  ? -4.98946  -8.94718  -6.20219  1.000 72.66000  ? 23  LEU A C   1 
ATOM   157  O  O   . LEU A 1 23  ? -5.23185  -8.37687  -5.13097  1.000 69.10000  ? 23  LEU A O   1 
ATOM   158  C  CB  . LEU A 1 23  ? -6.05438  -8.15580  -8.33093  1.000 65.90000  ? 23  LEU A CB  1 
ATOM   159  C  CG  . LEU A 1 23  ? -6.81646  -6.86494  -8.19420  1.000 65.19000  ? 23  LEU A CG  1 
ATOM   160  C  CD1 . LEU A 1 23  ? -5.82492  -5.74771  -8.41700  1.000 70.56000  ? 23  LEU A CD1 1 
ATOM   161  C  CD2 . LEU A 1 23  ? -7.93354  -6.79915  -9.18726  1.000 63.85000  ? 23  LEU A CD2 1 
ATOM   162  N  N   . GLU A 1 24  ? -4.89293  -10.27838 -6.29531  1.000 76.76000  ? 24  GLU A N   1 
ATOM   163  C  CA  . GLU A 1 24  ? -5.12161  -11.13941 -5.14040  1.000 71.97000  ? 24  GLU A CA  1 
ATOM   164  C  C   . GLU A 1 24  ? -4.01488  -10.99954 -4.09752  1.000 70.25000  ? 24  GLU A C   1 
ATOM   165  O  O   . GLU A 1 24  ? -4.28565  -11.13829 -2.89991  1.000 72.12000  ? 24  GLU A O   1 
ATOM   166  C  CB  . GLU A 1 24  ? -5.27393  -12.60053 -5.60061  1.000 77.18000  ? 24  GLU A CB  1 
ATOM   167  C  CG  . GLU A 1 24  ? -6.74363  -13.09647 -5.75852  1.000 81.57000  ? 24  GLU A CG  1 
ATOM   168  C  CD  . GLU A 1 24  ? -6.98185  -14.03983 -6.95849  1.000 82.71000  ? 24  GLU A CD  1 
ATOM   169  O  OE1 . GLU A 1 24  ? -6.13037  -14.91308 -7.22826  1.000 83.39000  ? 24  GLU A OE1 1 
ATOM   170  O  OE2 . GLU A 1 24  ? -8.03982  -13.91915 -7.62060  1.000 85.44000  ? 24  GLU A OE2 1 
ATOM   171  N  N   . VAL A 1 25  ? -2.77257  -10.72180 -4.51645  1.000 70.74000  ? 25  VAL A N   1 
ATOM   172  C  CA  . VAL A 1 25  ? -1.70215  -10.47144 -3.54763  1.000 72.64000  ? 25  VAL A CA  1 
ATOM   173  C  C   . VAL A 1 25  ? -1.91151  -9.13140  -2.85799  1.000 71.52000  ? 25  VAL A C   1 
ATOM   174  O  O   . VAL A 1 25  ? -1.62226  -8.98411  -1.66653  1.000 70.93000  ? 25  VAL A O   1 
ATOM   175  C  CB  . VAL A 1 25  ? -0.30521  -10.53580 -4.20105  1.000 71.60000  ? 25  VAL A CB  1 
ATOM   176  C  CG1 . VAL A 1 25  ? 0.77577   -10.37422 -3.14122  1.000 73.39000  ? 25  VAL A CG1 1 
ATOM   177  C  CG2 . VAL A 1 25  ? -0.10155  -11.84116 -4.94857  1.000 76.57000  ? 25  VAL A CG2 1 
ATOM   178  N  N   . LEU A 1 26  ? -2.41365  -8.13853  -3.59774  1.000 70.84000  ? 26  LEU A N   1 
ATOM   179  C  CA  . LEU A 1 26  ? -2.67492  -6.80249  -3.07008  1.000 72.54000  ? 26  LEU A CA  1 
ATOM   180  C  C   . LEU A 1 26  ? -3.92982  -6.75559  -2.22684  1.000 73.77000  ? 26  LEU A C   1 
ATOM   181  O  O   . LEU A 1 26  ? -4.23615  -5.70981  -1.64739  1.000 76.95000  ? 26  LEU A O   1 
ATOM   182  C  CB  . LEU A 1 26  ? -2.77866  -5.79503  -4.21582  1.000 67.86000  ? 26  LEU A CB  1 
ATOM   183  C  CG  . LEU A 1 26  ? -1.41667  -5.37711  -4.74313  1.000 64.85000  ? 26  LEU A CG  1 
ATOM   184  C  CD1 . LEU A 1 26  ? -1.55892  -4.73798  -6.09628  1.000 68.71000  ? 26  LEU A CD1 1 
ATOM   185  C  CD2 . LEU A 1 26  ? -0.80806  -4.40901  -3.76477  1.000 67.90000  ? 26  LEU A CD2 1 
ATOM   186  N  N   . GLN A 1 27  ? -4.65630  -7.86057  -2.15019  1.000 72.72000  ? 27  GLN A N   1 
ATOM   187  C  CA  . GLN A 1 27  ? -5.79223  -7.96277  -1.25885  1.000 73.28000  ? 27  GLN A CA  1 
ATOM   188  C  C   . GLN A 1 27  ? -5.46642  -8.72936  0.01470   1.000 77.68000  ? 27  GLN A C   1 
ATOM   189  O  O   . GLN A 1 27  ? -6.19423  -8.58864  1.00248   1.000 81.24000  ? 27  GLN A O   1 
ATOM   190  C  CB  . GLN A 1 27  ? -6.95855  -8.61296  -2.00370  1.000 72.81000  ? 27  GLN A CB  1 
ATOM   191  C  CG  . GLN A 1 27  ? -7.86293  -7.59271  -2.67516  1.000 70.70000  ? 27  GLN A CG  1 
ATOM   192  C  CD  . GLN A 1 27  ? -8.52368  -8.13301  -3.92020  1.000 75.40000  ? 27  GLN A CD  1 
ATOM   193  O  OE1 . GLN A 1 27  ? -8.14061  -9.18687  -4.43214  1.000 81.16000  ? 27  GLN A OE1 1 
ATOM   194  N  NE2 . GLN A 1 27  ? -9.54347  -7.43067  -4.40139  1.000 72.50000  ? 27  GLN A NE2 1 
ATOM   195  N  N   . GLU A 1 28  ? -4.38068  -9.50219  0.02236   1.000 73.76000  ? 28  GLU A N   1 
ATOM   196  C  CA  . GLU A 1 28  ? -3.91729  -10.13839 1.24777   1.000 74.70000  ? 28  GLU A CA  1 
ATOM   197  C  C   . GLU A 1 28  ? -3.63966  -9.09375  2.33044   1.000 83.30000  ? 28  GLU A C   1 
ATOM   198  O  O   . GLU A 1 28  ? -3.09242  -8.02223  2.03442   1.000 82.79000  ? 28  GLU A O   1 
ATOM   199  C  CB  . GLU A 1 28  ? -2.64358  -10.92933 0.98651   1.000 71.09000  ? 28  GLU A CB  1 
ATOM   200  C  CG  . GLU A 1 28  ? -2.87793  -12.32134 0.58795   1.000 84.53000  ? 28  GLU A CG  1 
ATOM   201  C  CD  . GLU A 1 28  ? -2.07291  -12.71288 -0.61279  1.000 85.28000  ? 28  GLU A CD  1 
ATOM   202  O  OE1 . GLU A 1 28  ? -0.88868  -12.31567 -0.64606  1.000 98.38000  ? 28  GLU A OE1 1 
ATOM   203  O  OE2 . GLU A 1 28  ? -2.60987  -13.42401 -1.49312  1.000 90.14000  ? 28  GLU A OE2 1 
ATOM   204  N  N   . PRO A 1 29  ? -3.94865  -9.39656  3.59741   1.000 86.09000  ? 29  PRO A N   1 
ATOM   205  C  CA  . PRO A 1 29  ? -3.73534  -8.39369  4.66860   1.000 84.22000  ? 29  PRO A CA  1 
ATOM   206  C  C   . PRO A 1 29  ? -2.27817  -8.00473  4.88573   1.000 79.30000  ? 29  PRO A C   1 
ATOM   207  O  O   . PRO A 1 29  ? -1.99569  -6.81398  5.04583   1.000 83.19000  ? 29  PRO A O   1 
ATOM   208  C  CB  . PRO A 1 29  ? -4.32181  -9.08485  5.90670   1.000 84.10000  ? 29  PRO A CB  1 
ATOM   209  C  CG  . PRO A 1 29  ? -5.30458  -10.09781 5.33282   1.000 88.20000  ? 29  PRO A CG  1 
ATOM   210  C  CD  . PRO A 1 29  ? -4.63319  -10.60208 4.09079   1.000 78.07000  ? 29  PRO A CD  1 
ATOM   211  N  N   . ASP A 1 30  ? -1.34576  -8.96887  4.90938   1.000 83.95000  ? 30  ASP A N   1 
ATOM   212  C  CA  . ASP A 1 30  ? 0.07448   -8.62732  5.02194   1.000 85.26000  ? 30  ASP A CA  1 
ATOM   213  C  C   . ASP A 1 30  ? 0.51529   -7.65039  3.94357   1.000 82.08000  ? 30  ASP A C   1 
ATOM   214  O  O   . ASP A 1 30  ? 1.44099   -6.86489  4.16088   1.000 81.79000  ? 30  ASP A O   1 
ATOM   215  C  CB  . ASP A 1 30  ? 0.97710   -9.87143  4.94229   1.000 86.74000  ? 30  ASP A CB  1 
ATOM   216  C  CG  . ASP A 1 30  ? 0.78742   -10.83438 6.10147   1.000 93.81000  ? 30  ASP A CG  1 
ATOM   217  O  OD1 . ASP A 1 30  ? 1.09998   -10.44530 7.25452   1.000 92.54000  ? 30  ASP A OD1 1 
ATOM   218  O  OD2 . ASP A 1 30  ? 0.35494   -11.98125 5.84914   1.000 100.67000 ? 30  ASP A OD2 1 
ATOM   219  N  N   . ASN A 1 31  ? -0.05704  -7.78046  2.73576   1.000 83.04000  ? 31  ASN A N   1 
ATOM   220  C  CA  . ASN A 1 31  ? 0.46611   -6.99754  1.57836   1.000 80.49000  ? 31  ASN A CA  1 
ATOM   221  C  C   . ASN A 1 31  ? -0.44887  -5.86479  1.10997   1.000 79.58000  ? 31  ASN A C   1 
ATOM   222  O  O   . ASN A 1 31  ? -0.63714  -5.75002  -0.11698  1.000 77.47000  ? 31  ASN A O   1 
ATOM   223  C  CB  . ASN A 1 31  ? 0.82211   -7.91139  0.40142   1.000 80.02000  ? 31  ASN A CB  1 
ATOM   224  C  CG  . ASN A 1 31  ? 1.52364   -9.18093  0.83214   1.000 86.66000  ? 31  ASN A CG  1 
ATOM   225  O  OD1 . ASN A 1 31  ? 2.62261   -9.13231  1.37944   1.000 86.73000  ? 31  ASN A OD1 1 
ATOM   226  N  ND2 . ASN A 1 31  ? 0.89658   -10.32130 0.59562   1.000 93.11000  ? 31  ASN A ND2 1 
ATOM   227  N  N   . HIS A 1 32  ? -0.98618  -5.02397  2.02677   1.000 76.33000  ? 32  HIS A N   1 
ATOM   228  C  CA  . HIS A 1 32  ? -1.77300  -3.84502  1.57618   1.000 75.42000  ? 32  HIS A CA  1 
ATOM   229  C  C   . HIS A 1 32  ? -0.78584  -2.80648  1.03768   1.000 68.87000  ? 32  HIS A C   1 
ATOM   230  O  O   . HIS A 1 32  ? -1.16400  -2.08753  0.11129   1.000 63.69000  ? 32  HIS A O   1 
ATOM   231  C  CB  . HIS A 1 32  ? -2.67911  -3.33993  2.70252   1.000 77.36000  ? 32  HIS A CB  1 
ATOM   232  C  CG  . HIS A 1 32  ? -4.06645  -3.87779  2.59942   1.000 81.14000  ? 32  HIS A CG  1 
ATOM   233  N  ND1 . HIS A 1 32  ? -4.93749  -3.49462  1.59947   1.000 84.04000  ? 32  HIS A ND1 1 
ATOM   234  C  CD2 . HIS A 1 32  ? -4.73805  -4.75739  3.37359   1.000 77.83000  ? 32  HIS A CD2 1 
ATOM   235  C  CE1 . HIS A 1 32  ? -6.08531  -4.12224  1.75718   1.000 83.17000  ? 32  HIS A CE1 1 
ATOM   236  N  NE2 . HIS A 1 32  ? -5.98978  -4.90090  2.84151   1.000 83.19000  ? 32  HIS A NE2 1 
ATOM   237  N  N   . HIS A 1 33  ? 0.44233   -2.79653  1.57372   1.000 69.18000  ? 33  HIS A N   1 
ATOM   238  C  CA  . HIS A 1 33  ? 1.51449   -1.85228  1.13684   1.000 69.24000  ? 33  HIS A CA  1 
ATOM   239  C  C   . HIS A 1 33  ? 2.73309   -2.70515  0.79174   1.000 69.42000  ? 33  HIS A C   1 
ATOM   240  O  O   . HIS A 1 33  ? 3.40687   -3.16079  1.72682   1.000 71.06000  ? 33  HIS A O   1 
ATOM   241  C  CB  . HIS A 1 33  ? 1.89794   -0.92326  2.28738   1.000 62.62000  ? 33  HIS A CB  1 
ATOM   242  C  CG  . HIS A 1 33  ? 0.81295   0.01785   2.66784   1.000 60.75000  ? 33  HIS A CG  1 
ATOM   243  N  ND1 . HIS A 1 33  ? -0.18766  -0.32529  3.55019   1.000 65.69000  ? 33  HIS A ND1 1 
ATOM   244  C  CD2 . HIS A 1 33  ? 0.57081   1.28643   2.28615   1.000 59.37000  ? 33  HIS A CD2 1 
ATOM   245  C  CE1 . HIS A 1 33  ? -1.00416  0.69397   3.69094   1.000 68.02000  ? 33  HIS A CE1 1 
ATOM   246  N  NE2 . HIS A 1 33  ? -0.56185  1.69497   2.92563   1.000 60.68000  ? 33  HIS A NE2 1 
ATOM   247  N  N   . VAL A 1 34  ? 3.10180   -2.80074  -0.47690  1.000 70.29000  ? 34  VAL A N   1 
ATOM   248  C  CA  . VAL A 1 34  ? 4.10452   -3.75954  -0.91442  1.000 70.12000  ? 34  VAL A CA  1 
ATOM   249  C  C   . VAL A 1 34  ? 4.90255   -3.13940  -2.05374  1.000 75.72000  ? 34  VAL A C   1 
ATOM   250  O  O   . VAL A 1 34  ? 4.34828   -2.47967  -2.93850  1.000 79.53000  ? 34  VAL A O   1 
ATOM   251  C  CB  . VAL A 1 34  ? 3.43520   -5.08321  -1.34223  1.000 73.51000  ? 34  VAL A CB  1 
ATOM   252  C  CG1 . VAL A 1 34  ? 2.38903   -4.81879  -2.39425  1.000 71.63000  ? 34  VAL A CG1 1 
ATOM   253  C  CG2 . VAL A 1 34  ? 4.45645   -6.06408  -1.85841  1.000 76.72000  ? 34  VAL A CG2 1 
ATOM   254  N  N   . SER A 1 35  ? 6.21320   -3.33364  -2.01739  1.000 76.90000  ? 35  SER A N   1 
ATOM   255  C  CA  . SER A 1 35  ? 7.05320   -2.96160  -3.14100  1.000 79.26000  ? 35  SER A CA  1 
ATOM   256  C  C   . SER A 1 35  ? 6.85110   -3.94383  -4.29052  1.000 83.01000  ? 35  SER A C   1 
ATOM   257  O  O   . SER A 1 35  ? 6.38413   -5.06716  -4.09718  1.000 84.05000  ? 35  SER A O   1 
ATOM   258  C  CB  . SER A 1 35  ? 8.51537   -2.92969  -2.70487  1.000 82.14000  ? 35  SER A CB  1 
ATOM   259  O  OG  . SER A 1 35  ? 8.97638   -4.22116  -2.33734  1.000 82.79000  ? 35  SER A OG  1 
ATOM   260  N  N   . ALA A 1 36  ? 7.21160   -3.51383  -5.50401  1.000 84.27000  ? 36  ALA A N   1 
ATOM   261  C  CA  . ALA A 1 36  ? 7.03095   -4.39098  -6.66260  1.000 83.10000  ? 36  ALA A CA  1 
ATOM   262  C  C   . ALA A 1 36  ? 7.72260   -5.73780  -6.46685  1.000 83.87000  ? 36  ALA A C   1 
ATOM   263  O  O   . ALA A 1 36  ? 7.17405   -6.78323  -6.82986  1.000 86.47000  ? 36  ALA A O   1 
ATOM   264  C  CB  . ALA A 1 36  ? 7.54263   -3.70776  -7.92773  1.000 80.55000  ? 36  ALA A CB  1 
ATOM   265  N  N   . GLU A 1 37  ? 8.91611   -5.72899  -5.86976  1.000 86.75000  ? 37  GLU A N   1 
ATOM   266  C  CA  . GLU A 1 37  ? 9.72008   -6.93487  -5.67901  1.000 85.55000  ? 37  GLU A CA  1 
ATOM   267  C  C   . GLU A 1 37  ? 9.13785   -7.83522  -4.59814  1.000 90.38000  ? 37  GLU A C   1 
ATOM   268  O  O   . GLU A 1 37  ? 8.96316   -9.04143  -4.81475  1.000 93.95000  ? 37  GLU A O   1 
ATOM   269  C  CB  . GLU A 1 37  ? 11.16446  -6.55342  -5.32970  1.000 88.77000  ? 37  GLU A CB  1 
ATOM   270  C  CG  . GLU A 1 37  ? 11.75112  -5.44686  -6.19690  1.000 87.70000  ? 37  GLU A CG  1 
ATOM   271  C  CD  . GLU A 1 37  ? 11.24619  -4.06392  -5.80403  1.000 88.24000  ? 37  GLU A CD  1 
ATOM   272  O  OE1 . GLU A 1 37  ? 10.46680  -3.96582  -4.82861  1.000 83.97000  ? 37  GLU A OE1 1 
ATOM   273  O  OE2 . GLU A 1 37  ? 11.61542  -3.07998  -6.48385  1.000 93.06000  ? 37  GLU A OE2 1 
ATOM   274  N  N   . ASP A 1 38  ? 8.85013   -7.27442  -3.41794  1.000 87.67000  ? 38  ASP A N   1 
ATOM   275  C  CA  . ASP A 1 38  ? 8.19413   -8.05592  -2.37203  1.000 88.26000  ? 38  ASP A CA  1 
ATOM   276  C  C   . ASP A 1 38  ? 6.90564   -8.69045  -2.88474  1.000 89.03000  ? 38  ASP A C   1 
ATOM   277  O  O   . ASP A 1 38  ? 6.52445   -9.77297  -2.42696  1.000 95.73000  ? 38  ASP A O   1 
ATOM   278  C  CB  . ASP A 1 38  ? 7.94272   -7.16447  -1.14826  1.000 94.33000  ? 38  ASP A CB  1 
ATOM   279  C  CG  . ASP A 1 38  ? 9.00666   -7.34277  -0.05939  1.000 103.42000 ? 38  ASP A CG  1 
ATOM   280  O  OD1 . ASP A 1 38  ? 9.49266   -8.49140  0.09413   1.000 105.21000 ? 38  ASP A OD1 1 
ATOM   281  O  OD2 . ASP A 1 38  ? 9.39376   -6.33694  0.59814   1.000 91.91000  ? 38  ASP A OD2 1 
ATOM   282  N  N   . LEU A 1 39  ? 6.24750   -8.03666  -3.85016  1.000 87.00000  ? 39  LEU A N   1 
ATOM   283  C  CA  . LEU A 1 39  ? 5.03122   -8.63673  -4.46587  1.000 83.13000  ? 39  LEU A CA  1 
ATOM   284  C  C   . LEU A 1 39  ? 5.48822   -9.84796  -5.27212  1.000 86.54000  ? 39  LEU A C   1 
ATOM   285  O  O   . LEU A 1 39  ? 4.83621   -10.89378 -5.17459  1.000 89.94000  ? 39  LEU A O   1 
ATOM   286  C  CB  . LEU A 1 39  ? 4.34769   -7.60705  -5.37104  1.000 83.21000  ? 39  LEU A CB  1 
ATOM   287  C  CG  . LEU A 1 39  ? 2.83295   -7.74803  -5.51604  1.000 75.32000  ? 39  LEU A CG  1 
ATOM   288  C  CD1 . LEU A 1 39  ? 2.19572   -6.40151  -5.80258  1.000 67.97000  ? 39  LEU A CD1 1 
ATOM   289  C  CD2 . LEU A 1 39  ? 2.47748   -8.73422  -6.61626  1.000 76.69000  ? 39  LEU A CD2 1 
ATOM   290  N  N   . TYR A 1 40  ? 6.56235   -9.69007  -6.04716  1.000 85.48000  ? 40  TYR A N   1 
ATOM   291  C  CA  . TYR A 1 40  ? 7.12494   -10.83341 -6.80695  1.000 91.01000  ? 40  TYR A CA  1 
ATOM   292  C  C   . TYR A 1 40  ? 7.60518   -11.89337 -5.80793  1.000 93.70000  ? 40  TYR A C   1 
ATOM   293  O  O   . TYR A 1 40  ? 7.37431   -13.07502 -6.08983  1.000 88.27000  ? 40  TYR A O   1 
ATOM   294  C  CB  . TYR A 1 40  ? 8.20320   -10.33688 -7.77222  1.000 88.63000  ? 40  TYR A CB  1 
ATOM   295  C  CG  . TYR A 1 40  ? 9.22885   -11.35762 -8.19326  1.000 89.60000  ? 40  TYR A CG  1 
ATOM   296  C  CD1 . TYR A 1 40  ? 8.95010   -12.27452 -9.19054  1.000 90.22000  ? 40  TYR A CD1 1 
ATOM   297  C  CD2 . TYR A 1 40  ? 10.48503  -11.39275 -7.61131  1.000 85.94000  ? 40  TYR A CD2 1 
ATOM   298  C  CE1 . TYR A 1 40  ? 9.88953   -13.20692 -9.59627  1.000 95.43000  ? 40  TYR A CE1 1 
ATOM   299  C  CE2 . TYR A 1 40  ? 11.43364  -12.32466 -7.99852  1.000 87.46000  ? 40  TYR A CE2 1 
ATOM   300  C  CZ  . TYR A 1 40  ? 11.13390  -13.23429 -8.99572  1.000 95.50000  ? 40  TYR A CZ  1 
ATOM   301  O  OH  . TYR A 1 40  ? 12.06242  -14.15583 -9.38608  1.000 91.38000  ? 40  TYR A OH  1 
ATOM   302  N  N   . LYS A 1 41  ? 8.24639   -11.49605 -4.69721  1.000 92.71000  ? 41  LYS A N   1 
ATOM   303  C  CA  . LYS A 1 41  ? 8.61071   -12.49144 -3.68546  1.000 93.98000  ? 41  LYS A CA  1 
ATOM   304  C  C   . LYS A 1 41  ? 7.38591   -13.27224 -3.21612  1.000 95.02000  ? 41  LYS A C   1 
ATOM   305  O  O   . LYS A 1 41  ? 7.45005   -14.49492 -3.04700  1.000 97.05000  ? 41  LYS A O   1 
ATOM   306  C  CB  . LYS A 1 41  ? 9.29924   -11.80356 -2.49953  1.000 94.67000  ? 41  LYS A CB  1 
ATOM   307  C  CG  . LYS A 1 41  ? 10.41116  -12.57699 -1.74503  1.000 97.35000  ? 41  LYS A CG  1 
ATOM   308  C  CD  . LYS A 1 41  ? 10.09488  -14.04621 -1.47271  1.000 99.86000  ? 41  LYS A CD  1 
ATOM   309  C  CE  . LYS A 1 41  ? 11.20928  -14.73241 -0.69669  1.000 94.95000  ? 41  LYS A CE  1 
ATOM   310  N  NZ  . LYS A 1 41  ? 11.06297  -16.20586 -0.73017  1.000 87.06000  ? 41  LYS A NZ  1 
ATOM   311  N  N   . ARG A 1 42  ? 6.26530   -12.59681 -2.97941  1.000 94.87000  ? 42  ARG A N   1 
ATOM   312  C  CA  . ARG A 1 42  ? 5.04831   -13.36003 -2.60713  1.000 92.35000  ? 42  ARG A CA  1 
ATOM   313  C  C   . ARG A 1 42  ? 4.61075   -14.19392 -3.80923  1.000 95.72000  ? 42  ARG A C   1 
ATOM   314  O  O   . ARG A 1 42  ? 4.27088   -15.36664 -3.61146  1.000 98.38000  ? 42  ARG A O   1 
ATOM   315  C  CB  . ARG A 1 42  ? 3.92790   -12.43028 -2.14664  1.000 93.05000  ? 42  ARG A CB  1 
ATOM   316  C  CG  . ARG A 1 42  ? 2.66303   -13.15434 -1.71170  1.000 93.84000  ? 42  ARG A CG  1 
ATOM   317  C  CD  . ARG A 1 42  ? 2.80854   -13.74801 -0.32877  1.000 96.34000  ? 42  ARG A CD  1 
ATOM   318  N  NE  . ARG A 1 42  ? 1.51225   -13.90759 0.30641   1.000 100.88000 ? 42  ARG A NE  1 
ATOM   319  C  CZ  . ARG A 1 42  ? 1.01803   -15.06926 0.70727   1.000 100.17000 ? 42  ARG A CZ  1 
ATOM   320  N  NH1 . ARG A 1 42  ? 1.71830   -16.17757 0.53379   1.000 104.67000 ? 42  ARG A NH1 1 
ATOM   321  N  NH2 . ARG A 1 42  ? -0.17223  -15.12184 1.27430   1.000 97.71000  ? 42  ARG A NH2 1 
ATOM   322  N  N   . LEU A 1 43  ? 4.66239   -13.62002 -5.01083  1.000 94.19000  ? 43  LEU A N   1 
ATOM   323  C  CA  . LEU A 1 43  ? 4.16638   -14.34921 -6.16660  1.000 92.63000  ? 43  LEU A CA  1 
ATOM   324  C  C   . LEU A 1 43  ? 4.92168   -15.65056 -6.39134  1.000 97.84000  ? 43  LEU A C   1 
ATOM   325  O  O   . LEU A 1 43  ? 4.34468   -16.61151 -6.91451  1.000 104.02000 ? 43  LEU A O   1 
ATOM   326  C  CB  . LEU A 1 43  ? 4.24710   -13.46620 -7.40424  1.000 90.40000  ? 43  LEU A CB  1 
ATOM   327  C  CG  . LEU A 1 43  ? 2.88826   -12.86213 -7.73239  1.000 87.21000  ? 43  LEU A CG  1 
ATOM   328  C  CD1 . LEU A 1 43  ? 2.93174   -12.23224 -9.10186  1.000 85.20000  ? 43  LEU A CD1 1 
ATOM   329  C  CD2 . LEU A 1 43  ? 1.78617   -13.91503 -7.63336  1.000 83.03000  ? 43  LEU A CD2 1 
ATOM   330  N  N   . ILE A 1 44  ? 6.19875   -15.71312 -6.00718  1.000 97.32000  ? 44  ILE A N   1 
ATOM   331  C  CA  . ILE A 1 44  ? 6.96099   -16.94418 -6.20471  1.000 99.66000  ? 44  ILE A CA  1 
ATOM   332  C  C   . ILE A 1 44  ? 6.83079   -17.91548 -5.03077  1.000 101.62000 ? 44  ILE A C   1 
ATOM   333  O  O   . ILE A 1 44  ? 7.02130   -19.12517 -5.22540  1.000 97.47000  ? 44  ILE A O   1 
ATOM   334  C  CB  . ILE A 1 44  ? 8.44902   -16.66064 -6.50496  1.000 98.06000  ? 44  ILE A CB  1 
ATOM   335  C  CG1 . ILE A 1 44  ? 9.07117   -15.70320 -5.48046  1.000 96.95000  ? 44  ILE A CG1 1 
ATOM   336  C  CG2 . ILE A 1 44  ? 8.61614   -16.12565 -7.93358  1.000 91.93000  ? 44  ILE A CG2 1 
ATOM   337  C  CD1 . ILE A 1 44  ? 10.46103  -16.10973 -5.00709  1.000 96.44000  ? 44  ILE A CD1 1 
ATOM   338  N  N   . ASP A 1 45  ? 6.49153   -17.43351 -3.82823  1.000 99.48000  ? 45  ASP A N   1 
ATOM   339  C  CA  . ASP A 1 45  ? 6.16311   -18.34610 -2.73022  1.000 99.79000  ? 45  ASP A CA  1 
ATOM   340  C  C   . ASP A 1 45  ? 4.91974   -19.17743 -3.06056  1.000 102.91000 ? 45  ASP A C   1 
ATOM   341  O  O   . ASP A 1 45  ? 4.91718   -20.40694 -2.90955  1.000 100.52000 ? 45  ASP A O   1 
ATOM   342  C  CB  . ASP A 1 45  ? 5.97843   -17.55693 -1.42946  1.000 97.34000  ? 45  ASP A CB  1 
ATOM   343  C  CG  . ASP A 1 45  ? 7.23004   -16.75025 -1.03704  1.000 103.43000 ? 45  ASP A CG  1 
ATOM   344  O  OD1 . ASP A 1 45  ? 8.21415   -16.73839 -1.81767  1.000 100.86000 ? 45  ASP A OD1 1 
ATOM   345  O  OD2 . ASP A 1 45  ? 7.21589   -16.09978 0.03739   1.000 104.14000 ? 45  ASP A OD2 1 
ATOM   346  N  N   . MET A 1 46  ? 3.95158   -18.50809 -3.67217  1.000 99.26000  ? 46  MET A N   1 
ATOM   347  C  CA  . MET A 1 46  ? 2.73327   -19.20072 -4.13397  1.000 97.11000  ? 46  MET A CA  1 
ATOM   348  C  C   . MET A 1 46  ? 3.10852   -20.01935 -5.37488  1.000 103.07000 ? 46  MET A C   1 
ATOM   349  O  O   . MET A 1 46  ? 2.27049   -20.80402 -5.84176  1.000 96.36000  ? 46  MET A O   1 
ATOM   350  C  CB  . MET A 1 46  ? 1.63603   -18.18114 -4.43051  1.000 98.88000  ? 46  MET A CB  1 
ATOM   351  C  CG  . MET A 1 46  ? 1.37022   -17.29596 -3.23138  1.000 104.98000 ? 46  MET A CG  1 
ATOM   352  S  SD  . MET A 1 46  ? 0.14164   -16.02542 -3.53197  1.000 115.33000 ? 46  MET A SD  1 
ATOM   353  C  CE  . MET A 1 46  ? -1.36979  -16.96089 -3.31719  1.000 104.81000 ? 46  MET A CE  1 
ATOM   354  N  N   . GLY A 1 47  ? 4.32169   -19.82057 -5.89808  1.000 102.70000 ? 47  GLY A N   1 
ATOM   355  C  CA  . GLY A 1 47  ? 4.79915   -20.66720 -7.01203  1.000 99.59000  ? 47  GLY A CA  1 
ATOM   356  C  C   . GLY A 1 47  ? 4.22660   -20.25417 -8.35198  1.000 103.70000 ? 47  GLY A C   1 
ATOM   357  O  O   . GLY A 1 47  ? 3.96245   -21.14730 -9.17891  1.000 104.76000 ? 47  GLY A O   1 
ATOM   358  N  N   . GLU A 1 48  ? 4.03957   -18.95210 -8.56748  1.000 103.91000 ? 48  GLU A N   1 
ATOM   359  C  CA  . GLU A 1 48  ? 3.57273   -18.47897 -9.89624  1.000 103.77000 ? 48  GLU A CA  1 
ATOM   360  C  C   . GLU A 1 48  ? 4.80048   -18.11538 -10.73237 1.000 101.56000 ? 48  GLU A C   1 
ATOM   361  O  O   . GLU A 1 48  ? 5.61473   -17.30469 -10.24693 1.000 101.42000 ? 48  GLU A O   1 
ATOM   362  C  CB  . GLU A 1 48  ? 2.60599   -17.30379 -9.74628  1.000 96.08000  ? 48  GLU A CB  1 
ATOM   363  C  CG  . GLU A 1 48  ? 1.49742   -17.55851 -8.74134  1.000 97.12000  ? 48  GLU A CG  1 
ATOM   364  C  CD  . GLU A 1 48  ? 0.68111   -18.81646 -8.98463  1.000 103.71000 ? 48  GLU A CD  1 
ATOM   365  O  OE1 . GLU A 1 48  ? 0.15480   -18.97400 -10.10380 1.000 100.51000 ? 48  GLU A OE1 1 
ATOM   366  O  OE2 . GLU A 1 48  ? 0.56764   -19.63190 -8.04944  1.000 107.08000 ? 48  GLU A OE2 1 
ATOM   367  N  N   . GLU A 1 49  ? 4.94170   -18.72608 -11.91350 1.000 99.23000  ? 49  GLU A N   1 
ATOM   368  C  CA  . GLU A 1 49  ? 6.07600   -18.40576 -12.82088 1.000 96.70000  ? 49  GLU A CA  1 
ATOM   369  C  C   . GLU A 1 49  ? 5.80765   -17.03818 -13.45101 1.000 96.06000  ? 49  GLU A C   1 
ATOM   370  O  O   . GLU A 1 49  ? 5.54436   -16.99484 -14.66846 1.000 90.69000  ? 49  GLU A O   1 
ATOM   371  C  CB  . GLU A 1 49  ? 6.22586   -19.49159 -13.88804 1.000 106.72000 ? 49  GLU A CB  1 
ATOM   372  C  CG  . GLU A 1 49  ? 6.47545   -20.87170 -13.30710 1.000 109.73000 ? 49  GLU A CG  1 
ATOM   373  C  CD  . GLU A 1 49  ? 7.88647   -21.09317 -12.78918 1.000 111.03000 ? 49  GLU A CD  1 
ATOM   374  O  OE1 . GLU A 1 49  ? 8.28301   -20.39048 -11.83855 1.000 106.19000 ? 49  GLU A OE1 1 
ATOM   375  O  OE2 . GLU A 1 49  ? 8.58448   -21.96818 -13.33877 1.000 115.01000 ? 49  GLU A OE2 1 
ATOM   376  N  N   . ILE A 1 50  ? 5.86862   -15.97141 -12.65027 1.000 100.25000 ? 50  ILE A N   1 
ATOM   377  C  CA  . ILE A 1 50  ? 5.56335   -14.63528 -13.13853 1.000 96.16000  ? 50  ILE A CA  1 
ATOM   378  C  C   . ILE A 1 50  ? 6.80779   -13.80684 -12.83909 1.000 95.79000  ? 50  ILE A C   1 
ATOM   379  O  O   . ILE A 1 50  ? 7.11392   -13.55832 -11.66880 1.000 96.31000  ? 50  ILE A O   1 
ATOM   380  C  CB  . ILE A 1 50  ? 4.32688   -14.03530 -12.44590 1.000 94.16000  ? 50  ILE A CB  1 
ATOM   381  C  CG1 . ILE A 1 50  ? 3.02630   -14.53099 -13.08536 1.000 93.96000  ? 50  ILE A CG1 1 
ATOM   382  C  CG2 . ILE A 1 50  ? 4.36367   -12.51466 -12.47915 1.000 95.16000  ? 50  ILE A CG2 1 
ATOM   383  C  CD1 . ILE A 1 50  ? 1.81589   -14.39482 -12.16561 1.000 87.67000  ? 50  ILE A CD1 1 
ATOM   384  N  N   . GLY A 1 51  ? 7.53929   -13.40339 -13.88272 1.000 95.50000  ? 51  GLY A N   1 
ATOM   385  C  CA  . GLY A 1 51  ? 8.80194   -12.71346 -13.67632 1.000 90.11000  ? 51  GLY A CA  1 
ATOM   386  C  C   . GLY A 1 51  ? 8.62612   -11.37912 -12.97521 1.000 90.43000  ? 51  GLY A C   1 
ATOM   387  O  O   . GLY A 1 51  ? 7.54183   -10.80773 -12.92736 1.000 91.12000  ? 51  GLY A O   1 
ATOM   388  N  N   . LEU A 1 52  ? 9.72741   -10.87812 -12.40738 1.000 88.98000  ? 52  LEU A N   1 
ATOM   389  C  CA  . LEU A 1 52  ? 9.67746   -9.58561  -11.73295 1.000 88.52000  ? 52  LEU A CA  1 
ATOM   390  C  C   . LEU A 1 52  ? 9.39225   -8.45244  -12.71924 1.000 92.51000  ? 52  LEU A C   1 
ATOM   391  O  O   . LEU A 1 52  ? 8.76005   -7.45291  -12.35042 1.000 88.29000  ? 52  LEU A O   1 
ATOM   392  C  CB  . LEU A 1 52  ? 10.98991  -9.33652  -10.97028 1.000 89.89000  ? 52  LEU A CB  1 
ATOM   393  C  CG  . LEU A 1 52  ? 11.25727  -7.95929  -10.31763 1.000 88.68000  ? 52  LEU A CG  1 
ATOM   394  C  CD1 . LEU A 1 52  ? 10.45653  -7.74918  -9.04690  1.000 88.17000  ? 52  LEU A CD1 1 
ATOM   395  C  CD2 . LEU A 1 52  ? 12.73496  -7.72196  -10.02445 1.000 80.77000  ? 52  LEU A CD2 1 
ATOM   396  N  N   . ALA A 1 53  ? 9.83095   -8.59580  -13.97374 1.000 94.46000  ? 53  ALA A N   1 
ATOM   397  C  CA  . ALA A 1 53  ? 9.62273   -7.54577  -14.96861 1.000 87.21000  ? 53  ALA A CA  1 
ATOM   398  C  C   . ALA A 1 53  ? 8.15039   -7.40146  -15.31366 1.000 85.16000  ? 53  ALA A C   1 
ATOM   399  O  O   . ALA A 1 53  ? 7.65532   -6.28759  -15.54025 1.000 85.98000  ? 53  ALA A O   1 
ATOM   400  C  CB  . ALA A 1 53  ? 10.42854  -7.85787  -16.22439 1.000 90.39000  ? 53  ALA A CB  1 
ATOM   401  N  N   . THR A 1 54  ? 7.44594   -8.52683  -15.37423 1.000 84.01000  ? 54  THR A N   1 
ATOM   402  C  CA  . THR A 1 54  ? 6.01174   -8.51401  -15.60370 1.000 84.83000  ? 54  THR A CA  1 
ATOM   403  C  C   . THR A 1 54  ? 5.25271   -7.89321  -14.42629 1.000 86.84000  ? 54  THR A C   1 
ATOM   404  O  O   . THR A 1 54  ? 4.25056   -7.19696  -14.63921 1.000 87.01000  ? 54  THR A O   1 
ATOM   405  C  CB  . THR A 1 54  ? 5.55400   -9.94672  -15.90561 1.000 87.88000  ? 54  THR A CB  1 
ATOM   406  O  OG1 . THR A 1 54  ? 5.71670   -10.75702 -14.73806 1.000 90.95000  ? 54  THR A OG1 1 
ATOM   407  C  CG2 . THR A 1 54  ? 6.38255   -10.55977 -17.04593 1.000 82.97000  ? 54  THR A CG2 1 
ATOM   408  N  N   . VAL A 1 55  ? 5.72269   -8.09724  -13.18744 1.000 86.45000  ? 55  VAL A N   1 
ATOM   409  C  CA  . VAL A 1 55  ? 5.07163   -7.47614  -12.03435 1.000 79.93000  ? 55  VAL A CA  1 
ATOM   410  C  C   . VAL A 1 55  ? 5.13221   -5.95999  -12.15938 1.000 80.88000  ? 55  VAL A C   1 
ATOM   411  O  O   . VAL A 1 55  ? 4.15112   -5.25668  -11.88218 1.000 78.24000  ? 55  VAL A O   1 
ATOM   412  C  CB  . VAL A 1 55  ? 5.71604   -7.96620  -10.71928 1.000 79.91000  ? 55  VAL A CB  1 
ATOM   413  C  CG1 . VAL A 1 55  ? 5.43278   -7.00068  -9.58322  1.000 80.71000  ? 55  VAL A CG1 1 
ATOM   414  C  CG2 . VAL A 1 55  ? 5.23106   -9.36392  -10.35080 1.000 87.58000  ? 55  VAL A CG2 1 
ATOM   415  N  N   . TYR A 1 56  ? 6.28507   -5.43519  -12.59213 1.000 85.79000  ? 56  TYR A N   1 
ATOM   416  C  CA  . TYR A 1 56  ? 6.42259   -4.00211  -12.84403 1.000 85.79000  ? 56  TYR A CA  1 
ATOM   417  C  C   . TYR A 1 56  ? 5.48468   -3.55872  -13.95434 1.000 82.20000  ? 56  TYR A C   1 
ATOM   418  O  O   . TYR A 1 56  ? 4.73775   -2.58120  -13.80890 1.000 75.94000  ? 56  TYR A O   1 
ATOM   419  C  CB  . TYR A 1 56  ? 7.87646   -3.67379  -13.20364 1.000 86.80000  ? 56  TYR A CB  1 
ATOM   420  C  CG  . TYR A 1 56  ? 8.73187   -3.37965  -11.99526 1.000 90.40000  ? 56  TYR A CG  1 
ATOM   421  C  CD1 . TYR A 1 56  ? 8.70508   -2.12828  -11.39148 1.000 92.37000  ? 56  TYR A CD1 1 
ATOM   422  C  CD2 . TYR A 1 56  ? 9.54317   -4.36260  -11.43707 1.000 90.76000  ? 56  TYR A CD2 1 
ATOM   423  C  CE1 . TYR A 1 56  ? 9.47336   -1.85533  -10.27457 1.000 89.23000  ? 56  TYR A CE1 1 
ATOM   424  C  CE2 . TYR A 1 56  ? 10.32070  -4.10176  -10.31774 1.000 90.33000  ? 56  TYR A CE2 1 
ATOM   425  C  CZ  . TYR A 1 56  ? 10.28230  -2.84553  -9.74071  1.000 91.26000  ? 56  TYR A CZ  1 
ATOM   426  O  OH  . TYR A 1 56  ? 11.04747  -2.57597  -8.62023  1.000 90.05000  ? 56  TYR A OH  1 
ATOM   427  N  N   . ARG A 1 57  ? 5.52023   -4.27566  -15.07606 1.000 79.61000  ? 57  ARG A N   1 
ATOM   428  C  CA  . ARG A 1 57  ? 4.61088   -4.02235  -16.18204 1.000 83.17000  ? 57  ARG A CA  1 
ATOM   429  C  C   . ARG A 1 57  ? 3.18008   -3.79860  -15.69618 1.000 85.09000  ? 57  ARG A C   1 
ATOM   430  O  O   . ARG A 1 57  ? 2.57505   -2.74950  -15.95665 1.000 81.91000  ? 57  ARG A O   1 
ATOM   431  C  CB  . ARG A 1 57  ? 4.67924   -5.20522  -17.13207 1.000 86.37000  ? 57  ARG A CB  1 
ATOM   432  C  CG  . ARG A 1 57  ? 3.67226   -5.17109  -18.21572 1.000 92.42000  ? 57  ARG A CG  1 
ATOM   433  C  CD  . ARG A 1 57  ? 4.32062   -5.78141  -19.40370 1.000 98.28000  ? 57  ARG A CD  1 
ATOM   434  N  NE  . ARG A 1 57  ? 3.56499   -5.57653  -20.62438 1.000 105.23000 ? 57  ARG A NE  1 
ATOM   435  C  CZ  . ARG A 1 57  ? 3.96684   -6.03867  -21.79502 1.000 117.84000 ? 57  ARG A CZ  1 
ATOM   436  N  NH1 . ARG A 1 57  ? 5.07439   -6.75249  -21.90055 1.000 123.98000 ? 57  ARG A NH1 1 
ATOM   437  N  NH2 . ARG A 1 57  ? 3.24884   -5.77007  -22.88104 1.000 116.74000 ? 57  ARG A NH2 1 
ATOM   438  N  N   . VAL A 1 58  ? 2.64247   -4.77504  -14.94825 1.000 80.12000  ? 58  VAL A N   1 
ATOM   439  C  CA  . VAL A 1 58  ? 1.23350   -4.75375  -14.55036 1.000 79.00000  ? 58  VAL A CA  1 
ATOM   440  C  C   . VAL A 1 58  ? 0.96017   -3.63116  -13.54846 1.000 78.45000  ? 58  VAL A C   1 
ATOM   441  O  O   . VAL A 1 58  ? -0.00828  -2.86667  -13.68683 1.000 75.19000  ? 58  VAL A O   1 
ATOM   442  C  CB  . VAL A 1 58  ? 0.82433   -6.13113  -13.99032 1.000 76.79000  ? 58  VAL A CB  1 
ATOM   443  C  CG1 . VAL A 1 58  ? -0.40155  -6.02313  -13.08504 1.000 68.16000  ? 58  VAL A CG1 1 
ATOM   444  C  CG2 . VAL A 1 58  ? 0.54605   -7.09498  -15.13610 1.000 78.51000  ? 58  VAL A CG2 1 
ATOM   445  N  N   . LEU A 1 59  ? 1.81055   -3.52389  -12.52082 1.000 75.43000  ? 59  LEU A N   1 
ATOM   446  C  CA  . LEU A 1 59  ? 1.56707   -2.52165  -11.44475 1.000 73.54000  ? 59  LEU A CA  1 
ATOM   447  C  C   . LEU A 1 59  ? 1.54726   -1.10862  -12.03161 1.000 76.76000  ? 59  LEU A C   1 
ATOM   448  O  O   . LEU A 1 59  ? 0.74433   -0.28586  -11.54940 1.000 73.26000  ? 59  LEU A O   1 
ATOM   449  C  CB  . LEU A 1 59  ? 2.64259   -2.66689  -10.36531 1.000 70.10000  ? 59  LEU A CB  1 
ATOM   450  C  CG  . LEU A 1 59  ? 2.31212   -3.68676  -9.27923  1.000 71.65000  ? 59  LEU A CG  1 
ATOM   451  C  CD1 . LEU A 1 59  ? 3.48408   -3.87009  -8.33102  1.000 67.56000  ? 59  LEU A CD1 1 
ATOM   452  C  CD2 . LEU A 1 59  ? 1.06464   -3.27381  -8.51707  1.000 59.56000  ? 59  LEU A CD2 1 
ATOM   453  N  N   . ASN A 1 60  ? 2.39838   -0.83822  -13.02422 1.000 79.13000  ? 60  ASN A N   1 
ATOM   454  C  CA  . ASN A 1 60  ? 2.37431   0.47168   -13.67804 1.000 81.14000  ? 60  ASN A CA  1 
ATOM   455  C  C   . ASN A 1 60  ? 1.07019   0.66629   -14.44473 1.000 76.25000  ? 60  ASN A C   1 
ATOM   456  O  O   . ASN A 1 60  ? 0.45576   1.73793   -14.38714 1.000 73.99000  ? 60  ASN A O   1 
ATOM   457  C  CB  . ASN A 1 60  ? 3.58410   0.63863   -14.61559 1.000 82.39000  ? 60  ASN A CB  1 
ATOM   458  C  CG  . ASN A 1 60  ? 4.92357   0.78289   -13.86659 1.000 84.70000  ? 60  ASN A CG  1 
ATOM   459  O  OD1 . ASN A 1 60  ? 5.01745   1.46118   -12.83730 1.000 85.99000  ? 60  ASN A OD1 1 
ATOM   460  N  ND2 . ASN A 1 60  ? 5.96531   0.14137   -14.39591 1.000 86.51000  ? 60  ASN A ND2 1 
ATOM   461  N  N   . GLN A 1 61  ? 0.62559   -0.37115  -15.15548 1.000 78.05000  ? 61  GLN A N   1 
ATOM   462  C  CA  . GLN A 1 61  ? -0.64687  -0.29246  -15.86208 1.000 74.96000  ? 61  GLN A CA  1 
ATOM   463  C  C   . GLN A 1 61  ? -1.79420  -0.03954  -14.89066 1.000 76.38000  ? 61  GLN A C   1 
ATOM   464  O  O   . GLN A 1 61  ? -2.65283  0.81750   -15.14087 1.000 74.03000  ? 61  GLN A O   1 
ATOM   465  C  CB  . GLN A 1 61  ? -0.86366  -1.57650  -16.65518 1.000 75.09000  ? 61  GLN A CB  1 
ATOM   466  C  CG  . GLN A 1 61  ? 0.19249   -1.84311  -17.71141 1.000 73.13000  ? 61  GLN A CG  1 
ATOM   467  C  CD  . GLN A 1 61  ? -0.07253  -3.11402  -18.48675 1.000 78.31000  ? 61  GLN A CD  1 
ATOM   468  O  OE1 . GLN A 1 61  ? -0.87498  -3.94987  -18.07045 1.000 77.43000  ? 61  GLN A OE1 1 
ATOM   469  N  NE2 . GLN A 1 61  ? 0.62598   -3.28478  -19.60073 1.000 85.15000  ? 61  GLN A NE2 1 
ATOM   470  N  N   . PHE A 1 62  ? -1.79828  -0.75325  -13.75862 1.000 77.25000  ? 62  PHE A N   1 
ATOM   471  C  CA  . PHE A 1 62  ? -2.83003  -0.55970  -12.73880 1.000 78.60000  ? 62  PHE A CA  1 
ATOM   472  C  C   . PHE A 1 62  ? -2.92324  0.89534   -12.27236 1.000 76.05000  ? 62  PHE A C   1 
ATOM   473  O  O   . PHE A 1 62  ? -4.03276  1.41253   -12.07336 1.000 75.16000  ? 62  PHE A O   1 
ATOM   474  C  CB  . PHE A 1 62  ? -2.55779  -1.47016  -11.54306 1.000 74.38000  ? 62  PHE A CB  1 
ATOM   475  C  CG  . PHE A 1 62  ? -3.03628  -2.86291  -11.72132 1.000 75.03000  ? 62  PHE A CG  1 
ATOM   476  C  CD1 . PHE A 1 62  ? -3.56656  -3.28337  -12.92779 1.000 80.95000  ? 62  PHE A CD1 1 
ATOM   477  C  CD2 . PHE A 1 62  ? -2.97260  -3.77270  -10.67290 1.000 79.82000  ? 62  PHE A CD2 1 
ATOM   478  C  CE1 . PHE A 1 62  ? -4.02193  -4.59531  -13.08638 1.000 69.49000  ? 62  PHE A CE1 1 
ATOM   479  C  CE2 . PHE A 1 62  ? -3.42373  -5.09956  -10.83721 1.000 68.10000  ? 62  PHE A CE2 1 
ATOM   480  C  CZ  . PHE A 1 62  ? -3.94843  -5.49237  -12.03746 1.000 63.67000  ? 62  PHE A CZ  1 
ATOM   481  N  N   . ASP A 1 63  ? -1.77784  1.56548   -12.05898 1.000 74.78000  ? 63  ASP A N   1 
ATOM   482  C  CA  . ASP A 1 63  ? -1.81834  2.96737   -11.62678 1.000 73.69000  ? 63  ASP A CA  1 
ATOM   483  C  C   . ASP A 1 63  ? -2.45024  3.84480   -12.70069 1.000 72.30000  ? 63  ASP A C   1 
ATOM   484  O  O   . ASP A 1 63  ? -3.36289  4.62776   -12.40966 1.000 71.01000  ? 63  ASP A O   1 
ATOM   485  C  CB  . ASP A 1 63  ? -0.41339  3.47665   -11.24799 1.000 73.64000  ? 63  ASP A CB  1 
ATOM   486  C  CG  . ASP A 1 63  ? -0.42882  4.86000   -10.49528 1.000 81.30000  ? 63  ASP A CG  1 
ATOM   487  O  OD1 . ASP A 1 63  ? -1.52217  5.43294   -10.19795 1.000 70.96000  ? 63  ASP A OD1 1 
ATOM   488  O  OD2 . ASP A 1 63  ? 0.68309   5.36280   -10.18470 1.000 78.86000  ? 63  ASP A OD2 1 
ATOM   489  N  N   . ASP A 1 64  ? -1.99135  3.71345   -13.95613 1.000 74.10000  ? 64  ASP A N   1 
ATOM   490  C  CA  . ASP A 1 64  ? -2.60691  4.44522   -15.06744 1.000 75.88000  ? 64  ASP A CA  1 
ATOM   491  C  C   . ASP A 1 64  ? -4.12709  4.39662   -14.99295 1.000 76.88000  ? 64  ASP A C   1 
ATOM   492  O  O   . ASP A 1 64  ? -4.80337  5.42952   -15.06988 1.000 73.65000  ? 64  ASP A O   1 
ATOM   493  C  CB  . ASP A 1 64  ? -2.14461  3.89096   -16.42313 1.000 73.82000  ? 64  ASP A CB  1 
ATOM   494  C  CG  . ASP A 1 64  ? -0.71862  4.27370   -16.76679 1.000 79.90000  ? 64  ASP A CG  1 
ATOM   495  O  OD1 . ASP A 1 64  ? -0.09735  5.04420   -15.99946 1.000 78.34000  ? 64  ASP A OD1 1 
ATOM   496  O  OD2 . ASP A 1 64  ? -0.23765  3.84563   -17.84264 1.000 81.89000  ? 64  ASP A OD2 1 
ATOM   497  N  N   . ALA A 1 65  ? -4.63945  3.17856   -14.79512 1.000 75.04000  ? 65  ALA A N   1 
ATOM   498  C  CA  . ALA A 1 65  ? -6.10320  2.97815   -14.72228 1.000 70.25000  ? 65  ALA A CA  1 
ATOM   499  C  C   . ALA A 1 65  ? -6.59231  3.20655   -13.29162 1.000 74.72000  ? 65  ALA A C   1 
ATOM   500  O  O   . ALA A 1 65  ? -7.57052  2.53267   -12.92873 1.000 74.45000  ? 65  ALA A O   1 
ATOM   501  C  CB  . ALA A 1 65  ? -6.42880  1.58665   -15.20006 1.000 75.59000  ? 65  ALA A CB  1 
ATOM   502  N  N   . GLY A 1 66  ? -5.92652  4.07056   -12.50889 1.000 69.29000  ? 66  GLY A N   1 
ATOM   503  C  CA  . GLY A 1 66  ? -6.40589  4.41674   -11.18471 1.000 72.17000  ? 66  GLY A CA  1 
ATOM   504  C  C   . GLY A 1 66  ? -6.71022  3.23554   -10.28643 1.000 77.02000  ? 66  GLY A C   1 
ATOM   505  O  O   . GLY A 1 66  ? -7.45448  3.39228   -9.30893  1.000 74.86000  ? 66  GLY A O   1 
ATOM   506  N  N   . ILE A 1 67  ? -6.18216  2.04945   -10.60032 1.000 73.92000  ? 67  ILE A N   1 
ATOM   507  C  CA  . ILE A 1 67  ? -6.46181  0.83237   -9.77616  1.000 70.52000  ? 67  ILE A CA  1 
ATOM   508  C  C   . ILE A 1 67  ? -5.60426  0.92010   -8.50912  1.000 73.67000  ? 67  ILE A C   1 
ATOM   509  O  O   . ILE A 1 67  ? -6.12459  0.59406   -7.42158  1.000 73.11000  ? 67  ILE A O   1 
ATOM   510  C  CB  . ILE A 1 67  ? -6.21397  -0.47040  -10.56919 1.000 75.24000  ? 67  ILE A CB  1 
ATOM   511  C  CG1 . ILE A 1 67  ? -7.10579  -0.56588  -11.80769 1.000 79.09000  ? 67  ILE A CG1 1 
ATOM   512  C  CG2 . ILE A 1 67  ? -6.36067  -1.70217  -9.68830  1.000 74.45000  ? 67  ILE A CG2 1 
ATOM   513  C  CD1 . ILE A 1 67  ? -7.20975  -1.95810  -12.38103 1.000 74.61000  ? 67  ILE A CD1 1 
ATOM   514  N  N   . VAL A 1 68  ? -4.34825  1.36321   -8.64441  1.000 69.52000  ? 68  VAL A N   1 
ATOM   515  C  CA  . VAL A 1 68  ? -3.42481  1.43512   -7.47796  1.000 73.97000  ? 68  VAL A CA  1 
ATOM   516  C  C   . VAL A 1 68  ? -2.74544  2.80070   -7.39539  1.000 76.44000  ? 68  VAL A C   1 
ATOM   517  O  O   . VAL A 1 68  ? -2.72781  3.50471   -8.41548  1.000 78.48000  ? 68  VAL A O   1 
ATOM   518  C  CB  . VAL A 1 68  ? -2.36046  0.31528   -7.52257  1.000 69.13000  ? 68  VAL A CB  1 
ATOM   519  C  CG1 . VAL A 1 68  ? -2.95067  -1.08093  -7.63550  1.000 72.15000  ? 68  VAL A CG1 1 
ATOM   520  C  CG2 . VAL A 1 68  ? -1.28401  0.54408   -8.57112  1.000 71.47000  ? 68  VAL A CG2 1 
ATOM   521  N  N   . THR A 1 69  ? -2.30826  3.19891   -6.20185  1.000 71.90000  ? 69  THR A N   1 
ATOM   522  C  CA  . THR A 1 69  ? -1.49768  4.38716   -5.99814  1.000 79.39000  ? 69  THR A CA  1 
ATOM   523  C  C   . THR A 1 69  ? -0.07192  3.98118   -5.66975  1.000 80.23000  ? 69  THR A C   1 
ATOM   524  O  O   . THR A 1 69  ? 0.15622   3.10904   -4.82727  1.000 78.00000  ? 69  THR A O   1 
ATOM   525  C  CB  . THR A 1 69  ? -2.06079  5.26659   -4.87948  1.000 75.72000  ? 69  THR A CB  1 
ATOM   526  O  OG1 . THR A 1 69  ? -3.12787  6.07507   -5.39722  1.000 74.43000  ? 69  THR A OG1 1 
ATOM   527  C  CG2 . THR A 1 69  ? -0.97244  6.16199   -4.28817  1.000 72.49000  ? 69  THR A CG2 1 
ATOM   528  N  N   . ARG A 1 70  ? 0.88084   4.59416   -6.35455  1.000 82.13000  ? 70  ARG A N   1 
ATOM   529  C  CA  . ARG A 1 70  ? 2.27810   4.38514   -6.02724  1.000 82.67000  ? 70  ARG A CA  1 
ATOM   530  C  C   . ARG A 1 70  ? 2.69103   5.44112   -5.01014  1.000 85.26000  ? 70  ARG A C   1 
ATOM   531  O  O   . ARG A 1 70  ? 2.04609   6.48473   -4.89609  1.000 94.25000  ? 70  ARG A O   1 
ATOM   532  C  CB  . ARG A 1 70  ? 3.12781   4.46427   -7.29585  1.000 85.79000  ? 70  ARG A CB  1 
ATOM   533  C  CG  . ARG A 1 70  ? 4.56852   4.02912   -7.12534  1.000 90.39000  ? 70  ARG A CG  1 
ATOM   534  C  CD  . ARG A 1 70  ? 5.28285   4.04799   -8.45852  1.000 92.43000  ? 70  ARG A CD  1 
ATOM   535  N  NE  . ARG A 1 70  ? 5.27271   5.39985   -8.99298  1.000 106.40000 ? 70  ARG A NE  1 
ATOM   536  C  CZ  . ARG A 1 70  ? 6.09687   6.35969   -8.59248  1.000 114.74000 ? 70  ARG A CZ  1 
ATOM   537  N  NH1 . ARG A 1 70  ? 7.02819   6.13413   -7.68098  1.000 112.29000 ? 70  ARG A NH1 1 
ATOM   538  N  NH2 . ARG A 1 70  ? 5.99039   7.57284   -9.12884  1.000 115.48000 ? 70  ARG A NH2 1 
ATOM   539  N  N   . HIS A 1 71  ? 3.74009   5.15368   -4.23896  1.000 88.80000  ? 71  HIS A N   1 
ATOM   540  C  CA  . HIS A 1 71  ? 4.29981   6.18163   -3.36712  1.000 85.62000  ? 71  HIS A CA  1 
ATOM   541  C  C   . HIS A 1 71  ? 5.72027   5.80972   -2.96176  1.000 85.23000  ? 71  HIS A C   1 
ATOM   542  O  O   . HIS A 1 71  ? 5.98620   4.65251   -2.63063  1.000 87.19000  ? 71  HIS A O   1 
ATOM   543  C  CB  . HIS A 1 71  ? 3.42960   6.41897   -2.12148  1.000 86.13000  ? 71  HIS A CB  1 
ATOM   544  C  CG  . HIS A 1 71  ? 3.54474   7.81521   -1.57570  1.000 99.45000  ? 71  HIS A CG  1 
ATOM   545  N  ND1 . HIS A 1 71  ? 2.69920   8.83621   -1.95751  1.000 103.07000 ? 71  HIS A ND1 1 
ATOM   546  C  CD2 . HIS A 1 71  ? 4.43057   8.36720   -0.70620  1.000 92.18000  ? 71  HIS A CD2 1 
ATOM   547  C  CE1 . HIS A 1 71  ? 3.05205   9.95190   -1.33758  1.000 93.09000  ? 71  HIS A CE1 1 
ATOM   548  N  NE2 . HIS A 1 71  ? 4.09604   9.69156   -0.57053  1.000 85.75000  ? 71  HIS A NE2 1 
ATOM   549  N  N   . ASN A 1 72  ? 6.62403   6.79856   -2.96030  1.000 97.23000  ? 72  ASN A N   1 
ATOM   550  C  CA  . ASN A 1 72  ? 8.03076   6.56276   -2.52935  1.000 91.93000  ? 72  ASN A CA  1 
ATOM   551  C  C   . ASN A 1 72  ? 8.18467   7.01775   -1.07537  1.000 92.23000  ? 72  ASN A C   1 
ATOM   552  O  O   . ASN A 1 72  ? 8.76829   8.09700   -0.85834  1.000 102.89000 ? 72  ASN A O   1 
ATOM   553  C  CB  . ASN A 1 72  ? 9.03104   7.29927   -3.41962  1.000 88.90000  ? 72  ASN A CB  1 
ATOM   554  C  CG  . ASN A 1 72  ? 9.28181   6.59290   -4.73386  1.000 96.97000  ? 72  ASN A CG  1 
ATOM   555  O  OD1 . ASN A 1 72  ? 8.41441   5.88101   -5.23212  1.000 101.58000 ? 72  ASN A OD1 1 
ATOM   556  N  ND2 . ASN A 1 72  ? 10.45750  6.78999   -5.30610  1.000 97.41000  ? 72  ASN A ND2 1 
ATOM   557  N  N   . PHE A 1 73  ? 7.68216   6.22702   -0.12445  1.000 93.05000  ? 73  PHE A N   1 
ATOM   558  C  CA  . PHE A 1 73  ? 7.73389   6.58776   1.31835   1.000 90.69000  ? 73  PHE A CA  1 
ATOM   559  C  C   . PHE A 1 73  ? 9.19123   6.70081   1.78260   1.000 96.47000  ? 73  PHE A C   1 
ATOM   560  O  O   . PHE A 1 73  ? 9.46252   7.53682   2.66664   1.000 95.50000  ? 73  PHE A O   1 
ATOM   561  C  CB  . PHE A 1 73  ? 7.01085   5.50523   2.12045   1.000 83.98000  ? 73  PHE A CB  1 
ATOM   562  C  CG  . PHE A 1 73  ? 5.57787   5.23877   1.72609   1.000 94.49000  ? 73  PHE A CG  1 
ATOM   563  C  CD1 . PHE A 1 73  ? 4.54277   6.00804   2.22868   1.000 91.29000  ? 73  PHE A CD1 1 
ATOM   564  C  CD2 . PHE A 1 73  ? 5.25262   4.19688   0.87475   1.000 91.31000  ? 73  PHE A CD2 1 
ATOM   565  C  CE1 . PHE A 1 73  ? 3.22553   5.74998   1.88765   1.000 94.55000  ? 73  PHE A CE1 1 
ATOM   566  C  CE2 . PHE A 1 73  ? 3.93401   3.94536   0.53035   1.000 96.88000  ? 73  PHE A CE2 1 
ATOM   567  C  CZ  . PHE A 1 73  ? 2.91976   4.71828   1.03805   1.000 89.14000  ? 73  PHE A CZ  1 
ATOM   568  N  N   . GLU A 1 74  ? 10.09171  5.89401   1.21585   1.000 101.97000 ? 74  GLU A N   1 
ATOM   569  C  CA  . GLU A 1 74  ? 11.50470  5.87699   1.58203   1.000 102.45000 ? 74  GLU A CA  1 
ATOM   570  C  C   . GLU A 1 74  ? 12.37898  6.73707   0.67708   1.000 106.79000 ? 74  GLU A C   1 
ATOM   571  O  O   . GLU A 1 74  ? 13.57297  6.44021   0.52788   1.000 106.78000 ? 74  GLU A O   1 
ATOM   572  C  CB  . GLU A 1 74  ? 12.03294  4.43865   1.57941   1.000 103.48000 ? 74  GLU A CB  1 
ATOM   573  C  CG  . GLU A 1 74  ? 11.82191  3.72867   2.88977   1.000 98.91000  ? 74  GLU A CG  1 
ATOM   574  C  CD  . GLU A 1 74  ? 12.80204  4.23621   3.92749   1.000 97.88000  ? 74  GLU A CD  1 
ATOM   575  O  OE1 . GLU A 1 74  ? 12.49192  5.26543   4.57768   1.000 94.33000  ? 74  GLU A OE1 1 
ATOM   576  O  OE2 . GLU A 1 74  ? 13.90246  3.64305   4.03940   1.000 97.53000  ? 74  GLU A OE2 1 
ATOM   577  N  N   . GLY A 1 75  ? 11.77555  7.72934   0.01641   1.000 105.85000 ? 75  GLY A N   1 
ATOM   578  C  CA  . GLY A 1 75  ? 12.53431  8.54721   -0.95114  1.000 106.06000 ? 75  GLY A CA  1 
ATOM   579  C  C   . GLY A 1 75  ? 12.83213  7.75980   -2.21805  1.000 106.19000 ? 75  GLY A C   1 
ATOM   580  O  O   . GLY A 1 75  ? 12.55788  8.29056   -3.31214  1.000 109.91000 ? 75  GLY A O   1 
ATOM   581  N  N   . GLY A 1 76  ? 13.36504  6.53818   -2.08210  1.000 101.13000 ? 76  GLY A N   1 
ATOM   582  C  CA  . GLY A 1 76  ? 13.69666  5.72680   -3.23917  1.000 103.82000 ? 76  GLY A CA  1 
ATOM   583  C  C   . GLY A 1 76  ? 12.73899  4.59446   -3.57399  1.000 102.17000 ? 76  GLY A C   1 
ATOM   584  O  O   . GLY A 1 76  ? 12.27276  4.51052   -4.71194  1.000 102.12000 ? 76  GLY A O   1 
ATOM   585  N  N   . LYS A 1 77  ? 12.43061  3.73076   -2.60033  1.000 99.01000  ? 77  LYS A N   1 
ATOM   586  C  CA  . LYS A 1 77  ? 11.72083  2.47315   -2.85070  1.000 101.78000 ? 77  LYS A CA  1 
ATOM   587  C  C   . LYS A 1 77  ? 10.24245  2.72572   -3.17034  1.000 95.86000  ? 77  LYS A C   1 
ATOM   588  O  O   . LYS A 1 77  ? 9.50025   3.21807   -2.31645  1.000 96.19000  ? 77  LYS A O   1 
ATOM   589  C  CB  . LYS A 1 77  ? 11.82598  1.58438   -1.61087  1.000 104.46000 ? 77  LYS A CB  1 
ATOM   590  C  CG  . LYS A 1 77  ? 13.17926  1.58334   -0.90646  1.000 100.27000 ? 77  LYS A CG  1 
ATOM   591  C  CD  . LYS A 1 77  ? 13.12577  0.69485   0.33736   1.000 102.19000 ? 77  LYS A CD  1 
ATOM   592  C  CE  . LYS A 1 77  ? 14.14249  1.13570   1.38750   1.000 103.58000 ? 77  LYS A CE  1 
ATOM   593  N  NZ  . LYS A 1 77  ? 13.67945  0.90344   2.79434   1.000 94.40000  ? 77  LYS A NZ  1 
ATOM   594  N  N   . SER A 1 78  ? 9.78486   2.36131   -4.36716  1.000 86.72000  ? 78  SER A N   1 
ATOM   595  C  CA  . SER A 1 78  ? 8.37565   2.57460   -4.69439  1.000 87.45000  ? 78  SER A CA  1 
ATOM   596  C  C   . SER A 1 78  ? 7.49693   1.52562   -4.01521  1.000 83.56000  ? 78  SER A C   1 
ATOM   597  O  O   . SER A 1 78  ? 7.89276   0.36566   -3.87010  1.000 81.53000  ? 78  SER A O   1 
ATOM   598  C  CB  . SER A 1 78  ? 8.15345   2.54168   -6.20579  1.000 89.29000  ? 78  SER A CB  1 
ATOM   599  O  OG  . SER A 1 78  ? 9.24776   3.10387   -6.90009  1.000 91.21000  ? 78  SER A OG  1 
ATOM   600  N  N   . VAL A 1 79  ? 6.30168   1.93612   -3.58103  1.000 78.12000  ? 79  VAL A N   1 
ATOM   601  C  CA  . VAL A 1 79  ? 5.38570   1.04497   -2.87446  1.000 78.68000  ? 79  VAL A CA  1 
ATOM   602  C  C   . VAL A 1 79  ? 3.97086   1.25752   -3.39802  1.000 78.72000  ? 79  VAL A C   1 
ATOM   603  O  O   . VAL A 1 79  ? 3.54127   2.39654   -3.61673  1.000 77.91000  ? 79  VAL A O   1 
ATOM   604  C  CB  . VAL A 1 79  ? 5.45198   1.24506   -1.34279  1.000 79.05000  ? 79  VAL A CB  1 
ATOM   605  C  CG1 . VAL A 1 79  ? 4.20114   0.68185   -0.64669  1.000 73.15000  ? 79  VAL A CG1 1 
ATOM   606  C  CG2 . VAL A 1 79  ? 6.69217   0.57363   -0.78531  1.000 81.11000  ? 79  VAL A CG2 1 
ATOM   607  N  N   . PHE A 1 80  ? 3.24857   0.15118   -3.59337  1.000 70.16000  ? 80  PHE A N   1 
ATOM   608  C  CA  . PHE A 1 80  ? 1.95383   0.14814   -4.25601  1.000 70.58000  ? 80  PHE A CA  1 
ATOM   609  C  C   . PHE A 1 80  ? 0.87078   -0.37470  -3.32016  1.000 64.14000  ? 80  PHE A C   1 
ATOM   610  O  O   . PHE A 1 80  ? 1.12167   -1.21928  -2.45494  1.000 65.77000  ? 80  PHE A O   1 
ATOM   611  C  CB  . PHE A 1 80  ? 1.98526   -0.71859  -5.50960  1.000 64.56000  ? 80  PHE A CB  1 
ATOM   612  C  CG  . PHE A 1 80  ? 3.09091   -0.37453  -6.46718  1.000 67.37000  ? 80  PHE A CG  1 
ATOM   613  C  CD1 . PHE A 1 80  ? 4.37720   -0.85172  -6.26851  1.000 70.59000  ? 80  PHE A CD1 1 
ATOM   614  C  CD2 . PHE A 1 80  ? 2.83592   0.38642   -7.58853  1.000 65.82000  ? 80  PHE A CD2 1 
ATOM   615  C  CE1 . PHE A 1 80  ? 5.38498   -0.55817  -7.16683  1.000 72.64000  ? 80  PHE A CE1 1 
ATOM   616  C  CE2 . PHE A 1 80  ? 3.83542   0.67598   -8.48469  1.000 69.35000  ? 80  PHE A CE2 1 
ATOM   617  C  CZ  . PHE A 1 80  ? 5.11164   0.20947   -8.27430  1.000 70.91000  ? 80  PHE A CZ  1 
ATOM   618  N  N   . GLU A 1 81  ? -0.34428  0.12869   -3.50833  1.000 59.92000  ? 81  GLU A N   1 
ATOM   619  C  CA  . GLU A 1 81  ? -1.46116  -0.25280  -2.66066  1.000 66.34000  ? 81  GLU A CA  1 
ATOM   620  C  C   . GLU A 1 81  ? -2.74287  -0.10746  -3.45660  1.000 68.89000  ? 81  GLU A C   1 
ATOM   621  O  O   . GLU A 1 81  ? -2.79349  0.61125   -4.45726  1.000 67.08000  ? 81  GLU A O   1 
ATOM   622  C  CB  . GLU A 1 81  ? -1.53681  0.59707   -1.38858  1.000 68.12000  ? 81  GLU A CB  1 
ATOM   623  C  CG  . GLU A 1 81  ? -1.32106  2.08264   -1.61568  1.000 65.96000  ? 81  GLU A CG  1 
ATOM   624  C  CD  . GLU A 1 81  ? -1.27925  2.83027   -0.31023  1.000 72.85000  ? 81  GLU A CD  1 
ATOM   625  O  OE1 . GLU A 1 81  ? -2.04091  2.41577   0.57918   1.000 74.56000  ? 81  GLU A OE1 1 
ATOM   626  O  OE2 . GLU A 1 81  ? -0.49313  3.80239   -0.15715  1.000 77.63000  ? 81  GLU A OE2 1 
ATOM   627  N  N   . LEU A 1 82  ? -3.80709  -0.76405  -3.01286  1.000 65.35000  ? 82  LEU A N   1 
ATOM   628  C  CA  . LEU A 1 82  ? -5.09031  -0.67729  -3.75276  1.000 73.20000  ? 82  LEU A CA  1 
ATOM   629  C  C   . LEU A 1 82  ? -5.75241  0.66464   -3.43996  1.000 70.87000  ? 82  LEU A C   1 
ATOM   630  O  O   . LEU A 1 82  ? -6.11116  0.87230   -2.27829  1.000 73.89000  ? 82  LEU A O   1 
ATOM   631  C  CB  . LEU A 1 82  ? -5.97580  -1.86021  -3.35966  1.000 72.18000  ? 82  LEU A CB  1 
ATOM   632  C  CG  . LEU A 1 82  ? -5.73917  -3.13609  -4.16123  1.000 67.55000  ? 82  LEU A CG  1 
ATOM   633  C  CD1 . LEU A 1 82  ? -6.81654  -4.16323  -3.86605  1.000 68.91000  ? 82  LEU A CD1 1 
ATOM   634  C  CD2 . LEU A 1 82  ? -5.69225  -2.83341  -5.64772  1.000 68.20000  ? 82  LEU A CD2 1 
ATOM   635  N  N   . THR A 1 83  ? -5.90368  1.53192   -4.44446  1.000 73.55000  ? 83  THR A N   1 
ATOM   636  C  CA  . THR A 1 83  ? -6.53756  2.86094   -4.23739  1.000 75.65000  ? 83  THR A CA  1 
ATOM   637  C  C   . THR A 1 83  ? -7.88120  2.65709   -3.55317  1.000 79.97000  ? 83  THR A C   1 
ATOM   638  O  O   . THR A 1 83  ? -8.22849  3.45777   -2.67161  1.000 82.15000  ? 83  THR A O   1 
ATOM   639  C  CB  . THR A 1 83  ? -6.88535  3.57182   -5.54941  1.000 74.41000  ? 83  THR A CB  1 
ATOM   640  O  OG1 . THR A 1 83  ? -7.54142  2.67033   -6.43647  1.000 67.09000  ? 83  THR A OG1 1 
ATOM   641  C  CG2 . THR A 1 83  ? -5.70324  4.21177   -6.23609  1.000 76.91000  ? 83  THR A CG2 1 
ATOM   642  N  N   . GLN A 1 84  ? -8.60888  1.62929   -3.97395  1.000 80.01000  ? 84  GLN A N   1 
ATOM   643  C  CA  . GLN A 1 84  ? -9.92624  1.32813   -3.37858  1.000 81.60000  ? 84  GLN A CA  1 
ATOM   644  C  C   . GLN A 1 84  ? -9.69413  0.61500   -2.04938  1.000 81.19000  ? 84  GLN A C   1 
ATOM   645  O  O   . GLN A 1 84  ? -9.62104  -0.62167  -2.04657  1.000 79.42000  ? 84  GLN A O   1 
ATOM   646  C  CB  . GLN A 1 84  ? -10.71772 0.45688   -4.35169  1.000 91.46000  ? 84  GLN A CB  1 
ATOM   647  C  CG  . GLN A 1 84  ? -10.71546 0.98167   -5.78106  1.000 91.85000  ? 84  GLN A CG  1 
ATOM   648  C  CD  . GLN A 1 84  ? -9.69857  0.30869   -6.67147  1.000 100.91000 ? 84  GLN A CD  1 
ATOM   649  O  OE1 . GLN A 1 84  ? -8.95288  -0.57185  -6.24793  1.000 100.68000 ? 84  GLN A OE1 1 
ATOM   650  N  NE2 . GLN A 1 84  ? -9.64604  0.74196   -7.92055  1.000 89.96000  ? 84  GLN A NE2 1 
ATOM   651  N  N   . GLN A 1 85  ? -9.52953  1.37529   -0.97184  1.000 80.50000  ? 85  GLN A N   1 
ATOM   652  C  CA  . GLN A 1 85  ? -9.39260  0.74440   0.36268   1.000 82.05000  ? 85  GLN A CA  1 
ATOM   653  C  C   . GLN A 1 85  ? -9.98503  1.68195   1.41146   1.000 82.84000  ? 85  GLN A C   1 
ATOM   654  O  O   . GLN A 1 85  ? -10.24966 2.84843   1.07880   1.000 85.43000  ? 85  GLN A O   1 
ATOM   655  C  CB  . GLN A 1 85  ? -7.94630  0.34032   0.65148   1.000 81.76000  ? 85  GLN A CB  1 
ATOM   656  C  CG  . GLN A 1 85  ? -7.58148  0.29346   2.12705   1.000 85.28000  ? 85  GLN A CG  1 
ATOM   657  C  CD  . GLN A 1 85  ? -6.18680  -0.24866  2.32008   1.000 90.98000  ? 85  GLN A CD  1 
ATOM   658  O  OE1 . GLN A 1 85  ? -5.32164  -0.10749  1.45720   1.000 88.95000  ? 85  GLN A OE1 1 
ATOM   659  N  NE2 . GLN A 1 85  ? -5.95769  -0.88460  3.45875   1.000 86.37000  ? 85  GLN A NE2 1 
ATOM   660  N  N   . HIS A 1 86  ? -10.19814 1.17239   2.62314   1.000 87.56000  ? 86  HIS A N   1 
ATOM   661  C  CA  . HIS A 1 86  ? -10.71917 2.01941   3.72415   1.000 84.73000  ? 86  HIS A CA  1 
ATOM   662  C  C   . HIS A 1 86  ? -9.63980  3.03790   4.07468   1.000 81.72000  ? 86  HIS A C   1 
ATOM   663  O  O   . HIS A 1 86  ? -8.45748  2.75014   3.82525   1.000 81.82000  ? 86  HIS A O   1 
ATOM   664  C  CB  . HIS A 1 86  ? -11.09785 1.15728   4.92898   1.000 82.47000  ? 86  HIS A CB  1 
ATOM   665  C  CG  . HIS A 1 86  ? -12.25297 0.25176   4.66736   1.000 92.85000  ? 86  HIS A CG  1 
ATOM   666  N  ND1 . HIS A 1 86  ? -12.42762 -0.93566  5.34874   1.000 94.81000  ? 86  HIS A ND1 1 
ATOM   667  C  CD2 . HIS A 1 86  ? -13.28806 0.35272   3.80617   1.000 90.00000  ? 86  HIS A CD2 1 
ATOM   668  C  CE1 . HIS A 1 86  ? -13.52196 -1.52880  4.91955   1.000 95.10000  ? 86  HIS A CE1 1 
ATOM   669  N  NE2 . HIS A 1 86  ? -14.06806 -0.75756  3.97190   1.000 93.97000  ? 86  HIS A NE2 1 
ATOM   670  N  N   . HIS A 1 87  ? -10.02327 4.16374   4.66805   1.000 80.36000  ? 87  HIS A N   1 
ATOM   671  C  CA  . HIS A 1 87  ? -9.03005  5.20584   4.92101   1.000 74.61000  ? 87  HIS A CA  1 
ATOM   672  C  C   . HIS A 1 87  ? -8.05243  4.78936   6.00390   1.000 70.53000  ? 87  HIS A C   1 
ATOM   673  O  O   . HIS A 1 87  ? -8.44506  4.33911   7.08404   1.000 68.16000  ? 87  HIS A O   1 
ATOM   674  C  CB  . HIS A 1 87  ? -9.66532  6.52208   5.34434   1.000 63.17000  ? 87  HIS A CB  1 
ATOM   675  C  CG  . HIS A 1 87  ? -8.65778  7.59817   5.59449   1.000 65.91000  ? 87  HIS A CG  1 
ATOM   676  N  ND1 . HIS A 1 87  ? -7.97752  8.22581   4.57319   1.000 70.47000  ? 87  HIS A ND1 1 
ATOM   677  C  CD2 . HIS A 1 87  ? -8.17640  8.12814   6.74495   1.000 66.82000  ? 87  HIS A CD2 1 
ATOM   678  C  CE1 . HIS A 1 87  ? -7.14687  9.12207   5.08311   1.000 63.79000  ? 87  HIS A CE1 1 
ATOM   679  N  NE2 . HIS A 1 87  ? -7.25441  9.08800   6.39746   1.000 60.66000  ? 87  HIS A NE2 1 
ATOM   680  N  N   . HIS A 1 88  ? -6.77430  4.97613   5.72243   1.000 70.13000  ? 88  HIS A N   1 
ATOM   681  C  CA  . HIS A 1 88  ? -5.75409  4.81156   6.73483   1.000 67.23000  ? 88  HIS A CA  1 
ATOM   682  C  C   . HIS A 1 88  ? -4.68200  5.85291   6.47343   1.000 62.93000  ? 88  HIS A C   1 
ATOM   683  O  O   . HIS A 1 88  ? -4.68111  6.52119   5.43894   1.000 65.59000  ? 88  HIS A O   1 
ATOM   684  C  CB  . HIS A 1 88  ? -5.18188  3.39771   6.71850   1.000 65.12000  ? 88  HIS A CB  1 
ATOM   685  C  CG  . HIS A 1 88  ? -4.61267  3.00060   5.39255   1.000 69.43000  ? 88  HIS A CG  1 
ATOM   686  N  ND1 . HIS A 1 88  ? -5.18999  2.04134   4.58851   1.000 77.04000  ? 88  HIS A ND1 1 
ATOM   687  C  CD2 . HIS A 1 88  ? -3.53854  3.46189   4.71014   1.000 69.21000  ? 88  HIS A CD2 1 
ATOM   688  C  CE1 . HIS A 1 88  ? -4.47541  1.90428   3.48586   1.000 76.77000  ? 88  HIS A CE1 1 
ATOM   689  N  NE2 . HIS A 1 88  ? -3.46990  2.75673   3.53500   1.000 69.39000  ? 88  HIS A NE2 1 
ATOM   690  N  N   . ASP A 1 89  ? -3.77775  5.99102   7.42400   1.000 62.25000  ? 89  ASP A N   1 
ATOM   691  C  CA  . ASP A 1 89  ? -2.60028  6.81850   7.24838   1.000 59.89000  ? 89  ASP A CA  1 
ATOM   692  C  C   . ASP A 1 89  ? -1.39603  5.88382   7.31399   1.000 59.70000  ? 89  ASP A C   1 
ATOM   693  O  O   . ASP A 1 89  ? -1.54704  4.66047   7.30391   1.000 60.42000  ? 89  ASP A O   1 
ATOM   694  C  CB  . ASP A 1 89  ? -2.59499  7.94120   8.28479   1.000 56.69000  ? 89  ASP A CB  1 
ATOM   695  C  CG  . ASP A 1 89  ? -3.64939  8.99327   7.98871   1.000 56.37000  ? 89  ASP A CG  1 
ATOM   696  O  OD1 . ASP A 1 89  ? -3.64109  9.60716   6.88862   1.000 55.40000  ? 89  ASP A OD1 1 
ATOM   697  O  OD2 . ASP A 1 89  ? -4.53767  9.14332   8.84655   1.000 57.19000  ? 89  ASP A OD2 1 
ATOM   698  N  N   . HIS A 1 90  ? -0.19111  6.44342   7.37100   1.000 59.89000  ? 90  HIS A N   1 
ATOM   699  C  CA  . HIS A 1 90  ? 0.99197   5.62177   7.13510   1.000 61.73000  ? 90  HIS A CA  1 
ATOM   700  C  C   . HIS A 1 90  ? 2.05778   5.85244   8.19028   1.000 55.21000  ? 90  HIS A C   1 
ATOM   701  O  O   . HIS A 1 90  ? 2.45393   6.99228   8.44376   1.000 60.31000  ? 90  HIS A O   1 
ATOM   702  C  CB  . HIS A 1 90  ? 1.56814   5.89750   5.74690   1.000 65.00000  ? 90  HIS A CB  1 
ATOM   703  C  CG  . HIS A 1 90  ? 0.58851   5.67060   4.64445   1.000 68.97000  ? 90  HIS A CG  1 
ATOM   704  N  ND1 . HIS A 1 90  ? -0.14224  6.69692   4.08597   1.000 76.44000  ? 90  HIS A ND1 1 
ATOM   705  C  CD2 . HIS A 1 90  ? 0.21059   4.54308   4.00295   1.000 64.53000  ? 90  HIS A CD2 1 
ATOM   706  C  CE1 . HIS A 1 90  ? -0.92290  6.21013   3.14004   1.000 70.21000  ? 90  HIS A CE1 1 
ATOM   707  N  NE2 . HIS A 1 90  ? -0.71610  4.91139   3.06435   1.000 65.21000  ? 90  HIS A NE2 1 
ATOM   708  N  N   . LEU A 1 91  ? 2.52434   4.76126   8.77971   1.000 55.80000  ? 91  LEU A N   1 
ATOM   709  C  CA  . LEU A 1 91  ? 3.64023   4.73912   9.71025   1.000 54.60000  ? 91  LEU A CA  1 
ATOM   710  C  C   . LEU A 1 91  ? 4.77317   3.97173   9.04541   1.000 57.24000  ? 91  LEU A C   1 
ATOM   711  O  O   . LEU A 1 91  ? 4.58725   2.81942   8.63920   1.000 61.84000  ? 91  LEU A O   1 
ATOM   712  C  CB  . LEU A 1 91  ? 3.21947   4.08003   11.02011  1.000 47.52000  ? 91  LEU A CB  1 
ATOM   713  C  CG  . LEU A 1 91  ? 4.35043   3.61840   11.91781  1.000 53.37000  ? 91  LEU A CG  1 
ATOM   714  C  CD1 . LEU A 1 91  ? 5.26458   4.79737   12.30548  1.000 52.49000  ? 91  LEU A CD1 1 
ATOM   715  C  CD2 . LEU A 1 91  ? 3.74009   2.94249   13.14122  1.000 54.89000  ? 91  LEU A CD2 1 
ATOM   716  N  N   . ILE A 1 92  ? 5.89493   4.66394   8.80891   1.000 55.40000  ? 92  ILE A N   1 
ATOM   717  C  CA  . ILE A 1 92  ? 7.01040   4.05290   8.02676   1.000 55.17000  ? 92  ILE A CA  1 
ATOM   718  C  C   . ILE A 1 92  ? 8.26646   3.90535   8.88805   1.000 58.06000  ? 92  ILE A C   1 
ATOM   719  O  O   . ILE A 1 92  ? 8.69518   4.91232   9.48529   1.000 61.95000  ? 92  ILE A O   1 
ATOM   720  C  CB  . ILE A 1 92  ? 7.28156   4.87024   6.74399   1.000 58.00000  ? 92  ILE A CB  1 
ATOM   721  C  CG1 . ILE A 1 92  ? 6.00833   5.06925   5.91523   1.000 59.36000  ? 92  ILE A CG1 1 
ATOM   722  C  CG2 . ILE A 1 92  ? 8.39437   4.24530   5.91528   1.000 55.90000  ? 92  ILE A CG2 1 
ATOM   723  C  CD1 . ILE A 1 92  ? 5.48023   6.48459   5.91710   1.000 67.57000  ? 92  ILE A CD1 1 
ATOM   724  N  N   . CYS A 1 93  ? 8.82636   2.69663   8.94088   1.000 56.92000  ? 93  CYS A N   1 
ATOM   725  C  CA  . CYS A 1 93  ? 10.05077  2.41958   9.67457   1.000 58.19000  ? 93  CYS A CA  1 
ATOM   726  C  C   . CYS A 1 93  ? 11.25926  2.77058   8.82426   1.000 62.06000  ? 93  CYS A C   1 
ATOM   727  O  O   . CYS A 1 93  ? 11.42886  2.22112   7.73355   1.000 61.73000  ? 93  CYS A O   1 
ATOM   728  C  CB  . CYS A 1 93  ? 10.13048  0.96297   10.08704  1.000 55.42000  ? 93  CYS A CB  1 
ATOM   729  S  SG  . CYS A 1 93  ? 11.61528  0.70494   11.00109  1.000 55.81000  ? 93  CYS A SG  1 
ATOM   730  N  N   . LEU A 1 94  ? 12.11625  3.65474   9.34982   1.000 62.71000  ? 94  LEU A N   1 
ATOM   731  C  CA  . LEU A 1 94  ? 13.25417  4.20176   8.62089   1.000 61.14000  ? 94  LEU A CA  1 
ATOM   732  C  C   . LEU A 1 94  ? 14.46761  3.27405   8.55709   1.000 63.84000  ? 94  LEU A C   1 
ATOM   733  O  O   . LEU A 1 94  ? 15.36632  3.53417   7.75444   1.000 68.81000  ? 94  LEU A O   1 
ATOM   734  C  CB  . LEU A 1 94  ? 13.65707  5.53100   9.24525   1.000 59.81000  ? 94  LEU A CB  1 
ATOM   735  C  CG  . LEU A 1 94  ? 12.62709  6.64309   9.06016   1.000 62.74000  ? 94  LEU A CG  1 
ATOM   736  C  CD1 . LEU A 1 94  ? 12.98083  7.89227   9.86579   1.000 52.88000  ? 94  LEU A CD1 1 
ATOM   737  C  CD2 . LEU A 1 94  ? 12.51354  6.97632   7.57657   1.000 63.17000  ? 94  LEU A CD2 1 
ATOM   738  N  N   . ASP A 1 95  ? 14.52202  2.20684   9.35733   1.000 61.04000  ? 95  ASP A N   1 
ATOM   739  C  CA  . ASP A 1 95  ? 15.65867  1.29245   9.33332   1.000 59.75000  ? 95  ASP A CA  1 
ATOM   740  C  C   . ASP A 1 95  ? 15.47014  0.16323   8.33680   1.000 65.59000  ? 95  ASP A C   1 
ATOM   741  O  O   . ASP A 1 95  ? 16.43229  -0.23094  7.66884   1.000 67.83000  ? 95  ASP A O   1 
ATOM   742  C  CB  . ASP A 1 95  ? 15.88754  0.69749   10.72017  1.000 59.37000  ? 95  ASP A CB  1 
ATOM   743  C  CG  . ASP A 1 95  ? 16.27138  1.73524   11.73155  1.000 63.04000  ? 95  ASP A CG  1 
ATOM   744  O  OD1 . ASP A 1 95  ? 17.34081  2.35107   11.56155  1.000 63.31000  ? 95  ASP A OD1 1 
ATOM   745  O  OD2 . ASP A 1 95  ? 15.48622  1.95590   12.67822  1.000 60.37000  ? 95  ASP A OD2 1 
ATOM   746  N  N   . CYS A 1 96  ? 14.22914  -0.35401  8.23549   1.000 71.65000  ? 96  CYS A N   1 
ATOM   747  C  CA  . CYS A 1 96  ? 13.88093  -1.52815  7.44608   1.000 62.60000  ? 96  CYS A CA  1 
ATOM   748  C  C   . CYS A 1 96  ? 12.89227  -1.25334  6.31443   1.000 65.12000  ? 96  CYS A C   1 
ATOM   749  O  O   . CYS A 1 96  ? 12.69725  -2.13175  5.46599   1.000 63.70000  ? 96  CYS A O   1 
ATOM   750  C  CB  . CYS A 1 96  ? 13.29667  -2.62027  8.35565   1.000 59.61000  ? 96  CYS A CB  1 
ATOM   751  S  SG  . CYS A 1 96  ? 11.58182  -2.32351  8.79202   1.000 60.26000  ? 96  CYS A SG  1 
ATOM   752  N  N   . GLY A 1 97  ? 12.25495  -0.08081  6.27926   1.000 63.71000  ? 97  GLY A N   1 
ATOM   753  C  CA  . GLY A 1 97  ? 11.39873  0.30575   5.17743   1.000 61.03000  ? 97  GLY A CA  1 
ATOM   754  C  C   . GLY A 1 97  ? 9.94687   -0.08992  5.30757   1.000 62.20000  ? 97  GLY A C   1 
ATOM   755  O  O   . GLY A 1 97  ? 9.15407   0.25980   4.42254   1.000 65.45000  ? 97  GLY A O   1 
ATOM   756  N  N   . LYS A 1 98  ? 9.58454   -0.75672  6.40169   1.000 56.26000  ? 98  LYS A N   1 
ATOM   757  C  CA  . LYS A 1 98  ? 8.19924   -1.26903  6.56039   1.000 56.06000  ? 98  LYS A CA  1 
ATOM   758  C  C   . LYS A 1 98  ? 7.17198   -0.14262  6.57305   1.000 56.71000  ? 98  LYS A C   1 
ATOM   759  O  O   . LYS A 1 98  ? 7.31285   0.77192   7.38490   1.000 60.64000  ? 98  LYS A O   1 
ATOM   760  C  CB  . LYS A 1 98  ? 8.06366   -2.10978  7.82985   1.000 59.64000  ? 98  LYS A CB  1 
ATOM   761  C  CG  . LYS A 1 98  ? 6.70857   -2.77156  8.03762   1.000 66.11000  ? 98  LYS A CG  1 
ATOM   762  C  CD  . LYS A 1 98  ? 6.64307   -4.18358  7.50747   1.000 58.21000  ? 98  LYS A CD  1 
ATOM   763  C  CE  . LYS A 1 98  ? 5.30514   -4.84507  7.75561   1.000 72.71000  ? 98  LYS A CE  1 
ATOM   764  N  NZ  . LYS A 1 98  ? 5.04118   -5.02682  9.20302   1.000 74.94000  ? 98  LYS A NZ  1 
ATOM   765  N  N   . VAL A 1 99  ? 6.16971   -0.22756  5.70597   1.000 56.23000  ? 99  VAL A N   1 
ATOM   766  C  CA  . VAL A 1 99  ? 5.07319   0.73540   5.69693   1.000 56.53000  ? 99  VAL A CA  1 
ATOM   767  C  C   . VAL A 1 99  ? 3.89089   0.11575   6.42593   1.000 55.49000  ? 99  VAL A C   1 
ATOM   768  O  O   . VAL A 1 99  ? 3.38234   -0.93008  6.00563   1.000 61.11000  ? 99  VAL A O   1 
ATOM   769  C  CB  . VAL A 1 99  ? 4.67958   1.12200   4.26752   1.000 58.41000  ? 99  VAL A CB  1 
ATOM   770  C  CG1 . VAL A 1 99  ? 3.46446   2.02510   4.29978   1.000 60.22000  ? 99  VAL A CG1 1 
ATOM   771  C  CG2 . VAL A 1 99  ? 5.85652   1.76418   3.53455   1.000 59.41000  ? 99  VAL A CG2 1 
ATOM   772  N  N   . ILE A 1 100 ? 3.45146   0.74869   7.51184   1.000 52.12000  ? 100 ILE A N   1 
ATOM   773  C  CA  . ILE A 1 100 ? 2.39398   0.22109   8.37005   1.000 50.68000  ? 100 ILE A CA  1 
ATOM   774  C  C   . ILE A 1 100 ? 1.18462   1.13510   8.25408   1.000 54.40000  ? 100 ILE A C   1 
ATOM   775  O  O   . ILE A 1 100 ? 1.31302   2.36060   8.37938   1.000 59.98000  ? 100 ILE A O   1 
ATOM   776  C  CB  . ILE A 1 100 ? 2.84240   0.13553   9.83744   1.000 50.43000  ? 100 ILE A CB  1 
ATOM   777  C  CG1 . ILE A 1 100 ? 3.98025   -0.85878  10.01656  1.000 52.84000  ? 100 ILE A CG1 1 
ATOM   778  C  CG2 . ILE A 1 100 ? 1.66580   -0.21703  10.72746  1.000 47.52000  ? 100 ILE A CG2 1 
ATOM   779  C  CD1 . ILE A 1 100 ? 5.09135   -0.28491  10.86237  1.000 58.13000  ? 100 ILE A CD1 1 
ATOM   780  N  N   . GLU A 1 101 ? 0.00988   0.55072   8.06165   1.000 53.92000  ? 101 GLU A N   1 
ATOM   781  C  CA  . GLU A 1 101 ? -1.20330  1.35029   8.00175   1.000 58.74000  ? 101 GLU A CA  1 
ATOM   782  C  C   . GLU A 1 101 ? -1.85036  1.46486   9.38345   1.000 54.16000  ? 101 GLU A C   1 
ATOM   783  O  O   . GLU A 1 101 ? -1.62752  0.64211   10.27745  1.000 50.44000  ? 101 GLU A O   1 
ATOM   784  C  CB  . GLU A 1 101 ? -2.20138  0.76511   7.00109   1.000 64.67000  ? 101 GLU A CB  1 
ATOM   785  C  CG  . GLU A 1 101 ? -2.29805  -0.73983  6.98483   1.000 62.62000  ? 101 GLU A CG  1 
ATOM   786  C  CD  . GLU A 1 101 ? -3.51459  -1.16861  6.22810   1.000 73.71000  ? 101 GLU A CD  1 
ATOM   787  O  OE1 . GLU A 1 101 ? -3.87480  -0.45931  5.26510   1.000 74.05000  ? 101 GLU A OE1 1 
ATOM   788  O  OE2 . GLU A 1 101 ? -4.13565  -2.18214  6.61479   1.000 84.21000  ? 101 GLU A OE2 1 
ATOM   789  N  N   . PHE A 1 102 ? -2.65575  2.51351   9.54695   1.000 51.42000  ? 102 PHE A N   1 
ATOM   790  C  CA  . PHE A 1 102 ? -3.28969  2.78721   10.82858  1.000 56.17000  ? 102 PHE A CA  1 
ATOM   791  C  C   . PHE A 1 102 ? -4.38522  3.81837   10.62955  1.000 56.80000  ? 102 PHE A C   1 
ATOM   792  O  O   . PHE A 1 102 ? -4.31600  4.66443   9.73192   1.000 56.55000  ? 102 PHE A O   1 
ATOM   793  C  CB  . PHE A 1 102 ? -2.29217  3.27533   11.90634  1.000 60.05000  ? 102 PHE A CB  1 
ATOM   794  C  CG  . PHE A 1 102 ? -1.80400  4.72122   11.73460  1.000 56.16000  ? 102 PHE A CG  1 
ATOM   795  C  CD1 . PHE A 1 102 ? -2.52424  5.79439   12.25978  1.000 58.04000  ? 102 PHE A CD1 1 
ATOM   796  C  CD2 . PHE A 1 102 ? -0.58497  4.99096   11.12309  1.000 56.81000  ? 102 PHE A CD2 1 
ATOM   797  C  CE1 . PHE A 1 102 ? -2.07371  7.09689   12.11070  1.000 53.22000  ? 102 PHE A CE1 1 
ATOM   798  C  CE2 . PHE A 1 102 ? -0.12456  6.29398   10.98226  1.000 49.43000  ? 102 PHE A CE2 1 
ATOM   799  C  CZ  . PHE A 1 102 ? -0.87567  7.34371   11.46810  1.000 51.87000  ? 102 PHE A CZ  1 
ATOM   800  N  N   . SER A 1 103 ? -5.39545  3.73565   11.48265  1.000 56.20000  ? 103 SER A N   1 
ATOM   801  C  CA  . SER A 1 103 ? -6.46773  4.71391   11.48687  1.000 62.44000  ? 103 SER A CA  1 
ATOM   802  C  C   . SER A 1 103 ? -6.85959  4.96045   12.93325  1.000 65.19000  ? 103 SER A C   1 
ATOM   803  O  O   . SER A 1 103 ? -7.00290  4.01456   13.71634  1.000 69.99000  ? 103 SER A O   1 
ATOM   804  C  CB  . SER A 1 103 ? -7.67960  4.25091   10.66676  1.000 67.47000  ? 103 SER A CB  1 
ATOM   805  O  OG  . SER A 1 103 ? -8.73214  5.19999   10.76224  1.000 70.97000  ? 103 SER A OG  1 
ATOM   806  N  N   . ASP A 1 104 ? -6.98546  6.23780   13.28110  1.000 59.60000  ? 104 ASP A N   1 
ATOM   807  C  CA  . ASP A 1 104 ? -7.31946  6.68738   14.62610  1.000 60.94000  ? 104 ASP A CA  1 
ATOM   808  C  C   . ASP A 1 104 ? -8.56725  7.54639   14.48682  1.000 62.61000  ? 104 ASP A C   1 
ATOM   809  O  O   . ASP A 1 104 ? -8.56782  8.52070   13.73247  1.000 66.22000  ? 104 ASP A O   1 
ATOM   810  C  CB  . ASP A 1 104 ? -6.14218  7.46964   15.23716  1.000 57.21000  ? 104 ASP A CB  1 
ATOM   811  C  CG  . ASP A 1 104 ? -6.21441  7.58416   16.75720  1.000 61.17000  ? 104 ASP A CG  1 
ATOM   812  O  OD1 . ASP A 1 104 ? -7.20584  8.15727   17.26812  1.000 64.52000  ? 104 ASP A OD1 1 
ATOM   813  O  OD2 . ASP A 1 104 ? -5.26403  7.12180   17.43663  1.000 53.93000  ? 104 ASP A OD2 1 
ATOM   814  N  N   . ASP A 1 105 ? -9.64728  7.15748   15.15061  1.000 61.64000  ? 105 ASP A N   1 
ATOM   815  C  CA  . ASP A 1 105 ? -10.88126 7.91176   14.99492  1.000 60.66000  ? 105 ASP A CA  1 
ATOM   816  C  C   . ASP A 1 105 ? -10.81258 9.23786   15.74185  1.000 68.11000  ? 105 ASP A C   1 
ATOM   817  O  O   . ASP A 1 105 ? -11.44716 10.21696  15.33185  1.000 68.70000  ? 105 ASP A O   1 
ATOM   818  C  CB  . ASP A 1 105 ? -12.04734 7.06509   15.48468  1.000 65.82000  ? 105 ASP A CB  1 
ATOM   819  C  CG  . ASP A 1 105 ? -12.26109 5.80809   14.62482  1.000 77.97000  ? 105 ASP A CG  1 
ATOM   820  O  OD1 . ASP A 1 105 ? -12.05406 5.87364   13.38724  1.000 74.32000  ? 105 ASP A OD1 1 
ATOM   821  O  OD2 . ASP A 1 105 ? -12.59409 4.74256   15.20192  1.000 76.98000  ? 105 ASP A OD2 1 
ATOM   822  N  N   . SER A 1 106 ? -10.04078 9.29992   16.82822  1.000 58.69000  ? 106 SER A N   1 
ATOM   823  C  CA  . SER A 1 106 ? -9.95580  10.54894  17.56564  1.000 58.14000  ? 106 SER A CA  1 
ATOM   824  C  C   . SER A 1 106 ? -9.09218  11.57004  16.83035  1.000 64.77000  ? 106 SER A C   1 
ATOM   825  O  O   . SER A 1 106 ? -9.28703  12.78387  16.99744  1.000 60.76000  ? 106 SER A O   1 
ATOM   826  C  CB  . SER A 1 106 ? -9.43343  10.28518  18.97794  1.000 53.81000  ? 106 SER A CB  1 
ATOM   827  O  OG  . SER A 1 106 ? -8.07050  9.92675   18.96373  1.000 55.67000  ? 106 SER A OG  1 
ATOM   828  N  N   . ILE A 1 107 ? -8.14622  11.10885  16.01026  1.000 63.39000  ? 107 ILE A N   1 
ATOM   829  C  CA  . ILE A 1 107 ? -7.37067  12.03605  15.19893  1.000 57.91000  ? 107 ILE A CA  1 
ATOM   830  C  C   . ILE A 1 107 ? -8.19429  12.53114  14.01849  1.000 57.41000  ? 107 ILE A C   1 
ATOM   831  O  O   . ILE A 1 107 ? -8.30129  13.74147  13.79194  1.000 60.19000  ? 107 ILE A O   1 
ATOM   832  C  CB  . ILE A 1 107 ? -6.05109  11.39339  14.73638  1.000 55.14000  ? 107 ILE A CB  1 
ATOM   833  C  CG1 . ILE A 1 107 ? -5.15140  11.08639  15.92952  1.000 53.06000  ? 107 ILE A CG1 1 
ATOM   834  C  CG2 . ILE A 1 107 ? -5.32789  12.32463  13.76697  1.000 48.89000  ? 107 ILE A CG2 1 
ATOM   835  C  CD1 . ILE A 1 107 ? -3.73931  10.64437  15.53163  1.000 46.76000  ? 107 ILE A CD1 1 
ATOM   836  N  N   . GLU A 1 108 ? -8.78690  11.61565  13.24971  1.000 51.62000  ? 108 GLU A N   1 
ATOM   837  C  CA  . GLU A 1 108 ? -9.60130  12.03813  12.10622  1.000 59.73000  ? 108 GLU A CA  1 
ATOM   838  C  C   . GLU A 1 108 ? -10.69954 12.99950  12.54193  1.000 60.61000  ? 108 GLU A C   1 
ATOM   839  O  O   . GLU A 1 108 ? -11.15006 13.83316  11.74849  1.000 61.82000  ? 108 GLU A O   1 
ATOM   840  C  CB  . GLU A 1 108 ? -10.23256 10.83006  11.38448  1.000 54.02000  ? 108 GLU A CB  1 
ATOM   841  C  CG  . GLU A 1 108 ? -9.26495  9.70521   11.00231  1.000 50.16000  ? 108 GLU A CG  1 
ATOM   842  C  CD  . GLU A 1 108 ? -8.31304  10.03189  9.84435   1.000 55.37000  ? 108 GLU A CD  1 
ATOM   843  O  OE1 . GLU A 1 108 ? -8.71762  10.67688  8.85605   1.000 55.10000  ? 108 GLU A OE1 1 
ATOM   844  O  OE2 . GLU A 1 108 ? -7.14139  9.60723   9.91230   1.000 57.31000  ? 108 GLU A OE2 1 
ATOM   845  N  N   . ALA A 1 109 ? -11.12983 12.90578  13.80205  1.000 59.50000  ? 109 ALA A N   1 
ATOM   846  C  CA  . ALA A 1 109 ? -12.17300 13.78242  14.31317  1.000 58.00000  ? 109 ALA A CA  1 
ATOM   847  C  C   . ALA A 1 109 ? -11.61242 15.15122  14.65395  1.000 64.13000  ? 109 ALA A C   1 
ATOM   848  O  O   . ALA A 1 109 ? -12.18629 16.18063  14.28052  1.000 66.85000  ? 109 ALA A O   1 
ATOM   849  C  CB  . ALA A 1 109 ? -12.81715 13.16731  15.54896  1.000 62.97000  ? 109 ALA A CB  1 
ATOM   850  N  N   . ARG A 1 110 ? -10.47009 15.17221  15.34335  1.000 62.49000  ? 110 ARG A N   1 
ATOM   851  C  CA  . ARG A 1 110 ? -9.82592  16.45759  15.71793  1.000 60.68000  ? 110 ARG A CA  1 
ATOM   852  C  C   . ARG A 1 110 ? -9.40489  17.18822  14.44633  1.000 58.94000  ? 110 ARG A C   1 
ATOM   853  O  O   . ARG A 1 110 ? -9.51085  18.40613  14.41584  1.000 59.40000  ? 110 ARG A O   1 
ATOM   854  C  CB  . ARG A 1 110 ? -8.62524  16.21936  16.63174  1.000 59.38000  ? 110 ARG A CB  1 
ATOM   855  C  CG  . ARG A 1 110 ? -7.98831  17.49207  17.16417  1.000 64.71000  ? 110 ARG A CG  1 
ATOM   856  C  CD  . ARG A 1 110 ? -7.46881  17.35877  18.57900  1.000 66.44000  ? 110 ARG A CD  1 
ATOM   857  N  NE  . ARG A 1 110 ? -8.51932  16.95422  19.49722  1.000 67.57000  ? 110 ARG A NE  1 
ATOM   858  C  CZ  . ARG A 1 110 ? -9.32341  17.79411  20.13089  1.000 67.23000  ? 110 ARG A CZ  1 
ATOM   859  N  NH1 . ARG A 1 110 ? -9.19864  19.09643  19.94618  1.000 62.09000  ? 110 ARG A NH1 1 
ATOM   860  N  NH2 . ARG A 1 110 ? -10.24984 17.32794  20.94699  1.000 71.02000  ? 110 ARG A NH2 1 
ATOM   861  N  N   . GLN A 1 111 ? -8.94207  16.45654  13.44056  1.000 60.39000  ? 111 GLN A N   1 
ATOM   862  C  CA  . GLN A 1 111 ? -8.57351  17.07704  12.17672  1.000 55.24000  ? 111 GLN A CA  1 
ATOM   863  C  C   . GLN A 1 111 ? -9.75244  17.83126  11.57750  1.000 58.56000  ? 111 GLN A C   1 
ATOM   864  O  O   . GLN A 1 111 ? -9.60109  18.95917  11.09955  1.000 66.25000  ? 111 GLN A O   1 
ATOM   865  C  CB  . GLN A 1 111 ? -8.05411  16.02454  11.21111  1.000 51.15000  ? 111 GLN A CB  1 
ATOM   866  C  CG  . GLN A 1 111 ? -6.65593  15.54260  11.51859  1.000 52.04000  ? 111 GLN A CG  1 
ATOM   867  C  CD  . GLN A 1 111 ? -6.21396  14.39679  10.60226  1.000 51.49000  ? 111 GLN A CD  1 
ATOM   868  O  OE1 . GLN A 1 111 ? -6.98778  13.90176  9.78506   1.000 55.04000  ? 111 GLN A OE1 1 
ATOM   869  N  NE2 . GLN A 1 111 ? -4.97028  13.96961  10.75037  1.000 54.59000  ? 111 GLN A NE2 1 
ATOM   870  N  N   . ARG A 1 112 ? -10.94457 17.26034  11.64085  1.000 60.42000  ? 112 ARG A N   1 
ATOM   871  C  CA  . ARG A 1 112 ? -12.11077 18.01253  11.19006  1.000 64.29000  ? 112 ARG A CA  1 
ATOM   872  C  C   . ARG A 1 112 ? -12.37634 19.20180  12.10346  1.000 58.94000  ? 112 ARG A C   1 
ATOM   873  O  O   . ARG A 1 112 ? -12.77443 20.27648  11.63906  1.000 57.84000  ? 112 ARG A O   1 
ATOM   874  C  CB  . ARG A 1 112 ? -13.33574 17.08937  11.11099  1.000 65.18000  ? 112 ARG A CB  1 
ATOM   875  C  CG  . ARG A 1 112 ? -13.55069 16.49756  9.73739   1.000 61.05000  ? 112 ARG A CG  1 
ATOM   876  C  CD  . ARG A 1 112 ? -14.57556 15.38924  9.73157   1.000 71.11000  ? 112 ARG A CD  1 
ATOM   877  N  NE  . ARG A 1 112 ? -14.39320 14.45327  10.83212  1.000 71.93000  ? 112 ARG A NE  1 
ATOM   878  C  CZ  . ARG A 1 112 ? -14.40412 13.13676  10.67901  1.000 65.48000  ? 112 ARG A CZ  1 
ATOM   879  N  NH1 . ARG A 1 112 ? -14.49392 12.59165  9.48412   1.000 64.31000  ? 112 ARG A NH1 1 
ATOM   880  N  NH2 . ARG A 1 112 ? -14.30468 12.35083  11.75004  1.000 65.10000  ? 112 ARG A NH2 1 
ATOM   881  N  N   . GLU A 1 113 ? -12.14328 19.03070  13.40455  1.000 57.41000  ? 113 GLU A N   1 
ATOM   882  C  CA  . GLU A 1 113 ? -12.40254 20.10675  14.35212  1.000 64.43000  ? 113 GLU A CA  1 
ATOM   883  C  C   . GLU A 1 113 ? -11.41361 21.26161  14.14992  1.000 69.91000  ? 113 GLU A C   1 
ATOM   884  O  O   . GLU A 1 113 ? -11.78708 22.43773  14.25440  1.000 68.53000  ? 113 GLU A O   1 
ATOM   885  C  CB  . GLU A 1 113 ? -12.34973 19.53975  15.78346  1.000 68.53000  ? 113 GLU A CB  1 
ATOM   886  C  CG  . GLU A 1 113 ? -12.90817 20.43881  16.93406  1.000 84.60000  ? 113 GLU A CG  1 
ATOM   887  C  CD  . GLU A 1 113 ? -12.06730 20.41997  18.24563  1.000 83.96000  ? 113 GLU A CD  1 
ATOM   888  O  OE1 . GLU A 1 113 ? -11.05277 21.16381  18.34743  1.000 77.13000  ? 113 GLU A OE1 1 
ATOM   889  O  OE2 . GLU A 1 113 ? -12.46871 19.69779  19.19694  1.000 82.38000  ? 113 GLU A OE2 1 
ATOM   890  N  N   . ILE A 1 114 ? -10.15026 20.95053  13.83252  1.000 67.28000  ? 114 ILE A N   1 
ATOM   891  C  CA  . ILE A 1 114 ? -9.14674  22.00325  13.67132  1.000 58.55000  ? 114 ILE A CA  1 
ATOM   892  C  C   . ILE A 1 114 ? -9.38426  22.78508  12.38251  1.000 60.81000  ? 114 ILE A C   1 
ATOM   893  O  O   . ILE A 1 114 ? -9.18857  24.00446  12.33599  1.000 56.40000  ? 114 ILE A O   1 
ATOM   894  C  CB  . ILE A 1 114 ? -7.73003  21.40225  13.72133  1.000 55.77000  ? 114 ILE A CB  1 
ATOM   895  C  CG1 . ILE A 1 114 ? -7.36512  21.05616  15.16143  1.000 54.54000  ? 114 ILE A CG1 1 
ATOM   896  C  CG2 . ILE A 1 114 ? -6.68710  22.35728  13.09864  1.000 50.85000  ? 114 ILE A CG2 1 
ATOM   897  C  CD1 . ILE A 1 114 ? -6.22268  20.08023  15.27950  1.000 55.07000  ? 114 ILE A CD1 1 
ATOM   898  N  N   . ALA A 1 115 ? -9.78921  22.10298  11.30932  1.000 61.92000  ? 115 ALA A N   1 
ATOM   899  C  CA  . ALA A 1 115 ? -10.10165 22.82964  10.08276  1.000 59.23000  ? 115 ALA A CA  1 
ATOM   900  C  C   . ALA A 1 115 ? -11.36378 23.66099  10.24341  1.000 60.86000  ? 115 ALA A C   1 
ATOM   901  O  O   . ALA A 1 115 ? -11.46465 24.75992  9.68569   1.000 59.34000  ? 115 ALA A O   1 
ATOM   902  C  CB  . ALA A 1 115 ? -10.25817 21.86464  8.90901   1.000 58.62000  ? 115 ALA A CB  1 
ATOM   903  N  N   . ALA A 1 116 ? -12.34061 23.15392  10.99134  1.000 64.01000  ? 116 ALA A N   1 
ATOM   904  C  CA  . ALA A 1 116 ? -13.57065 23.91085  11.13469  1.000 64.06000  ? 116 ALA A CA  1 
ATOM   905  C  C   . ALA A 1 116 ? -13.36056 25.13440  12.00771  1.000 61.95000  ? 116 ALA A C   1 
ATOM   906  O  O   . ALA A 1 116 ? -14.08759 26.11664  11.85807  1.000 64.93000  ? 116 ALA A O   1 
ATOM   907  C  CB  . ALA A 1 116 ? -14.68835 23.01699  11.68524  1.000 55.27000  ? 116 ALA A CB  1 
ATOM   908  N  N   . LYS A 1 117 ? -12.37331 25.10702  12.90159  1.000 62.90000  ? 117 LYS A N   1 
ATOM   909  C  CA  . LYS A 1 117 ? -12.10385 26.28979  13.70533  1.000 61.97000  ? 117 LYS A CA  1 
ATOM   910  C  C   . LYS A 1 117 ? -11.62140 27.45358  12.84373  1.000 63.05000  ? 117 LYS A C   1 
ATOM   911  O  O   . LYS A 1 117 ? -11.86819 28.61102  13.18811  1.000 66.74000  ? 117 LYS A O   1 
ATOM   912  C  CB  . LYS A 1 117 ? -11.06340 25.99512  14.78937  1.000 66.63000  ? 117 LYS A CB  1 
ATOM   913  C  CG  . LYS A 1 117 ? -11.61175 25.45323  16.11906  1.000 72.89000  ? 117 LYS A CG  1 
ATOM   914  C  CD  . LYS A 1 117 ? -10.45409 25.00506  17.04439  1.000 81.35000  ? 117 LYS A CD  1 
ATOM   915  C  CE  . LYS A 1 117 ? -10.88638 24.81774  18.51089  1.000 81.73000  ? 117 LYS A CE  1 
ATOM   916  N  NZ  . LYS A 1 117 ? -11.93729 23.76936  18.69678  1.000 85.78000  ? 117 LYS A NZ  1 
ATOM   917  N  N   . HIS A 1 118 ? -10.93553 27.17697  11.73319  1.000 61.58000  ? 118 HIS A N   1 
ATOM   918  C  CA  . HIS A 1 118 ? -10.36790 28.21860  10.88900  1.000 54.85000  ? 118 HIS A CA  1 
ATOM   919  C  C   . HIS A 1 118 ? -11.17484 28.45484  9.62548   1.000 58.20000  ? 118 HIS A C   1 
ATOM   920  O  O   . HIS A 1 118 ? -10.60830 28.89078  8.61931   1.000 60.18000  ? 118 HIS A O   1 
ATOM   921  C  CB  . HIS A 1 118 ? -8.92846  27.87926  10.51230  1.000 56.35000  ? 118 HIS A CB  1 
ATOM   922  C  CG  . HIS A 1 118 ? -7.97669  27.88181  11.66803  1.000 54.81000  ? 118 HIS A CG  1 
ATOM   923  N  ND1 . HIS A 1 118 ? -7.88863  26.83964  12.56524  1.000 56.15000  ? 118 HIS A ND1 1 
ATOM   924  C  CD2 . HIS A 1 118 ? -7.04580  28.78029  12.04916  1.000 51.65000  ? 118 HIS A CD2 1 
ATOM   925  C  CE1 . HIS A 1 118 ? -6.93904  27.09081  13.44674  1.000 46.98000  ? 118 HIS A CE1 1 
ATOM   926  N  NE2 . HIS A 1 118 ? -6.42329  28.27030  13.16459  1.000 51.50000  ? 118 HIS A NE2 1 
ATOM   927  N  N   . GLY A 1 119 ? -12.47404 28.16681  9.64728   1.000 60.66000  ? 119 GLY A N   1 
ATOM   928  C  CA  . GLY A 1 119 ? -13.33417 28.40621  8.50268   1.000 60.14000  ? 119 GLY A CA  1 
ATOM   929  C  C   . GLY A 1 119 ? -13.28118 27.38121  7.38828   1.000 62.38000  ? 119 GLY A C   1 
ATOM   930  O  O   . GLY A 1 119 ? -13.78139 27.66612  6.29333   1.000 64.71000  ? 119 GLY A O   1 
ATOM   931  N  N   . ILE A 1 120 ? -12.70449 26.20363  7.62009   1.000 60.22000  ? 120 ILE A N   1 
ATOM   932  C  CA  . ILE A 1 120 ? -12.41923 25.24177  6.56197   1.000 58.58000  ? 120 ILE A CA  1 
ATOM   933  C  C   . ILE A 1 120 ? -13.18938 23.96231  6.82030   1.000 57.85000  ? 120 ILE A C   1 
ATOM   934  O  O   . ILE A 1 120 ? -13.26402 23.50578  7.96287   1.000 57.96000  ? 120 ILE A O   1 
ATOM   935  C  CB  . ILE A 1 120 ? -10.90745 24.94028  6.43995   1.000 57.54000  ? 120 ILE A CB  1 
ATOM   936  C  CG1 . ILE A 1 120 ? -10.18613 26.09830  5.75503   1.000 54.13000  ? 120 ILE A CG1 1 
ATOM   937  C  CG2 . ILE A 1 120 ? -10.64766 23.61509  5.71714   1.000 55.20000  ? 120 ILE A CG2 1 
ATOM   938  C  CD1 . ILE A 1 120 ? -8.77605  26.27580  6.19795   1.000 59.23000  ? 120 ILE A CD1 1 
ATOM   939  N  N   . ARG A 1 121 ? -13.77192 23.40004  5.74969   1.000 56.02000  ? 121 ARG A N   1 
ATOM   940  C  CA  . ARG A 1 121 ? -14.35601 22.05994  5.75887   1.000 53.06000  ? 121 ARG A CA  1 
ATOM   941  C  C   . ARG A 1 121 ? -13.29113 21.09589  5.24683   1.000 56.97000  ? 121 ARG A C   1 
ATOM   942  O  O   . ARG A 1 121 ? -12.89654 21.16337  4.07894   1.000 58.06000  ? 121 ARG A O   1 
ATOM   943  C  CB  . ARG A 1 121 ? -15.62064 21.99988  4.89486   1.000 56.00000  ? 121 ARG A CB  1 
ATOM   944  C  CG  . ARG A 1 121 ? -16.18283 20.58996  4.70968   1.000 58.98000  ? 121 ARG A CG  1 
ATOM   945  C  CD  . ARG A 1 121 ? -17.42006 20.45475  3.77383   1.000 68.65000  ? 121 ARG A CD  1 
ATOM   946  N  NE  . ARG A 1 121 ? -17.40037 21.30523  2.58923   1.000 69.53000  ? 121 ARG A NE  1 
ATOM   947  C  CZ  . ARG A 1 121 ? -17.25724 20.86035  1.34742   1.000 67.41000  ? 121 ARG A CZ  1 
ATOM   948  N  NH1 . ARG A 1 121 ? -17.07691 19.57840  1.08817   1.000 61.63000  ? 121 ARG A NH1 1 
ATOM   949  N  NH2 . ARG A 1 121 ? -17.28560 21.72945  0.33976   1.000 71.92000  ? 121 ARG A NH2 1 
ATOM   950  N  N   . LEU A 1 122 ? -12.81951 20.20702  6.11556   1.000 54.55000  ? 122 LEU A N   1 
ATOM   951  C  CA  . LEU A 1 122 ? -11.75726 19.28064  5.73910   1.000 54.74000  ? 122 LEU A CA  1 
ATOM   952  C  C   . LEU A 1 122 ? -12.19956 18.36439  4.61406   1.000 57.45000  ? 122 LEU A C   1 
ATOM   953  O  O   . LEU A 1 122 ? -13.17417 17.61637  4.76986   1.000 58.26000  ? 122 LEU A O   1 
ATOM   954  C  CB  . LEU A 1 122 ? -11.34978 18.44218  6.94639   1.000 56.40000  ? 122 LEU A CB  1 
ATOM   955  C  CG  . LEU A 1 122 ? -10.10361 17.59703  6.72407   1.000 53.55000  ? 122 LEU A CG  1 
ATOM   956  C  CD1 . LEU A 1 122 ? -8.84499  18.50817  6.64482   1.000 51.77000  ? 122 LEU A CD1 1 
ATOM   957  C  CD2 . LEU A 1 122 ? -9.99762  16.64554  7.86647   1.000 47.02000  ? 122 LEU A CD2 1 
ATOM   958  N  N   . THR A 1 123 ? -11.47452 18.38839  3.48720   1.000 57.33000  ? 123 THR A N   1 
ATOM   959  C  CA  . THR A 1 123 ? -11.77872 17.44224  2.41286   1.000 55.74000  ? 123 THR A CA  1 
ATOM   960  C  C   . THR A 1 123 ? -10.68323 16.42826  2.12755   1.000 52.69000  ? 123 THR A C   1 
ATOM   961  O  O   . THR A 1 123 ? -10.98992 15.34825  1.63848   1.000 60.17000  ? 123 THR A O   1 
ATOM   962  C  CB  . THR A 1 123 ? -12.10873 18.15478  1.09327   1.000 51.18000  ? 123 THR A CB  1 
ATOM   963  O  OG1 . THR A 1 123 ? -10.95372 18.84477  0.59498   1.000 59.62000  ? 123 THR A OG1 1 
ATOM   964  C  CG2 . THR A 1 123 ? -13.29441 19.09310  1.26878   1.000 51.00000  ? 123 THR A CG2 1 
ATOM   965  N  N   . ASN A 1 124 ? -9.42520  16.72807  2.39518   1.000 51.62000  ? 124 ASN A N   1 
ATOM   966  C  CA  . ASN A 1 124 ? -8.38857  15.72981  2.21453   1.000 52.33000  ? 124 ASN A CA  1 
ATOM   967  C  C   . ASN A 1 124 ? -7.27072  16.00789  3.20649   1.000 56.43000  ? 124 ASN A C   1 
ATOM   968  O  O   . ASN A 1 124 ? -7.18213  17.09967  3.78207   1.000 56.49000  ? 124 ASN A O   1 
ATOM   969  C  CB  . ASN A 1 124 ? -7.87368  15.72934  0.77331   1.000 52.95000  ? 124 ASN A CB  1 
ATOM   970  C  CG  . ASN A 1 124 ? -6.96274  14.55212  0.47330   1.000 53.69000  ? 124 ASN A CG  1 
ATOM   971  O  OD1 . ASN A 1 124 ? -7.08122  13.48981  1.07431   1.000 61.44000  ? 124 ASN A OD1 1 
ATOM   972  N  ND2 . ASN A 1 124 ? -6.06428  14.73196  -0.48105  1.000 57.59000  ? 124 ASN A ND2 1 
ATOM   973  N  N   . HIS A 1 125 ? -6.42573  15.00464  3.41086   1.000 48.53000  ? 125 HIS A N   1 
ATOM   974  C  CA  . HIS A 1 125 ? -5.32125  15.12689  4.33885   1.000 48.99000  ? 125 HIS A CA  1 
ATOM   975  C  C   . HIS A 1 125 ? -4.35127  13.99533  4.09611   1.000 51.03000  ? 125 HIS A C   1 
ATOM   976  O  O   . HIS A 1 125 ? -4.72454  12.94458  3.56988   1.000 61.49000  ? 125 HIS A O   1 
ATOM   977  C  CB  . HIS A 1 125 ? -5.80091  15.11610  5.79193   1.000 54.59000  ? 125 HIS A CB  1 
ATOM   978  C  CG  . HIS A 1 125 ? -6.37606  13.81137  6.23960   1.000 55.43000  ? 125 HIS A CG  1 
ATOM   979  N  ND1 . HIS A 1 125 ? -7.67728  13.44492  5.97011   1.000 58.63000  ? 125 HIS A ND1 1 
ATOM   980  C  CD2 . HIS A 1 125 ? -5.83236  12.79044  6.94134   1.000 54.76000  ? 125 HIS A CD2 1 
ATOM   981  C  CE1 . HIS A 1 125 ? -7.90661  12.24737  6.47822   1.000 62.13000  ? 125 HIS A CE1 1 
ATOM   982  N  NE2 . HIS A 1 125 ? -6.80396  11.83099  7.06872   1.000 56.55000  ? 125 HIS A NE2 1 
ATOM   983  N  N   . SER A 1 126 ? -3.09766  14.22624  4.45721   1.000 54.89000  ? 126 SER A N   1 
ATOM   984  C  CA  . SER A 1 126 ? -2.10567  13.16557  4.45169   1.000 57.90000  ? 126 SER A CA  1 
ATOM   985  C  C   . SER A 1 126 ? -1.29181  13.24909  5.73068   1.000 59.49000  ? 126 SER A C   1 
ATOM   986  O  O   . SER A 1 126 ? -0.86093  14.33753  6.15071   1.000 60.74000  ? 126 SER A O   1 
ATOM   987  C  CB  . SER A 1 126 ? -1.20583  13.21576  3.21154   1.000 56.94000  ? 126 SER A CB  1 
ATOM   988  O  OG  . SER A 1 126 ? -0.26229  14.24515  3.28892   1.000 63.64000  ? 126 SER A OG  1 
ATOM   989  N  N   . LEU A 1 127 ? -1.10799  12.09838  6.35646   1.000 55.02000  ? 127 LEU A N   1 
ATOM   990  C  CA  . LEU A 1 127 ? -0.41427  12.01483  7.62981   1.000 62.83000  ? 127 LEU A CA  1 
ATOM   991  C  C   . LEU A 1 127 ? 0.62841   10.92496  7.48798   1.000 53.94000  ? 127 LEU A C   1 
ATOM   992  O  O   . LEU A 1 127 ? 0.28348   9.75513   7.35463   1.000 56.64000  ? 127 LEU A O   1 
ATOM   993  C  CB  . LEU A 1 127 ? -1.38975  11.72537  8.76988   1.000 59.34000  ? 127 LEU A CB  1 
ATOM   994  C  CG  . LEU A 1 127 ? -0.83430  11.34090  10.13829  1.000 53.06000  ? 127 LEU A CG  1 
ATOM   995  C  CD1 . LEU A 1 127 ? 0.22693   12.31699  10.63385  1.000 54.80000  ? 127 LEU A CD1 1 
ATOM   996  C  CD2 . LEU A 1 127 ? -2.00670  11.31465  11.07000  1.000 55.04000  ? 127 LEU A CD2 1 
ATOM   997  N  N   . TYR A 1 128 ? 1.89597   11.30757  7.49741   1.000 61.63000  ? 128 TYR A N   1 
ATOM   998  C  CA  . TYR A 1 128 ? 2.98450   10.35206  7.38435   1.000 62.57000  ? 128 TYR A CA  1 
ATOM   999  C  C   . TYR A 1 128 ? 3.77489   10.37188  8.68228   1.000 58.31000  ? 128 TYR A C   1 
ATOM   1000 O  O   . TYR A 1 128 ? 4.17469   11.44396  9.15312   1.000 52.40000  ? 128 TYR A O   1 
ATOM   1001 C  CB  . TYR A 1 128 ? 3.86401   10.67189  6.16555   1.000 62.82000  ? 128 TYR A CB  1 
ATOM   1002 C  CG  . TYR A 1 128 ? 3.15807   10.36703  4.85557   1.000 69.96000  ? 128 TYR A CG  1 
ATOM   1003 C  CD1 . TYR A 1 128 ? 3.21350   9.09353   4.29149   1.000 70.02000  ? 128 TYR A CD1 1 
ATOM   1004 C  CD2 . TYR A 1 128 ? 2.39040   11.33404  4.21507   1.000 70.87000  ? 128 TYR A CD2 1 
ATOM   1005 C  CE1 . TYR A 1 128 ? 2.55066   8.80336   3.11324   1.000 75.42000  ? 128 TYR A CE1 1 
ATOM   1006 C  CE2 . TYR A 1 128 ? 1.72671   11.05095  3.03133   1.000 73.21000  ? 128 TYR A CE2 1 
ATOM   1007 C  CZ  . TYR A 1 128 ? 1.81137   9.78686   2.49017   1.000 79.69000  ? 128 TYR A CZ  1 
ATOM   1008 O  OH  . TYR A 1 128 ? 1.14895   9.51504   1.31824   1.000 91.25000  ? 128 TYR A OH  1 
ATOM   1009 N  N   . LEU A 1 129 ? 3.93875   9.19605   9.28472   1.000 52.82000  ? 129 LEU A N   1 
ATOM   1010 C  CA  . LEU A 1 129 ? 4.73576   9.04590   10.48851  1.000 52.55000  ? 129 LEU A CA  1 
ATOM   1011 C  C   . LEU A 1 129 ? 6.03047   8.33534   10.13560  1.000 52.58000  ? 129 LEU A C   1 
ATOM   1012 O  O   . LEU A 1 129 ? 6.02628   7.35414   9.38444   1.000 52.94000  ? 129 LEU A O   1 
ATOM   1013 C  CB  . LEU A 1 129 ? 3.98280   8.26210   11.57232  1.000 51.86000  ? 129 LEU A CB  1 
ATOM   1014 C  CG  . LEU A 1 129 ? 2.69485   8.88721   12.13018  1.000 48.12000  ? 129 LEU A CG  1 
ATOM   1015 C  CD1 . LEU A 1 129 ? 2.15326   8.07080   13.28475  1.000 45.36000  ? 129 LEU A CD1 1 
ATOM   1016 C  CD2 . LEU A 1 129 ? 2.90988   10.34049  12.54384  1.000 50.13000  ? 129 LEU A CD2 1 
ATOM   1017 N  N   . TYR A 1 130 ? 7.13253   8.83088   10.68604  1.000 50.50000  ? 130 TYR A N   1 
ATOM   1018 C  CA  . TYR A 1 130 ? 8.44991   8.26469   10.45055  1.000 52.62000  ? 130 TYR A CA  1 
ATOM   1019 C  C   . TYR A 1 130 ? 9.12702   8.03806   11.78835  1.000 51.06000  ? 130 TYR A C   1 
ATOM   1020 O  O   . TYR A 1 130 ? 8.92535   8.81121   12.72686  1.000 54.57000  ? 130 TYR A O   1 
ATOM   1021 C  CB  . TYR A 1 130 ? 9.30484   9.18964   9.56353   1.000 54.97000  ? 130 TYR A CB  1 
ATOM   1022 C  CG  . TYR A 1 130 ? 8.69851   9.47612   8.20264   1.000 54.71000  ? 130 TYR A CG  1 
ATOM   1023 C  CD1 . TYR A 1 130 ? 8.86395   8.59111   7.15713   1.000 57.20000  ? 130 TYR A CD1 1 
ATOM   1024 C  CD2 . TYR A 1 130 ? 7.94559   10.63251  7.97297   1.000 58.62000  ? 130 TYR A CD2 1 
ATOM   1025 C  CE1 . TYR A 1 130 ? 8.31455   8.83814   5.91293   1.000 61.10000  ? 130 TYR A CE1 1 
ATOM   1026 C  CE2 . TYR A 1 130 ? 7.39025   10.89463  6.72366   1.000 61.02000  ? 130 TYR A CE2 1 
ATOM   1027 C  CZ  . TYR A 1 130 ? 7.57502   9.98731   5.70175   1.000 67.04000  ? 130 TYR A CZ  1 
ATOM   1028 O  OH  . TYR A 1 130 ? 7.02444   10.21606  4.45818   1.000 76.80000  ? 130 TYR A OH  1 
ATOM   1029 N  N   . GLY A 1 131 ? 9.92827   6.98678   11.87017  1.000 51.96000  ? 131 GLY A N   1 
ATOM   1030 C  CA  . GLY A 1 131 ? 10.63047  6.69496   13.10302  1.000 57.37000  ? 131 GLY A CA  1 
ATOM   1031 C  C   . GLY A 1 131 ? 11.60267  5.54564   12.93931  1.000 58.12000  ? 131 GLY A C   1 
ATOM   1032 O  O   . GLY A 1 131 ? 11.77557  4.99917   11.84590  1.000 57.90000  ? 131 GLY A O   1 
ATOM   1033 N  N   . HIS A 1 132 ? 12.24723  5.19176   14.04823  1.000 54.55000  ? 132 HIS A N   1 
ATOM   1034 C  CA  . HIS A 1 132 ? 13.25568  4.14496   14.06936  1.000 58.77000  ? 132 HIS A CA  1 
ATOM   1035 C  C   . HIS A 1 132 ? 12.76770  3.01339   14.96654  1.000 60.32000  ? 132 HIS A C   1 
ATOM   1036 O  O   . HIS A 1 132 ? 11.91563  3.21467   15.84188  1.000 57.68000  ? 132 HIS A O   1 
ATOM   1037 C  CB  . HIS A 1 132 ? 14.61624  4.69673   14.55670  1.000 60.32000  ? 132 HIS A CB  1 
ATOM   1038 C  CG  . HIS A 1 132 ? 15.17070  5.76217   13.66801  1.000 60.05000  ? 132 HIS A CG  1 
ATOM   1039 N  ND1 . HIS A 1 132 ? 16.18175  5.52640   12.76794  1.000 55.59000  ? 132 HIS A ND1 1 
ATOM   1040 C  CD2 . HIS A 1 132 ? 14.81516  7.05957   13.50362  1.000 56.82000  ? 132 HIS A CD2 1 
ATOM   1041 C  CE1 . HIS A 1 132 ? 16.43728  6.62908   12.08990  1.000 57.11000  ? 132 HIS A CE1 1 
ATOM   1042 N  NE2 . HIS A 1 132 ? 15.61846  7.57412   12.51612  1.000 61.08000  ? 132 HIS A NE2 1 
ATOM   1043 N  N   . CYS A 1 133 ? 13.30818  1.81473   14.74884  1.000 56.34000  ? 133 CYS A N   1 
ATOM   1044 C  CA  . CYS A 1 133 ? 12.89535  0.69591   15.58509  1.000 64.27000  ? 133 CYS A CA  1 
ATOM   1045 C  C   . CYS A 1 133 ? 13.33889  0.94199   17.01640  1.000 60.53000  ? 133 CYS A C   1 
ATOM   1046 O  O   . CYS A 1 133 ? 14.49911  1.24941   17.27156  1.000 65.41000  ? 133 CYS A O   1 
ATOM   1047 C  CB  . CYS A 1 133 ? 13.46048  -0.63080  15.08294  1.000 71.51000  ? 133 CYS A CB  1 
ATOM   1048 S  SG  . CYS A 1 133 ? 15.24622  -0.80092  15.13170  1.000 79.39000  ? 133 CYS A SG  1 
ATOM   1049 N  N   . ALA A 1 134 ? 12.40548  0.79529   17.94662  1.000 63.11000  ? 134 ALA A N   1 
ATOM   1050 C  CA  . ALA A 1 134 ? 12.67926  1.12355   19.33174  1.000 61.03000  ? 134 ALA A CA  1 
ATOM   1051 C  C   . ALA A 1 134 ? 13.69577  0.16560   19.96333  1.000 67.32000  ? 134 ALA A C   1 
ATOM   1052 O  O   . ALA A 1 134 ? 14.56809  0.60501   20.72169  1.000 75.93000  ? 134 ALA A O   1 
ATOM   1053 C  CB  . ALA A 1 134 ? 11.36661  1.14437   20.10414  1.000 61.30000  ? 134 ALA A CB  1 
ATOM   1054 N  N   . GLU A 1 135 ? 13.62633  -1.13438  19.67290  1.000 67.16000  ? 135 GLU A N   1 
ATOM   1055 C  CA  . GLU A 1 135 ? 14.49624  -2.08876  20.36264  1.000 70.46000  ? 135 GLU A CA  1 
ATOM   1056 C  C   . GLU A 1 135 ? 15.10551  -3.09270  19.39943  1.000 69.66000  ? 135 GLU A C   1 
ATOM   1057 O  O   . GLU A 1 135 ? 14.42946  -3.60889  18.50040  1.000 73.23000  ? 135 GLU A O   1 
ATOM   1058 C  CB  . GLU A 1 135 ? 13.76268  -2.86189  21.46871  1.000 68.61000  ? 135 GLU A CB  1 
ATOM   1059 C  CG  . GLU A 1 135 ? 12.76206  -2.01505  22.20335  1.000 72.51000  ? 135 GLU A CG  1 
ATOM   1060 C  CD  . GLU A 1 135 ? 11.37394  -2.09491  21.56854  1.000 92.25000  ? 135 GLU A CD  1 
ATOM   1061 O  OE1 . GLU A 1 135 ? 11.22821  -2.72517  20.47735  1.000 87.53000  ? 135 GLU A OE1 1 
ATOM   1062 O  OE2 . GLU A 1 135 ? 10.43528  -1.48642  22.13773  1.000 93.69000  ? 135 GLU A OE2 1 
ATOM   1063 N  N   . GLY A 1 136 ? 16.38715  -3.37748  19.62353  1.000 65.59000  ? 136 GLY A N   1 
ATOM   1064 C  CA  . GLY A 1 136 ? 17.08614  -4.32721  18.78149  1.000 70.81000  ? 136 GLY A CA  1 
ATOM   1065 C  C   . GLY A 1 136 ? 17.23609  -3.81613  17.36331  1.000 71.89000  ? 136 GLY A C   1 
ATOM   1066 O  O   . GLY A 1 136 ? 17.54499  -2.64745  17.12413  1.000 72.69000  ? 136 GLY A O   1 
ATOM   1067 N  N   . ASP A 1 137 ? 17.00494  -4.70373  16.40339  1.000 77.86000  ? 137 ASP A N   1 
ATOM   1068 C  CA  . ASP A 1 137 ? 17.18761  -4.38684  14.99233  1.000 75.91000  ? 137 ASP A CA  1 
ATOM   1069 C  C   . ASP A 1 137 ? 16.06466  -5.07057  14.23127  1.000 78.58000  ? 137 ASP A C   1 
ATOM   1070 O  O   . ASP A 1 137 ? 16.06393  -6.29831  14.08297  1.000 79.29000  ? 137 ASP A O   1 
ATOM   1071 C  CB  . ASP A 1 137 ? 18.56677  -4.83797  14.50371  1.000 74.26000  ? 137 ASP A CB  1 
ATOM   1072 C  CG  . ASP A 1 137 ? 18.85795  -4.40135  13.08069  1.000 81.90000  ? 137 ASP A CG  1 
ATOM   1073 O  OD1 . ASP A 1 137 ? 18.32058  -3.36090  12.65163  1.000 86.50000  ? 137 ASP A OD1 1 
ATOM   1074 O  OD2 . ASP A 1 137 ? 19.65508  -5.07786  12.40063  1.000 82.98000  ? 137 ASP A OD2 1 
ATOM   1075 N  N   . CYS A 1 138 ? 15.09416  -4.27662  13.77708  1.000 78.69000  ? 138 CYS A N   1 
ATOM   1076 C  CA  . CYS A 1 138 ? 13.96098  -4.82169  13.03981  1.000 76.83000  ? 138 CYS A CA  1 
ATOM   1077 C  C   . CYS A 1 138 ? 14.35993  -5.42462  11.70861  1.000 73.58000  ? 138 CYS A C   1 
ATOM   1078 O  O   . CYS A 1 138 ? 13.55015  -6.13021  11.10734  1.000 73.59000  ? 138 CYS A O   1 
ATOM   1079 C  CB  . CYS A 1 138 ? 12.93050  -3.73040  12.78977  1.000 73.47000  ? 138 CYS A CB  1 
ATOM   1080 S  SG  . CYS A 1 138 ? 13.68797  -2.26318  12.09099  1.000 66.37000  ? 138 CYS A SG  1 
ATOM   1081 N  N   . ARG A 1 139 ? 15.56290  -5.13957  11.21261  1.000 78.09000  ? 139 ARG A N   1 
ATOM   1082 C  CA  . ARG A 1 139 ? 15.99002  -5.74552  9.96067   1.000 80.73000  ? 139 ARG A CA  1 
ATOM   1083 C  C   . ARG A 1 139 ? 16.11064  -7.25187  10.07372  1.000 82.85000  ? 139 ARG A C   1 
ATOM   1084 O  O   . ARG A 1 139 ? 16.27482  -7.92421  9.05121   1.000 84.81000  ? 139 ARG A O   1 
ATOM   1085 C  CB  . ARG A 1 139 ? 17.33397  -5.17929  9.50620   1.000 88.21000  ? 139 ARG A CB  1 
ATOM   1086 C  CG  . ARG A 1 139 ? 17.33879  -3.72849  9.08964   1.000 77.09000  ? 139 ARG A CG  1 
ATOM   1087 C  CD  . ARG A 1 139 ? 18.75942  -3.24633  9.09274   1.000 76.36000  ? 139 ARG A CD  1 
ATOM   1088 N  NE  . ARG A 1 139 ? 18.83808  -1.88718  9.59282   1.000 82.17000  ? 139 ARG A NE  1 
ATOM   1089 C  CZ  . ARG A 1 139 ? 19.76850  -1.47983  10.43730  1.000 91.16000  ? 139 ARG A CZ  1 
ATOM   1090 N  NH1 . ARG A 1 139 ? 20.72008  -2.30850  10.85213  1.000 83.54000  ? 139 ARG A NH1 1 
ATOM   1091 N  NH2 . ARG A 1 139 ? 19.73478  -0.21689  10.88803  1.000 88.60000  ? 139 ARG A NH2 1 
ATOM   1092 N  N   . GLU A 1 140 ? 16.06181  -7.79347  11.29111  1.000 83.47000  ? 140 GLU A N   1 
ATOM   1093 C  CA  . GLU A 1 140 ? 16.02559  -9.23209  11.52076  1.000 86.95000  ? 140 GLU A CA  1 
ATOM   1094 C  C   . GLU A 1 140 ? 14.62936  -9.73272  11.85749  1.000 85.81000  ? 140 GLU A C   1 
ATOM   1095 O  O   . GLU A 1 140 ? 14.09271  -10.59546 11.15564  1.000 83.98000  ? 140 GLU A O   1 
ATOM   1096 C  CB  . GLU A 1 140 ? 16.99673  -9.60016  12.64369  1.000 88.27000  ? 140 GLU A CB  1 
ATOM   1097 C  CG  . GLU A 1 140 ? 18.31321  -8.90301  12.47562  1.000 93.10000  ? 140 GLU A CG  1 
ATOM   1098 C  CD  . GLU A 1 140 ? 19.02141  -9.36840  11.21810  1.000 98.09000  ? 140 GLU A CD  1 
ATOM   1099 O  OE1 . GLU A 1 140 ? 19.16400  -10.59719 11.03382  1.000 99.23000  ? 140 GLU A OE1 1 
ATOM   1100 O  OE2 . GLU A 1 140 ? 19.45279  -8.50898  10.42544  1.000 99.87000  ? 140 GLU A OE2 1 
ATOM   1101 N  N   . ASP A 1 141 ? 14.02793  -9.18673  12.91141  1.000 84.47000  ? 141 ASP A N   1 
ATOM   1102 C  CA  . ASP A 1 141 ? 12.72401  -9.62283  13.40069  1.000 79.06000  ? 141 ASP A CA  1 
ATOM   1103 C  C   . ASP A 1 141 ? 11.61348  -9.14490  12.47472  1.000 73.87000  ? 141 ASP A C   1 
ATOM   1104 O  O   . ASP A 1 141 ? 11.14348  -8.01439  12.58640  1.000 79.74000  ? 141 ASP A O   1 
ATOM   1105 C  CB  . ASP A 1 141 ? 12.51058  -9.11435  14.81958  1.000 72.14000  ? 141 ASP A CB  1 
ATOM   1106 C  CG  . ASP A 1 141 ? 11.24461  -9.65344  15.43230  1.000 74.23000  ? 141 ASP A CG  1 
ATOM   1107 O  OD1 . ASP A 1 141 ? 10.71060  -10.64379 14.87919  1.000 72.64000  ? 141 ASP A OD1 1 
ATOM   1108 O  OD2 . ASP A 1 141 ? 10.79221  -9.09847  16.46615  1.000 74.44000  ? 141 ASP A OD2 1 
ATOM   1109 N  N   . GLU A 1 142 ? 11.13678  -10.03902 11.60310  1.000 75.98000  ? 142 GLU A N   1 
ATOM   1110 C  CA  . GLU A 1 142 ? 9.99668   -9.68938  10.70856  1.000 74.38000  ? 142 GLU A CA  1 
ATOM   1111 C  C   . GLU A 1 142 ? 8.76901   -9.37721  11.57320  1.000 72.40000  ? 142 GLU A C   1 
ATOM   1112 O  O   . GLU A 1 142 ? 7.87161   -8.66500  11.08037  1.000 71.78000  ? 142 GLU A O   1 
ATOM   1113 C  CB  . GLU A 1 142 ? 9.73774   -10.81858 9.70811   1.000 74.28000  ? 142 GLU A CB  1 
ATOM   1114 C  CG  . GLU A 1 142 ? 9.12360   -12.06418 10.32512  1.000 80.10000  ? 142 GLU A CG  1 
ATOM   1115 C  CD  . GLU A 1 142 ? 10.07846  -13.22620 10.54004  1.000 90.39000  ? 142 GLU A CD  1 
ATOM   1116 O  OE1 . GLU A 1 142 ? 11.24001  -12.97747 10.92270  1.000 88.78000  ? 142 GLU A OE1 1 
ATOM   1117 O  OE2 . GLU A 1 142 ? 9.65658   -14.37893 10.32772  1.000 96.99000  ? 142 GLU A OE2 1 
ATOM   1118 N  N   . HIS A 1 143 ? 8.73893   -9.87697  12.81419  1.000 72.66000  ? 143 HIS A N   1 
ATOM   1119 C  CA  . HIS A 1 143 ? 7.63285   -9.59597  13.71898  1.000 68.53000  ? 143 HIS A CA  1 
ATOM   1120 C  C   . HIS A 1 143 ? 7.76247   -8.24554  14.43494  1.000 69.15000  ? 143 HIS A C   1 
ATOM   1121 O  O   . HIS A 1 143 ? 6.92430   -7.92593  15.28430  1.000 67.69000  ? 143 HIS A O   1 
ATOM   1122 C  CB  . HIS A 1 143 ? 7.48540   -10.73486 14.74083  1.000 68.24000  ? 143 HIS A CB  1 
ATOM   1123 C  CG  . HIS A 1 143 ? 7.47262   -12.11352 14.12828  1.000 70.81000  ? 143 HIS A CG  1 
ATOM   1124 N  ND1 . HIS A 1 143 ? 8.53917   -12.98509 14.20613  1.000 69.36000  ? 143 HIS A ND1 1 
ATOM   1125 C  CD2 . HIS A 1 143 ? 6.51279   -12.76302 13.42704  1.000 63.47000  ? 143 HIS A CD2 1 
ATOM   1126 C  CE1 . HIS A 1 143 ? 8.23822   -14.10807 13.57943  1.000 66.54000  ? 143 HIS A CE1 1 
ATOM   1127 N  NE2 . HIS A 1 143 ? 7.01642   -13.99549 13.09314  1.000 65.74000  ? 143 HIS A NE2 1 
ATOM   1128 N  N   . ALA A 1 144 ? 8.75867   -7.42545  14.07525  1.000 70.40000  ? 144 ALA A N   1 
ATOM   1129 C  CA  . ALA A 1 144 ? 9.07148   -6.23413  14.87140  1.000 68.29000  ? 144 ALA A CA  1 
ATOM   1130 C  C   . ALA A 1 144 ? 7.93624   -5.22019  14.87905  1.000 59.91000  ? 144 ALA A C   1 
ATOM   1131 O  O   . ALA A 1 144 ? 7.72370   -4.55059  15.89043  1.000 63.38000  ? 144 ALA A O   1 
ATOM   1132 C  CB  . ALA A 1 144 ? 10.35088  -5.56665  14.36490  1.000 61.23000  ? 144 ALA A CB  1 
ATOM   1133 N  N   . HIS A 1 145 ? 7.18913   -5.10240  13.78779  1.000 59.73000  ? 145 HIS A N   1 
ATOM   1134 C  CA  . HIS A 1 145 ? 6.21652   -4.03006  13.64815  1.000 59.25000  ? 145 HIS A CA  1 
ATOM   1135 C  C   . HIS A 1 145 ? 4.76998   -4.52434  13.59420  1.000 60.69000  ? 145 HIS A C   1 
ATOM   1136 O  O   . HIS A 1 145 ? 3.90051   -3.79298  13.11227  1.000 58.49000  ? 145 HIS A O   1 
ATOM   1137 C  CB  . HIS A 1 145 ? 6.52621   -3.18913  12.40426  1.000 59.27000  ? 145 HIS A CB  1 
ATOM   1138 C  CG  . HIS A 1 145 ? 7.91357   -2.63061  12.37738  1.000 59.88000  ? 145 HIS A CG  1 
ATOM   1139 N  ND1 . HIS A 1 145 ? 8.48196   -1.99776  13.46298  1.000 65.20000  ? 145 HIS A ND1 1 
ATOM   1140 C  CD2 . HIS A 1 145 ? 8.83937   -2.58281  11.38856  1.000 60.37000  ? 145 HIS A CD2 1 
ATOM   1141 C  CE1 . HIS A 1 145 ? 9.70635   -1.60464  13.15202  1.000 61.50000  ? 145 HIS A CE1 1 
ATOM   1142 N  NE2 . HIS A 1 145 ? 9.94897   -1.94781  11.89845  1.000 60.56000  ? 145 HIS A NE2 1 
ATOM   1143 N  N   . GLU A 1 146 ? 4.48315   -5.74101  14.06850  1.000 66.67000  ? 146 GLU A N   1 
ATOM   1144 C  CA  . GLU A 1 146 ? 3.10842   -6.22384  14.17574  1.000 62.18000  ? 146 GLU A CA  1 
ATOM   1145 C  C   . GLU A 1 146 ? 2.64863   -6.07711  15.62120  1.000 71.59000  ? 146 GLU A C   1 
ATOM   1146 O  O   . GLU A 1 146 ? 3.26698   -6.64896  16.52800  1.000 74.78000  ? 146 GLU A O   1 
ATOM   1147 C  CB  . GLU A 1 146 ? 2.97825   -7.68726  13.75361  1.000 69.23000  ? 146 GLU A CB  1 
ATOM   1148 C  CG  . GLU A 1 146 ? 3.97715   -8.23422  12.74068  1.000 69.51000  ? 146 GLU A CG  1 
ATOM   1149 C  CD  . GLU A 1 146 ? 4.04394   -9.77223  12.76814  1.000 62.50000  ? 146 GLU A CD  1 
ATOM   1150 O  OE1 . GLU A 1 146 ? 3.64825   -10.37013 13.78708  1.000 58.44000  ? 146 GLU A OE1 1 
ATOM   1151 O  OE2 . GLU A 1 146 ? 4.49802   -10.38618 11.77819  1.000 68.30000  ? 146 GLU A OE2 1 
ATOM   1152 N  N   . GLY A 1 147 ? 1.56224   -5.33953  15.83930  1.000 67.98000  ? 147 GLY A N   1 
ATOM   1153 C  CA  . GLY A 1 147 ? 1.02214   -5.21376  17.18741  1.000 69.28000  ? 147 GLY A CA  1 
ATOM   1154 C  C   . GLY A 1 147 ? 0.51746   -6.52679  17.79173  1.000 82.76000  ? 147 GLY A C   1 
ATOM   1155 O  O   . GLY A 1 147 ? 1.26041   -7.33406  18.38007  1.000 78.61000  ? 147 GLY A O   1 
HETATM 1156 ZN ZN  . ZN  B 2 .   ? -6.13976  10.00114  8.15895   1.000 62.83000  ? 200 ZN  A ZN  1 
HETATM 1157 ZN ZN  . ZN  C 2 .   ? -1.79210  3.21613   2.09921   1.000 66.43000  ? 201 ZN  A ZN  1 
HETATM 1158 ZN ZN  . ZN  D 2 .   ? 17.57524  3.78780   12.96276  1.000 64.24000  ? 202 ZN  A ZN  1 
HETATM 1159 ZN ZN  . ZN  E 2 .   ? 11.81321  -1.55580  10.97428  1.000 62.76000  ? 203 ZN  A ZN  1 
HETATM 1160 O  O   . HOH F 3 .   ? 1.92779   -4.35200  3.35764   1.000 69.45000  ? 301 HOH A O   1 
HETATM 1161 O  O   . HOH F 3 .   ? -9.50667  3.95430   -11.99872 1.000 78.90000  ? 302 HOH A O   1 
HETATM 1162 O  O   . HOH F 3 .   ? -5.13001  1.13391   13.28715  1.000 64.44000  ? 303 HOH A O   1 
HETATM 1163 O  O   . HOH F 3 .   ? -11.29423 -16.11046 -12.23723 1.000 78.57000  ? 304 HOH A O   1 
# 
